data_2GZV
# 
_entry.id   2GZV 
# 
_audit_conform.dict_name       mmcif_pdbx.dic 
_audit_conform.dict_version    5.377 
_audit_conform.dict_location   http://mmcif.pdb.org/dictionaries/ascii/mmcif_pdbx.dic 
# 
loop_
_database_2.database_id 
_database_2.database_code 
_database_2.pdbx_database_accession 
_database_2.pdbx_DOI 
PDB   2GZV         pdb_00002gzv 10.2210/pdb2gzv/pdb 
RCSB  RCSB037753   ?            ?                   
WWPDB D_1000037753 ?            ?                   
# 
_pdbx_database_status.status_code                     REL 
_pdbx_database_status.entry_id                        2GZV 
_pdbx_database_status.recvd_initial_deposition_date   2006-05-12 
_pdbx_database_status.deposit_site                    RCSB 
_pdbx_database_status.process_site                    RCSB 
_pdbx_database_status.status_code_sf                  REL 
_pdbx_database_status.status_code_mr                  ? 
_pdbx_database_status.SG_entry                        Y 
_pdbx_database_status.pdb_format_compatible           Y 
_pdbx_database_status.status_code_cs                  ? 
_pdbx_database_status.methods_development_category    ? 
_pdbx_database_status.status_code_nmr_data            ? 
# 
loop_
_audit_author.name 
_audit_author.pdbx_ordinal 
'Debreczeni, J.E.'                     1  
'Elkins, J.M.'                         2  
'Yang, X.'                             3  
'Berridge, G.'                         4  
'Bray, J.'                             5  
'Colebrook, S.'                        6  
'Smee, C.'                             7  
'Savitsky, P.'                         8  
'Gileadi, O.'                          9  
'Turnbull, A.'                         10 
'von Delft, F.'                        11 
'Doyle, D.A.'                          12 
'Sundstrom, M.'                        13 
'Arrowsmith, C.'                       14 
'Weigelt, J.'                          15 
'Edwards, A.'                          16 
'Structural Genomics Consortium (SGC)' 17 
# 
_citation.id                        primary 
_citation.title                     
'Structure of PICK1 and other PDZ domains obtained with the help of self-binding C-terminal extensions.' 
_citation.journal_abbrev            'Protein Sci.' 
_citation.journal_volume            16 
_citation.page_first                683 
_citation.page_last                 694 
_citation.year                      2007 
_citation.journal_id_ASTM           PRCIEI 
_citation.country                   US 
_citation.journal_id_ISSN           0961-8368 
_citation.journal_id_CSD            0795 
_citation.book_publisher            ? 
_citation.pdbx_database_id_PubMed   17384233 
_citation.pdbx_database_id_DOI      10.1110/ps.062657507 
# 
loop_
_citation_author.citation_id 
_citation_author.name 
_citation_author.ordinal 
_citation_author.identifier_ORCID 
primary 'Elkins, J.M.'      1 ? 
primary 'Papagrigoriou, E.' 2 ? 
primary 'Berridge, G.'      3 ? 
primary 'Yang, X.'          4 ? 
primary 'Phillips, C.'      5 ? 
primary 'Gileadi, C.'       6 ? 
primary 'Savitsky, P.'      7 ? 
primary 'Doyle, D.A.'       8 ? 
# 
_cell.entry_id           2GZV 
_cell.length_a           79.588 
_cell.length_b           37.257 
_cell.length_c           29.442 
_cell.angle_alpha        90.00 
_cell.angle_beta         95.75 
_cell.angle_gamma        90.00 
_cell.Z_PDB              4 
_cell.pdbx_unique_axis   ? 
_cell.length_a_esd       ? 
_cell.length_b_esd       ? 
_cell.length_c_esd       ? 
_cell.angle_alpha_esd    ? 
_cell.angle_beta_esd     ? 
_cell.angle_gamma_esd    ? 
# 
_symmetry.entry_id                         2GZV 
_symmetry.space_group_name_H-M             'C 1 2 1' 
_symmetry.pdbx_full_space_group_name_H-M   ? 
_symmetry.cell_setting                     ? 
_symmetry.Int_Tables_number                5 
_symmetry.space_group_name_Hall            ? 
# 
loop_
_entity.id 
_entity.type 
_entity.src_method 
_entity.pdbx_description 
_entity.formula_weight 
_entity.pdbx_number_of_molecules 
_entity.pdbx_ec 
_entity.pdbx_mutation 
_entity.pdbx_fragment 
_entity.details 
1 polymer man 'PRKCA-binding protein' 12427.161 1   ? ? 'PDZ domain, residues 19-105' ? 
2 water   nat water                   18.015    144 ? ? ?                             ? 
# 
_entity_name_com.entity_id   1 
_entity_name_com.name        'Protein kinase C-alpha-binding protein, Protein interacting with C kinase 1' 
# 
_entity_poly.entity_id                      1 
_entity_poly.type                           'polypeptide(L)' 
_entity_poly.nstd_linkage                   no 
_entity_poly.nstd_monomer                   no 
_entity_poly.pdbx_seq_one_letter_code       
;MHHHHHHSSGVDLGTENLYFQSMVPGKVTLQKDAQNLIGISIGGGAQYCPCLYIVQVFDNTPAALDGTVAAGDEITGVNG
RSIKGKTKVEVAKMIQEVKGEVTIHYNKLQYYKV
;
_entity_poly.pdbx_seq_one_letter_code_can   
;MHHHHHHSSGVDLGTENLYFQSMVPGKVTLQKDAQNLIGISIGGGAQYCPCLYIVQVFDNTPAALDGTVAAGDEITGVNG
RSIKGKTKVEVAKMIQEVKGEVTIHYNKLQYYKV
;
_entity_poly.pdbx_strand_id                 A 
_entity_poly.pdbx_target_identifier         ? 
# 
loop_
_entity_poly_seq.entity_id 
_entity_poly_seq.num 
_entity_poly_seq.mon_id 
_entity_poly_seq.hetero 
1 1   MET n 
1 2   HIS n 
1 3   HIS n 
1 4   HIS n 
1 5   HIS n 
1 6   HIS n 
1 7   HIS n 
1 8   SER n 
1 9   SER n 
1 10  GLY n 
1 11  VAL n 
1 12  ASP n 
1 13  LEU n 
1 14  GLY n 
1 15  THR n 
1 16  GLU n 
1 17  ASN n 
1 18  LEU n 
1 19  TYR n 
1 20  PHE n 
1 21  GLN n 
1 22  SER n 
1 23  MET n 
1 24  VAL n 
1 25  PRO n 
1 26  GLY n 
1 27  LYS n 
1 28  VAL n 
1 29  THR n 
1 30  LEU n 
1 31  GLN n 
1 32  LYS n 
1 33  ASP n 
1 34  ALA n 
1 35  GLN n 
1 36  ASN n 
1 37  LEU n 
1 38  ILE n 
1 39  GLY n 
1 40  ILE n 
1 41  SER n 
1 42  ILE n 
1 43  GLY n 
1 44  GLY n 
1 45  GLY n 
1 46  ALA n 
1 47  GLN n 
1 48  TYR n 
1 49  CYS n 
1 50  PRO n 
1 51  CYS n 
1 52  LEU n 
1 53  TYR n 
1 54  ILE n 
1 55  VAL n 
1 56  GLN n 
1 57  VAL n 
1 58  PHE n 
1 59  ASP n 
1 60  ASN n 
1 61  THR n 
1 62  PRO n 
1 63  ALA n 
1 64  ALA n 
1 65  LEU n 
1 66  ASP n 
1 67  GLY n 
1 68  THR n 
1 69  VAL n 
1 70  ALA n 
1 71  ALA n 
1 72  GLY n 
1 73  ASP n 
1 74  GLU n 
1 75  ILE n 
1 76  THR n 
1 77  GLY n 
1 78  VAL n 
1 79  ASN n 
1 80  GLY n 
1 81  ARG n 
1 82  SER n 
1 83  ILE n 
1 84  LYS n 
1 85  GLY n 
1 86  LYS n 
1 87  THR n 
1 88  LYS n 
1 89  VAL n 
1 90  GLU n 
1 91  VAL n 
1 92  ALA n 
1 93  LYS n 
1 94  MET n 
1 95  ILE n 
1 96  GLN n 
1 97  GLU n 
1 98  VAL n 
1 99  LYS n 
1 100 GLY n 
1 101 GLU n 
1 102 VAL n 
1 103 THR n 
1 104 ILE n 
1 105 HIS n 
1 106 TYR n 
1 107 ASN n 
1 108 LYS n 
1 109 LEU n 
1 110 GLN n 
1 111 TYR n 
1 112 TYR n 
1 113 LYS n 
1 114 VAL n 
# 
_entity_src_gen.entity_id                          1 
_entity_src_gen.pdbx_src_id                        1 
_entity_src_gen.pdbx_alt_source_flag               sample 
_entity_src_gen.pdbx_seq_type                      ? 
_entity_src_gen.pdbx_beg_seq_num                   ? 
_entity_src_gen.pdbx_end_seq_num                   ? 
_entity_src_gen.gene_src_common_name               human 
_entity_src_gen.gene_src_genus                     Homo 
_entity_src_gen.pdbx_gene_src_gene                 'PICK1, PRKCABP' 
_entity_src_gen.gene_src_species                   ? 
_entity_src_gen.gene_src_strain                    ? 
_entity_src_gen.gene_src_tissue                    ? 
_entity_src_gen.gene_src_tissue_fraction           ? 
_entity_src_gen.gene_src_details                   ? 
_entity_src_gen.pdbx_gene_src_fragment             ? 
_entity_src_gen.pdbx_gene_src_scientific_name      'Homo sapiens' 
_entity_src_gen.pdbx_gene_src_ncbi_taxonomy_id     9606 
_entity_src_gen.pdbx_gene_src_variant              ? 
_entity_src_gen.pdbx_gene_src_cell_line            ? 
_entity_src_gen.pdbx_gene_src_atcc                 ? 
_entity_src_gen.pdbx_gene_src_organ                ? 
_entity_src_gen.pdbx_gene_src_organelle            ? 
_entity_src_gen.pdbx_gene_src_cell                 ? 
_entity_src_gen.pdbx_gene_src_cellular_location    ? 
_entity_src_gen.host_org_common_name               ? 
_entity_src_gen.pdbx_host_org_scientific_name      'Escherichia coli' 
_entity_src_gen.pdbx_host_org_ncbi_taxonomy_id     562 
_entity_src_gen.host_org_genus                     Escherichia 
_entity_src_gen.pdbx_host_org_gene                 ? 
_entity_src_gen.pdbx_host_org_organ                ? 
_entity_src_gen.host_org_species                   ? 
_entity_src_gen.pdbx_host_org_tissue               ? 
_entity_src_gen.pdbx_host_org_tissue_fraction      ? 
_entity_src_gen.pdbx_host_org_strain               'BL21(DE3)-R3/Rosetta' 
_entity_src_gen.pdbx_host_org_variant              ? 
_entity_src_gen.pdbx_host_org_cell_line            ? 
_entity_src_gen.pdbx_host_org_atcc                 ? 
_entity_src_gen.pdbx_host_org_culture_collection   ? 
_entity_src_gen.pdbx_host_org_cell                 ? 
_entity_src_gen.pdbx_host_org_organelle            ? 
_entity_src_gen.pdbx_host_org_cellular_location    ? 
_entity_src_gen.pdbx_host_org_vector_type          plasmid 
_entity_src_gen.pdbx_host_org_vector               ? 
_entity_src_gen.host_org_details                   ? 
_entity_src_gen.expression_system_id               ? 
_entity_src_gen.plasmid_name                       pNIC28-Bsa4 
_entity_src_gen.plasmid_details                    ? 
_entity_src_gen.pdbx_description                   ? 
# 
_struct_ref.id                         1 
_struct_ref.db_name                    UNP 
_struct_ref.db_code                    PICK1_HUMAN 
_struct_ref.pdbx_db_accession          Q9NRD5 
_struct_ref.entity_id                  1 
_struct_ref.pdbx_align_begin           19 
_struct_ref.pdbx_seq_one_letter_code   ? 
_struct_ref.pdbx_db_isoform            ? 
# 
_struct_ref_seq.align_id                      1 
_struct_ref_seq.ref_id                        1 
_struct_ref_seq.pdbx_PDB_id_code              2GZV 
_struct_ref_seq.pdbx_strand_id                A 
_struct_ref_seq.seq_align_beg                 24 
_struct_ref_seq.pdbx_seq_align_beg_ins_code   ? 
_struct_ref_seq.seq_align_end                 110 
_struct_ref_seq.pdbx_seq_align_end_ins_code   ? 
_struct_ref_seq.pdbx_db_accession             Q9NRD5 
_struct_ref_seq.db_align_beg                  19 
_struct_ref_seq.pdbx_db_align_beg_ins_code    ? 
_struct_ref_seq.db_align_end                  105 
_struct_ref_seq.pdbx_db_align_end_ins_code    ? 
_struct_ref_seq.pdbx_auth_seq_align_beg       19 
_struct_ref_seq.pdbx_auth_seq_align_end       105 
# 
loop_
_struct_ref_seq_dif.align_id 
_struct_ref_seq_dif.pdbx_pdb_id_code 
_struct_ref_seq_dif.mon_id 
_struct_ref_seq_dif.pdbx_pdb_strand_id 
_struct_ref_seq_dif.seq_num 
_struct_ref_seq_dif.pdbx_pdb_ins_code 
_struct_ref_seq_dif.pdbx_seq_db_name 
_struct_ref_seq_dif.pdbx_seq_db_accession_code 
_struct_ref_seq_dif.db_mon_id 
_struct_ref_seq_dif.pdbx_seq_db_seq_num 
_struct_ref_seq_dif.details 
_struct_ref_seq_dif.pdbx_auth_seq_num 
_struct_ref_seq_dif.pdbx_ordinal 
1 2GZV MET A 1   ? UNP Q9NRD5 ? ? 'initiating methionine' -4  1  
1 2GZV HIS A 2   ? UNP Q9NRD5 ? ? 'expression tag'        -3  2  
1 2GZV HIS A 3   ? UNP Q9NRD5 ? ? 'expression tag'        -2  3  
1 2GZV HIS A 4   ? UNP Q9NRD5 ? ? 'expression tag'        -1  4  
1 2GZV HIS A 5   ? UNP Q9NRD5 ? ? 'expression tag'        0   5  
1 2GZV HIS A 6   ? UNP Q9NRD5 ? ? 'expression tag'        1   6  
1 2GZV HIS A 7   ? UNP Q9NRD5 ? ? 'expression tag'        2   7  
1 2GZV SER A 8   ? UNP Q9NRD5 ? ? 'cloning artifact'      3   8  
1 2GZV SER A 9   ? UNP Q9NRD5 ? ? 'cloning artifact'      4   9  
1 2GZV GLY A 10  ? UNP Q9NRD5 ? ? 'cloning artifact'      5   10 
1 2GZV VAL A 11  ? UNP Q9NRD5 ? ? 'cloning artifact'      6   11 
1 2GZV ASP A 12  ? UNP Q9NRD5 ? ? 'cloning artifact'      7   12 
1 2GZV LEU A 13  ? UNP Q9NRD5 ? ? 'cloning artifact'      8   13 
1 2GZV GLY A 14  ? UNP Q9NRD5 ? ? 'cloning artifact'      9   14 
1 2GZV THR A 15  ? UNP Q9NRD5 ? ? 'cloning artifact'      10  15 
1 2GZV GLU A 16  ? UNP Q9NRD5 ? ? 'cloning artifact'      11  16 
1 2GZV ASN A 17  ? UNP Q9NRD5 ? ? 'cloning artifact'      12  17 
1 2GZV LEU A 18  ? UNP Q9NRD5 ? ? 'cloning artifact'      13  18 
1 2GZV TYR A 19  ? UNP Q9NRD5 ? ? 'cloning artifact'      14  19 
1 2GZV PHE A 20  ? UNP Q9NRD5 ? ? 'cloning artifact'      15  20 
1 2GZV GLN A 21  ? UNP Q9NRD5 ? ? 'cloning artifact'      16  21 
1 2GZV SER A 22  ? UNP Q9NRD5 ? ? 'cloning artifact'      17  22 
1 2GZV MET A 23  ? UNP Q9NRD5 ? ? 'cloning artifact'      18  23 
1 2GZV TYR A 111 ? UNP Q9NRD5 ? ? 'cloning artifact'      106 24 
1 2GZV TYR A 112 ? UNP Q9NRD5 ? ? 'cloning artifact'      107 25 
1 2GZV LYS A 113 ? UNP Q9NRD5 ? ? 'cloning artifact'      108 26 
1 2GZV VAL A 114 ? UNP Q9NRD5 ? ? 'cloning artifact'      109 27 
# 
loop_
_chem_comp.id 
_chem_comp.type 
_chem_comp.mon_nstd_flag 
_chem_comp.name 
_chem_comp.pdbx_synonyms 
_chem_comp.formula 
_chem_comp.formula_weight 
ALA 'L-peptide linking' y ALANINE         ? 'C3 H7 N O2'     89.093  
ARG 'L-peptide linking' y ARGININE        ? 'C6 H15 N4 O2 1' 175.209 
ASN 'L-peptide linking' y ASPARAGINE      ? 'C4 H8 N2 O3'    132.118 
ASP 'L-peptide linking' y 'ASPARTIC ACID' ? 'C4 H7 N O4'     133.103 
CYS 'L-peptide linking' y CYSTEINE        ? 'C3 H7 N O2 S'   121.158 
GLN 'L-peptide linking' y GLUTAMINE       ? 'C5 H10 N2 O3'   146.144 
GLU 'L-peptide linking' y 'GLUTAMIC ACID' ? 'C5 H9 N O4'     147.129 
GLY 'peptide linking'   y GLYCINE         ? 'C2 H5 N O2'     75.067  
HIS 'L-peptide linking' y HISTIDINE       ? 'C6 H10 N3 O2 1' 156.162 
HOH non-polymer         . WATER           ? 'H2 O'           18.015  
ILE 'L-peptide linking' y ISOLEUCINE      ? 'C6 H13 N O2'    131.173 
LEU 'L-peptide linking' y LEUCINE         ? 'C6 H13 N O2'    131.173 
LYS 'L-peptide linking' y LYSINE          ? 'C6 H15 N2 O2 1' 147.195 
MET 'L-peptide linking' y METHIONINE      ? 'C5 H11 N O2 S'  149.211 
PHE 'L-peptide linking' y PHENYLALANINE   ? 'C9 H11 N O2'    165.189 
PRO 'L-peptide linking' y PROLINE         ? 'C5 H9 N O2'     115.130 
SER 'L-peptide linking' y SERINE          ? 'C3 H7 N O3'     105.093 
THR 'L-peptide linking' y THREONINE       ? 'C4 H9 N O3'     119.119 
TYR 'L-peptide linking' y TYROSINE        ? 'C9 H11 N O3'    181.189 
VAL 'L-peptide linking' y VALINE          ? 'C5 H11 N O2'    117.146 
# 
_exptl.entry_id          2GZV 
_exptl.method            'X-RAY DIFFRACTION' 
_exptl.crystals_number   1 
# 
_exptl_crystal.id                    1 
_exptl_crystal.density_meas          ? 
_exptl_crystal.density_Matthews      1.75 
_exptl_crystal.density_percent_sol   29.61 
_exptl_crystal.description           ? 
_exptl_crystal.F_000                 ? 
_exptl_crystal.preparation           ? 
# 
_exptl_crystal_grow.crystal_id      1 
_exptl_crystal_grow.method          'VAPOR DIFFUSION, SITTING DROP' 
_exptl_crystal_grow.temp            293 
_exptl_crystal_grow.temp_details    ? 
_exptl_crystal_grow.pH              5.5 
_exptl_crystal_grow.pdbx_details    
'0.2 M Ammonium-acetate, 0.1 M Bis-Tris, 20% PEG3350, pH 5.5, VAPOR DIFFUSION, SITTING DROP, temperature 293K' 
_exptl_crystal_grow.pdbx_pH_range   . 
# 
_diffrn.id                     1 
_diffrn.ambient_temp           100 
_diffrn.ambient_temp_details   ? 
_diffrn.crystal_id             1 
# 
_diffrn_detector.diffrn_id              1 
_diffrn_detector.detector               CCD 
_diffrn_detector.type                   MARRESEARCH 
_diffrn_detector.pdbx_collection_date   2006-05-06 
_diffrn_detector.details                mirrors 
# 
_diffrn_radiation.diffrn_id                        1 
_diffrn_radiation.wavelength_id                    1 
_diffrn_radiation.pdbx_monochromatic_or_laue_m_l   M 
_diffrn_radiation.monochromator                    'Si 111' 
_diffrn_radiation.pdbx_diffrn_protocol             'SINGLE WAVELENGTH' 
_diffrn_radiation.pdbx_scattering_type             x-ray 
# 
_diffrn_radiation_wavelength.id           1 
_diffrn_radiation_wavelength.wavelength   0.97925 
_diffrn_radiation_wavelength.wt           1.0 
# 
_diffrn_source.diffrn_id                   1 
_diffrn_source.source                      SYNCHROTRON 
_diffrn_source.type                        'SLS BEAMLINE X10SA' 
_diffrn_source.pdbx_synchrotron_site       SLS 
_diffrn_source.pdbx_synchrotron_beamline   X10SA 
_diffrn_source.pdbx_wavelength             ? 
_diffrn_source.pdbx_wavelength_list        0.97925 
# 
_reflns.entry_id                     2GZV 
_reflns.observed_criterion_sigma_I   0 
_reflns.observed_criterion_sigma_F   0 
_reflns.d_resolution_low             29.3 
_reflns.d_resolution_high            1.12 
_reflns.number_obs                   32802 
_reflns.number_all                   33346 
_reflns.percent_possible_obs         98.4 
_reflns.pdbx_Rmerge_I_obs            0.0565 
_reflns.pdbx_Rsym_value              ? 
_reflns.pdbx_netI_over_sigmaI        ? 
_reflns.B_iso_Wilson_estimate        ? 
_reflns.pdbx_redundancy              ? 
_reflns.R_free_details               ? 
_reflns.limit_h_max                  ? 
_reflns.limit_h_min                  ? 
_reflns.limit_k_max                  ? 
_reflns.limit_k_min                  ? 
_reflns.limit_l_max                  ? 
_reflns.limit_l_min                  ? 
_reflns.observed_criterion_F_max     ? 
_reflns.observed_criterion_F_min     ? 
_reflns.pdbx_chi_squared             ? 
_reflns.pdbx_scaling_rejects         ? 
_reflns.pdbx_ordinal                 1 
_reflns.pdbx_diffrn_id               1 
# 
_reflns_shell.d_res_high             1.12 
_reflns_shell.d_res_low              1.22 
_reflns_shell.percent_possible_all   94.8 
_reflns_shell.Rmerge_I_obs           0.0126 
_reflns_shell.pdbx_Rsym_value        ? 
_reflns_shell.meanI_over_sigI_obs    7.97 
_reflns_shell.pdbx_redundancy        3.04 
_reflns_shell.percent_possible_obs   ? 
_reflns_shell.number_unique_all      7289 
_reflns_shell.number_measured_all    ? 
_reflns_shell.number_measured_obs    ? 
_reflns_shell.number_unique_obs      ? 
_reflns_shell.pdbx_chi_squared       ? 
_reflns_shell.pdbx_ordinal           1 
_reflns_shell.pdbx_diffrn_id         1 
# 
_refine.entry_id                                 2GZV 
_refine.ls_number_reflns_obs                     31143 
_refine.ls_number_reflns_all                     33346 
_refine.pdbx_ls_sigma_I                          0 
_refine.pdbx_ls_sigma_F                          0 
_refine.pdbx_data_cutoff_high_absF               ? 
_refine.pdbx_data_cutoff_low_absF                ? 
_refine.pdbx_data_cutoff_high_rms_absF           ? 
_refine.ls_d_res_low                             29.3 
_refine.ls_d_res_high                            1.12 
_refine.ls_percent_reflns_obs                    98.49 
_refine.ls_R_factor_obs                          0.15007 
_refine.ls_R_factor_all                          0.15007 
_refine.ls_R_factor_R_work                       0.14911 
_refine.ls_R_factor_R_free                       0.16865 
_refine.ls_R_factor_R_free_error                 ? 
_refine.ls_R_factor_R_free_error_details         ? 
_refine.ls_percent_reflns_R_free                 5.1 
_refine.ls_number_reflns_R_free                  1659 
_refine.ls_number_parameters                     ? 
_refine.ls_number_restraints                     ? 
_refine.occupancy_min                            ? 
_refine.occupancy_max                            ? 
_refine.correlation_coeff_Fo_to_Fc               0.973 
_refine.correlation_coeff_Fo_to_Fc_free          0.970 
_refine.B_iso_mean                               9.872 
_refine.aniso_B[1][1]                            -0.15 
_refine.aniso_B[2][2]                            -0.03 
_refine.aniso_B[3][3]                            0.15 
_refine.aniso_B[1][2]                            0.00 
_refine.aniso_B[1][3]                            -0.11 
_refine.aniso_B[2][3]                            0.00 
_refine.solvent_model_details                    MASK 
_refine.solvent_model_param_ksol                 ? 
_refine.solvent_model_param_bsol                 ? 
_refine.pdbx_solvent_vdw_probe_radii             1.40 
_refine.pdbx_solvent_ion_probe_radii             0.80 
_refine.pdbx_solvent_shrinkage_radii             0.80 
_refine.pdbx_ls_cross_valid_method               THROUGHOUT 
_refine.details                                  'HYDROGENS HAVE BEEN ADDED IN THE RIDING POSITIONS' 
_refine.pdbx_starting_model                      'PDB ENTRY 2FNE' 
_refine.pdbx_method_to_determine_struct          'MOLECULAR REPLACEMENT' 
_refine.pdbx_isotropic_thermal_model             ? 
_refine.pdbx_stereochemistry_target_values       'MAXIMUM LIKELIHOOD' 
_refine.pdbx_stereochem_target_val_spec_case     ? 
_refine.pdbx_R_Free_selection_details            RANDOM 
_refine.pdbx_overall_ESU_R                       0.033 
_refine.pdbx_overall_ESU_R_Free                  0.032 
_refine.overall_SU_ML                            0.018 
_refine.overall_SU_B                             0.795 
_refine.ls_redundancy_reflns_obs                 ? 
_refine.B_iso_min                                ? 
_refine.B_iso_max                                ? 
_refine.overall_SU_R_Cruickshank_DPI             ? 
_refine.overall_SU_R_free                        ? 
_refine.ls_wR_factor_R_free                      ? 
_refine.ls_wR_factor_R_work                      ? 
_refine.overall_FOM_free_R_set                   ? 
_refine.overall_FOM_work_R_set                   ? 
_refine.pdbx_overall_phase_error                 ? 
_refine.pdbx_refine_id                           'X-RAY DIFFRACTION' 
_refine.pdbx_diffrn_id                           1 
_refine.pdbx_TLS_residual_ADP_flag               ? 
_refine.pdbx_overall_SU_R_free_Cruickshank_DPI   ? 
_refine.pdbx_overall_SU_R_Blow_DPI               ? 
_refine.pdbx_overall_SU_R_free_Blow_DPI          ? 
# 
_refine_hist.pdbx_refine_id                   'X-RAY DIFFRACTION' 
_refine_hist.cycle_id                         LAST 
_refine_hist.pdbx_number_atoms_protein        667 
_refine_hist.pdbx_number_atoms_nucleic_acid   0 
_refine_hist.pdbx_number_atoms_ligand         0 
_refine_hist.number_atoms_solvent             144 
_refine_hist.number_atoms_total               811 
_refine_hist.d_res_high                       1.12 
_refine_hist.d_res_low                        29.3 
# 
loop_
_refine_ls_restr.type 
_refine_ls_restr.dev_ideal 
_refine_ls_restr.dev_ideal_target 
_refine_ls_restr.weight 
_refine_ls_restr.number 
_refine_ls_restr.pdbx_refine_id 
_refine_ls_restr.pdbx_restraint_function 
r_bond_refined_d         0.010  0.022  ? 741  'X-RAY DIFFRACTION' ? 
r_bond_other_d           0.001  0.020  ? 485  'X-RAY DIFFRACTION' ? 
r_angle_refined_deg      1.332  1.975  ? 1018 'X-RAY DIFFRACTION' ? 
r_angle_other_deg        0.878  3.000  ? 1219 'X-RAY DIFFRACTION' ? 
r_dihedral_angle_1_deg   6.217  5.000  ? 106  'X-RAY DIFFRACTION' ? 
r_dihedral_angle_2_deg   32.729 26.667 ? 27   'X-RAY DIFFRACTION' ? 
r_dihedral_angle_3_deg   9.157  15.000 ? 134  'X-RAY DIFFRACTION' ? 
r_dihedral_angle_4_deg   23.812 15.000 ? 1    'X-RAY DIFFRACTION' ? 
r_chiral_restr           0.081  0.200  ? 123  'X-RAY DIFFRACTION' ? 
r_gen_planes_refined     0.006  0.020  ? 838  'X-RAY DIFFRACTION' ? 
r_gen_planes_other       0.001  0.020  ? 127  'X-RAY DIFFRACTION' ? 
r_nbd_refined            0.211  0.200  ? 164  'X-RAY DIFFRACTION' ? 
r_nbd_other              0.174  0.200  ? 489  'X-RAY DIFFRACTION' ? 
r_nbtor_refined          0.174  0.200  ? 375  'X-RAY DIFFRACTION' ? 
r_nbtor_other            0.092  0.200  ? 384  'X-RAY DIFFRACTION' ? 
r_xyhbond_nbd_refined    0.166  0.200  ? 83   'X-RAY DIFFRACTION' ? 
r_symmetry_vdw_refined   0.111  0.200  ? 12   'X-RAY DIFFRACTION' ? 
r_symmetry_vdw_other     0.238  0.200  ? 38   'X-RAY DIFFRACTION' ? 
r_symmetry_hbond_refined 0.163  0.200  ? 23   'X-RAY DIFFRACTION' ? 
r_mcbond_it              3.019  5.000  ? 514  'X-RAY DIFFRACTION' ? 
r_mcbond_other           2.445  5.000  ? 201  'X-RAY DIFFRACTION' ? 
r_mcangle_it             3.608  7.000  ? 787  'X-RAY DIFFRACTION' ? 
r_scbond_it              4.356  9.000  ? 284  'X-RAY DIFFRACTION' ? 
r_scangle_it             5.449  12.000 ? 222  'X-RAY DIFFRACTION' ? 
r_rigid_bond_restr       2.702  3.000  ? 1336 'X-RAY DIFFRACTION' ? 
r_sphericity_free        6.720  3.000  ? 144  'X-RAY DIFFRACTION' ? 
r_sphericity_bonded      4.632  3.000  ? 1207 'X-RAY DIFFRACTION' ? 
# 
_refine_ls_shell.pdbx_total_number_of_bins_used   20 
_refine_ls_shell.d_res_high                       1.118 
_refine_ls_shell.d_res_low                        1.147 
_refine_ls_shell.number_reflns_R_work             2091 
_refine_ls_shell.R_factor_R_work                  0.209 
_refine_ls_shell.percent_reflns_obs               90.34 
_refine_ls_shell.R_factor_R_free                  0.232 
_refine_ls_shell.R_factor_R_free_error            ? 
_refine_ls_shell.percent_reflns_R_free            ? 
_refine_ls_shell.number_reflns_R_free             97 
_refine_ls_shell.number_reflns_all                ? 
_refine_ls_shell.R_factor_all                     ? 
_refine_ls_shell.number_reflns_obs                ? 
_refine_ls_shell.redundancy_reflns_obs            ? 
_refine_ls_shell.pdbx_refine_id                   'X-RAY DIFFRACTION' 
# 
_struct.entry_id                  2GZV 
_struct.title                     'The cystal structure of the PDZ domain of human PICK1' 
_struct.pdbx_model_details        ? 
_struct.pdbx_CASP_flag            ? 
_struct.pdbx_model_type_details   ? 
# 
_struct_keywords.entry_id        2GZV 
_struct_keywords.pdbx_keywords   'SIGNALING PROTEIN' 
_struct_keywords.text            
'protein kinase C, PDZ domain, Structural Genomics, Structural Genomics Consortium, SGC, SIGNALING PROTEIN' 
# 
loop_
_struct_asym.id 
_struct_asym.pdbx_blank_PDB_chainid_flag 
_struct_asym.pdbx_modified 
_struct_asym.entity_id 
_struct_asym.details 
A N N 1 ? 
B N N 2 ? 
# 
_struct_biol.id                    1 
_struct_biol.details               'The monomer present in the asymmetric unit is the biological unit.' 
_struct_biol.pdbx_parent_biol_id   ? 
# 
loop_
_struct_conf.conf_type_id 
_struct_conf.id 
_struct_conf.pdbx_PDB_helix_id 
_struct_conf.beg_label_comp_id 
_struct_conf.beg_label_asym_id 
_struct_conf.beg_label_seq_id 
_struct_conf.pdbx_beg_PDB_ins_code 
_struct_conf.end_label_comp_id 
_struct_conf.end_label_asym_id 
_struct_conf.end_label_seq_id 
_struct_conf.pdbx_end_PDB_ins_code 
_struct_conf.beg_auth_comp_id 
_struct_conf.beg_auth_asym_id 
_struct_conf.beg_auth_seq_id 
_struct_conf.end_auth_comp_id 
_struct_conf.end_auth_asym_id 
_struct_conf.end_auth_seq_id 
_struct_conf.pdbx_PDB_helix_class 
_struct_conf.details 
_struct_conf.pdbx_PDB_helix_length 
HELX_P HELX_P1 1 THR A 61 ? GLY A 67 ? THR A 56 GLY A 62 1 ? 7  
HELX_P HELX_P2 2 THR A 87 ? VAL A 98 ? THR A 82 VAL A 93 1 ? 12 
# 
_struct_conf_type.id          HELX_P 
_struct_conf_type.criteria    ? 
_struct_conf_type.reference   ? 
# 
loop_
_struct_sheet.id 
_struct_sheet.type 
_struct_sheet.number_strands 
_struct_sheet.details 
A ? 5 ? 
B ? 4 ? 
# 
loop_
_struct_sheet_order.sheet_id 
_struct_sheet_order.range_id_1 
_struct_sheet_order.range_id_2 
_struct_sheet_order.offset 
_struct_sheet_order.sense 
A 1 2 ? anti-parallel 
A 2 3 ? anti-parallel 
A 3 4 ? anti-parallel 
A 4 5 ? anti-parallel 
B 1 2 ? anti-parallel 
B 2 3 ? anti-parallel 
B 3 4 ? anti-parallel 
# 
loop_
_struct_sheet_range.sheet_id 
_struct_sheet_range.id 
_struct_sheet_range.beg_label_comp_id 
_struct_sheet_range.beg_label_asym_id 
_struct_sheet_range.beg_label_seq_id 
_struct_sheet_range.pdbx_beg_PDB_ins_code 
_struct_sheet_range.end_label_comp_id 
_struct_sheet_range.end_label_asym_id 
_struct_sheet_range.end_label_seq_id 
_struct_sheet_range.pdbx_end_PDB_ins_code 
_struct_sheet_range.beg_auth_comp_id 
_struct_sheet_range.beg_auth_asym_id 
_struct_sheet_range.beg_auth_seq_id 
_struct_sheet_range.end_auth_comp_id 
_struct_sheet_range.end_auth_asym_id 
_struct_sheet_range.end_auth_seq_id 
A 1 GLY A 26  ? GLN A 31  ? GLY A 21 GLN A 26  
A 2 GLU A 101 ? ASN A 107 ? GLU A 96 ASN A 102 
A 3 GLU A 74  ? VAL A 78  ? GLU A 69 VAL A 73  
A 4 LEU A 52  ? VAL A 57  ? LEU A 47 VAL A 52  
A 5 ILE A 40  ? GLY A 44  ? ILE A 35 GLY A 39  
B 1 GLY A 26  ? GLN A 31  ? GLY A 21 GLN A 26  
B 2 GLU A 101 ? ASN A 107 ? GLU A 96 ASN A 102 
B 3 GLU A 74  ? VAL A 78  ? GLU A 69 VAL A 73  
B 4 ARG A 81  ? SER A 82  ? ARG A 76 SER A 77  
# 
loop_
_pdbx_struct_sheet_hbond.sheet_id 
_pdbx_struct_sheet_hbond.range_id_1 
_pdbx_struct_sheet_hbond.range_id_2 
_pdbx_struct_sheet_hbond.range_1_label_atom_id 
_pdbx_struct_sheet_hbond.range_1_label_comp_id 
_pdbx_struct_sheet_hbond.range_1_label_asym_id 
_pdbx_struct_sheet_hbond.range_1_label_seq_id 
_pdbx_struct_sheet_hbond.range_1_PDB_ins_code 
_pdbx_struct_sheet_hbond.range_1_auth_atom_id 
_pdbx_struct_sheet_hbond.range_1_auth_comp_id 
_pdbx_struct_sheet_hbond.range_1_auth_asym_id 
_pdbx_struct_sheet_hbond.range_1_auth_seq_id 
_pdbx_struct_sheet_hbond.range_2_label_atom_id 
_pdbx_struct_sheet_hbond.range_2_label_comp_id 
_pdbx_struct_sheet_hbond.range_2_label_asym_id 
_pdbx_struct_sheet_hbond.range_2_label_seq_id 
_pdbx_struct_sheet_hbond.range_2_PDB_ins_code 
_pdbx_struct_sheet_hbond.range_2_auth_atom_id 
_pdbx_struct_sheet_hbond.range_2_auth_comp_id 
_pdbx_struct_sheet_hbond.range_2_auth_asym_id 
_pdbx_struct_sheet_hbond.range_2_auth_seq_id 
A 1 2 N LEU A 30  ? N LEU A 25  O VAL A 102 ? O VAL A 97 
A 2 3 O HIS A 105 ? O HIS A 100 N THR A 76  ? N THR A 71 
A 3 4 O ILE A 75  ? O ILE A 70  N LEU A 52  ? N LEU A 47 
A 4 5 O TYR A 53  ? O TYR A 48  N GLY A 43  ? N GLY A 38 
B 1 2 N LEU A 30  ? N LEU A 25  O VAL A 102 ? O VAL A 97 
B 2 3 O HIS A 105 ? O HIS A 100 N THR A 76  ? N THR A 71 
B 3 4 N VAL A 78  ? N VAL A 73  O ARG A 81  ? O ARG A 76 
# 
_atom_sites.entry_id                    2GZV 
_atom_sites.fract_transf_matrix[1][1]   0.00703543 
_atom_sites.fract_transf_matrix[1][2]   -0.00941918 
_atom_sites.fract_transf_matrix[1][3]   -0.00461100 
_atom_sites.fract_transf_matrix[2][1]   0.00329765 
_atom_sites.fract_transf_matrix[2][2]   -0.00968457 
_atom_sites.fract_transf_matrix[2][3]   0.02481479 
_atom_sites.fract_transf_matrix[3][1]   -0.02599077 
_atom_sites.fract_transf_matrix[3][2]   -0.02156800 
_atom_sites.fract_transf_matrix[3][3]   -0.00496350 
_atom_sites.fract_transf_vector[1]      0.363181 
_atom_sites.fract_transf_vector[2]      0.489786 
_atom_sites.fract_transf_vector[3]      0.448031 
# 
loop_
_atom_type.symbol 
C 
N 
O 
S 
# 
loop_
_atom_site.group_PDB 
_atom_site.id 
_atom_site.type_symbol 
_atom_site.label_atom_id 
_atom_site.label_alt_id 
_atom_site.label_comp_id 
_atom_site.label_asym_id 
_atom_site.label_entity_id 
_atom_site.label_seq_id 
_atom_site.pdbx_PDB_ins_code 
_atom_site.Cartn_x 
_atom_site.Cartn_y 
_atom_site.Cartn_z 
_atom_site.occupancy 
_atom_site.B_iso_or_equiv 
_atom_site.pdbx_formal_charge 
_atom_site.auth_seq_id 
_atom_site.auth_comp_id 
_atom_site.auth_asym_id 
_atom_site.auth_atom_id 
_atom_site.pdbx_PDB_model_num 
ATOM   1   N N   . SER A 1 22  ? -9.843  -15.337 -1.769  1.00 14.63 ? 17  SER A N   1 
ATOM   2   C CA  A SER A 1 22  ? -9.257  -13.992 -1.720  0.50 15.25 ? 17  SER A CA  1 
ATOM   3   C CA  B SER A 1 22  ? -9.268  -13.971 -1.736  0.50 13.16 ? 17  SER A CA  1 
ATOM   4   C C   . SER A 1 22  ? -10.204 -13.004 -1.063  1.00 11.77 ? 17  SER A C   1 
ATOM   5   O O   . SER A 1 22  ? -11.446 -13.123 -1.128  1.00 11.11 ? 17  SER A O   1 
ATOM   6   C CB  A SER A 1 22  ? -8.918  -13.512 -3.134  0.50 18.13 ? 17  SER A CB  1 
ATOM   7   C CB  B SER A 1 22  ? -8.991  -13.428 -3.147  0.50 13.08 ? 17  SER A CB  1 
ATOM   8   O OG  A SER A 1 22  ? -8.240  -12.273 -3.101  0.50 18.70 ? 17  SER A OG  1 
ATOM   9   O OG  B SER A 1 22  ? -7.948  -14.130 -3.781  0.50 14.20 ? 17  SER A OG  1 
ATOM   10  N N   . MET A 1 23  ? -9.580  -12.037 -0.448  1.00 12.56 ? 18  MET A N   1 
ATOM   11  C CA  A MET A 1 23  ? -10.226 -10.823 -0.113  0.80 12.87 ? 18  MET A CA  1 
ATOM   12  C CA  B MET A 1 23  ? -10.233 -10.806 -0.110  0.20 12.07 ? 18  MET A CA  1 
ATOM   13  C C   . MET A 1 23  ? -10.600 -10.075 -1.393  1.00 10.92 ? 18  MET A C   1 
ATOM   14  O O   . MET A 1 23  ? -10.050 -10.316 -2.463  1.00 12.75 ? 18  MET A O   1 
ATOM   15  C CB  A MET A 1 23  ? -9.265  -9.977  0.725   0.80 14.73 ? 18  MET A CB  1 
ATOM   16  C CB  B MET A 1 23  ? -9.305  -9.915  0.711   0.20 11.92 ? 18  MET A CB  1 
ATOM   17  C CG  A MET A 1 23  ? -8.808  -10.631 2.030   0.80 17.19 ? 18  MET A CG  1 
ATOM   18  C CG  B MET A 1 23  ? -8.935  -10.451 2.072   0.20 11.16 ? 18  MET A CG  1 
ATOM   19  S SD  A MET A 1 23  ? -7.561  -9.645  2.880   0.80 19.16 ? 18  MET A SD  1 
ATOM   20  S SD  B MET A 1 23  ? -8.053  -9.199  3.018   0.20 13.01 ? 18  MET A SD  1 
ATOM   21  C CE  A MET A 1 23  ? -8.523  -8.179  3.220   0.80 25.63 ? 18  MET A CE  1 
ATOM   22  C CE  B MET A 1 23  ? -7.164  -10.223 4.194   0.20 10.65 ? 18  MET A CE  1 
ATOM   23  N N   . VAL A 1 24  ? -11.516 -9.159  -1.253  1.00 13.08 ? 19  VAL A N   1 
ATOM   24  C CA  . VAL A 1 24  ? -12.015 -8.373  -2.340  1.00 12.04 ? 19  VAL A CA  1 
ATOM   25  C C   . VAL A 1 24  ? -11.154 -7.080  -2.496  1.00 11.39 ? 19  VAL A C   1 
ATOM   26  O O   . VAL A 1 24  ? -10.717 -6.535  -1.510  1.00 11.12 ? 19  VAL A O   1 
ATOM   27  C CB  . VAL A 1 24  ? -13.459 -8.038  -1.996  1.00 15.11 ? 19  VAL A CB  1 
ATOM   28  C CG1 . VAL A 1 24  ? -14.053 -7.255  -3.051  1.00 12.80 ? 19  VAL A CG1 1 
ATOM   29  C CG2 . VAL A 1 24  ? -14.272 -9.334  -1.747  1.00 16.95 ? 19  VAL A CG2 1 
ATOM   30  N N   . PRO A 1 25  ? -10.895 -6.585  -3.719  1.00 11.95 ? 20  PRO A N   1 
ATOM   31  C CA  A PRO A 1 25  ? -10.146 -5.325  -3.812  0.60 10.11 ? 20  PRO A CA  1 
ATOM   32  C CA  B PRO A 1 25  ? -10.181 -5.309  -3.865  0.40 10.66 ? 20  PRO A CA  1 
ATOM   33  C C   . PRO A 1 25  ? -10.948 -4.181  -3.205  1.00 9.37  ? 20  PRO A C   1 
ATOM   34  O O   . PRO A 1 25  ? -12.178 -4.247  -3.107  1.00 10.32 ? 20  PRO A O   1 
ATOM   35  C CB  A PRO A 1 25  ? -9.971  -5.126  -5.321  0.60 12.43 ? 20  PRO A CB  1 
ATOM   36  C CB  B PRO A 1 25  ? -10.152 -5.093  -5.383  0.40 12.42 ? 20  PRO A CB  1 
ATOM   37  C CG  A PRO A 1 25  ? -11.065 -5.914  -5.940  0.60 13.84 ? 20  PRO A CG  1 
ATOM   38  C CG  B PRO A 1 25  ? -10.302 -6.443  -5.961  0.40 12.90 ? 20  PRO A CG  1 
ATOM   39  C CD  A PRO A 1 25  ? -11.282 -7.097  -5.042  0.60 13.23 ? 20  PRO A CD  1 
ATOM   40  C CD  B PRO A 1 25  ? -11.223 -7.175  -5.026  0.40 12.83 ? 20  PRO A CD  1 
ATOM   41  N N   . GLY A 1 26  ? -10.249 -3.138  -2.800  1.00 8.31  ? 21  GLY A N   1 
ATOM   42  C CA  . GLY A 1 26  ? -10.912 -2.017  -2.173  1.00 10.07 ? 21  GLY A CA  1 
ATOM   43  C C   . GLY A 1 26  ? -9.908  -0.994  -1.698  1.00 8.38  ? 21  GLY A C   1 
ATOM   44  O O   . GLY A 1 26  ? -8.927  -0.708  -2.377  1.00 8.76  ? 21  GLY A O   1 
ATOM   45  N N   . LYS A 1 27  ? -10.191 -0.415  -0.546  1.00 8.97  ? 22  LYS A N   1 
ATOM   46  C CA  . LYS A 1 27  ? -9.336  0.612   0.017   1.00 8.40  ? 22  LYS A CA  1 
ATOM   47  C C   . LYS A 1 27  ? -9.406  0.577   1.528   1.00 9.34  ? 22  LYS A C   1 
ATOM   48  O O   . LYS A 1 27  ? -10.400 0.112   2.110   1.00 11.60 ? 22  LYS A O   1 
ATOM   49  C CB  . LYS A 1 27  ? -9.701  1.998   -0.526  1.00 9.41  ? 22  LYS A CB  1 
ATOM   50  C CG  . LYS A 1 27  ? -11.026 2.572   -0.094  1.00 11.61 ? 22  LYS A CG  1 
ATOM   51  C CD  . LYS A 1 27  ? -11.301 3.899   -0.828  1.00 15.62 ? 22  LYS A CD  1 
ATOM   52  C CE  . LYS A 1 27  ? -12.538 4.633   -0.334  1.00 19.04 ? 22  LYS A CE  1 
ATOM   53  N NZ  . LYS A 1 27  ? -13.769 3.869   -0.634  1.00 20.72 ? 22  LYS A NZ  1 
ATOM   54  N N   . VAL A 1 28  ? -8.349  1.036   2.176   1.00 8.28  ? 23  VAL A N   1 
ATOM   55  C CA  . VAL A 1 28  ? -8.330  1.112   3.625   1.00 8.67  ? 23  VAL A CA  1 
ATOM   56  C C   . VAL A 1 28  ? -7.646  2.400   4.031   1.00 7.36  ? 23  VAL A C   1 
ATOM   57  O O   . VAL A 1 28  ? -6.636  2.794   3.458   1.00 7.97  ? 23  VAL A O   1 
ATOM   58  C CB  . VAL A 1 28  ? -7.643  -0.118  4.266   1.00 9.78  ? 23  VAL A CB  1 
ATOM   59  C CG1 . VAL A 1 28  ? -6.231  -0.304  3.766   1.00 10.10 ? 23  VAL A CG1 1 
ATOM   60  C CG2 . VAL A 1 28  ? -7.686  -0.034  5.797   1.00 12.95 ? 23  VAL A CG2 1 
ATOM   61  N N   . THR A 1 29  ? -8.219  3.057   5.025   1.00 7.90  ? 24  THR A N   1 
ATOM   62  C CA  . THR A 1 29  ? -7.658  4.273   5.576   1.00 7.75  ? 24  THR A CA  1 
ATOM   63  C C   . THR A 1 29  ? -6.922  3.919   6.841   1.00 7.05  ? 24  THR A C   1 
ATOM   64  O O   . THR A 1 29  ? -7.538  3.517   7.837   1.00 8.20  ? 24  THR A O   1 
ATOM   65  C CB  . THR A 1 29  ? -8.741  5.324   5.890   1.00 9.90  ? 24  THR A CB  1 
ATOM   66  O OG1 . THR A 1 29  ? -9.512  5.602   4.712   1.00 11.85 ? 24  THR A OG1 1 
ATOM   67  C CG2 . THR A 1 29  ? -8.111  6.614   6.398   1.00 11.07 ? 24  THR A CG2 1 
ATOM   68  N N   . LEU A 1 30  ? -5.604  4.064   6.794   1.00 7.49  ? 25  LEU A N   1 
ATOM   69  C CA  . LEU A 1 30  ? -4.726  3.697   7.901   1.00 8.13  ? 25  LEU A CA  1 
ATOM   70  C C   . LEU A 1 30  ? -4.217  4.945   8.610   1.00 8.63  ? 25  LEU A C   1 
ATOM   71  O O   . LEU A 1 30  ? -3.814  5.916   7.982   1.00 9.44  ? 25  LEU A O   1 
ATOM   72  C CB  . LEU A 1 30  ? -3.537  2.891   7.377   1.00 8.41  ? 25  LEU A CB  1 
ATOM   73  C CG  . LEU A 1 30  ? -3.908  1.535   6.774   1.00 8.85  ? 25  LEU A CG  1 
ATOM   74  C CD1 . LEU A 1 30  ? -2.720  0.892   6.094   1.00 11.25 ? 25  LEU A CD1 1 
ATOM   75  C CD2 . LEU A 1 30  ? -4.478  0.596   7.829   1.00 10.59 ? 25  LEU A CD2 1 
ATOM   76  N N   . GLN A 1 31  ? -4.229  4.912   9.937   1.00 9.34  ? 26  GLN A N   1 
ATOM   77  C CA  A GLN A 1 31  ? -3.702  5.991   10.767  0.50 10.94 ? 26  GLN A CA  1 
ATOM   78  C CA  B GLN A 1 31  ? -3.697  6.036   10.707  0.50 10.96 ? 26  GLN A CA  1 
ATOM   79  C C   . GLN A 1 31  ? -2.181  5.916   10.855  1.00 12.62 ? 26  GLN A C   1 
ATOM   80  O O   . GLN A 1 31  ? -1.662  4.930   11.326  1.00 14.62 ? 26  GLN A O   1 
ATOM   81  C CB  A GLN A 1 31  ? -4.262  5.872   12.190  0.50 14.09 ? 26  GLN A CB  1 
ATOM   82  C CB  B GLN A 1 31  ? -4.374  6.175   12.075  0.50 12.11 ? 26  GLN A CB  1 
ATOM   83  C CG  A GLN A 1 31  ? -5.749  6.196   12.331  0.50 16.94 ? 26  GLN A CG  1 
ATOM   84  C CG  B GLN A 1 31  ? -3.987  7.451   12.839  0.50 12.81 ? 26  GLN A CG  1 
ATOM   85  C CD  A GLN A 1 31  ? -6.035  7.690   12.388  0.50 21.42 ? 26  GLN A CD  1 
ATOM   86  C CD  B GLN A 1 31  ? -4.489  7.457   14.276  0.50 11.82 ? 26  GLN A CD  1 
ATOM   87  O OE1 A GLN A 1 31  ? -5.118  8.516   12.380  0.50 28.15 ? 26  GLN A OE1 1 
ATOM   88  O OE1 B GLN A 1 31  ? -3.710  7.261   15.219  0.50 14.97 ? 26  GLN A OE1 1 
ATOM   89  N NE2 A GLN A 1 31  ? -7.310  8.044   12.443  0.50 16.53 ? 26  GLN A NE2 1 
ATOM   90  N NE2 B GLN A 1 31  ? -5.794  7.659   14.453  0.50 16.04 ? 26  GLN A NE2 1 
ATOM   91  N N   . LYS A 1 32  ? -1.482  6.983   10.498  1.00 10.44 ? 27  LYS A N   1 
ATOM   92  C CA  . LYS A 1 32  ? -0.030  7.036   10.629  1.00 10.78 ? 27  LYS A CA  1 
ATOM   93  C C   . LYS A 1 32  ? 0.379   6.865   12.088  1.00 10.42 ? 27  LYS A C   1 
ATOM   94  O O   . LYS A 1 32  ? -0.208  7.465   12.996  1.00 12.04 ? 27  LYS A O   1 
ATOM   95  C CB  . LYS A 1 32  ? 0.502   8.384   10.143  1.00 12.61 ? 27  LYS A CB  1 
ATOM   96  C CG  . LYS A 1 32  ? 0.329   8.685   8.670   1.00 15.54 ? 27  LYS A CG  1 
ATOM   97  C CD  . LYS A 1 32  ? 1.312   7.915   7.816   1.00 17.16 ? 27  LYS A CD  1 
ATOM   98  C CE  . LYS A 1 32  ? 1.288   8.404   6.373   1.00 15.29 ? 27  LYS A CE  1 
ATOM   99  N NZ  . LYS A 1 32  ? 2.229   9.518   6.083   1.00 14.12 ? 27  LYS A NZ  1 
ATOM   100 N N   . ASP A 1 33  ? 1.421   6.083   12.315  1.00 10.43 ? 28  ASP A N   1 
ATOM   101 C CA  . ASP A 1 33  ? 1.928   5.909   13.651  1.00 11.06 ? 28  ASP A CA  1 
ATOM   102 C C   . ASP A 1 33  ? 2.851   7.064   14.033  1.00 11.31 ? 28  ASP A C   1 
ATOM   103 O O   . ASP A 1 33  ? 2.998   8.033   13.301  1.00 12.46 ? 28  ASP A O   1 
ATOM   104 C CB  . ASP A 1 33  ? 2.540   4.517   13.805  1.00 13.95 ? 28  ASP A CB  1 
ATOM   105 C CG  . ASP A 1 33  ? 3.891   4.347   13.119  1.00 14.06 ? 28  ASP A CG  1 
ATOM   106 O OD1 . ASP A 1 33  ? 4.532   5.325   12.691  1.00 14.21 ? 28  ASP A OD1 1 
ATOM   107 O OD2 . ASP A 1 33  ? 4.335   3.183   13.049  1.00 17.27 ? 28  ASP A OD2 1 
ATOM   108 N N   . ALA A 1 34  ? 3.452   6.969   15.212  1.00 13.09 ? 29  ALA A N   1 
ATOM   109 C CA  . ALA A 1 34  ? 4.247   8.066   15.750  1.00 14.15 ? 29  ALA A CA  1 
ATOM   110 C C   . ALA A 1 34  ? 5.580   8.271   15.020  1.00 14.13 ? 29  ALA A C   1 
ATOM   111 O O   . ALA A 1 34  ? 6.255   9.264   15.251  1.00 17.27 ? 29  ALA A O   1 
ATOM   112 C CB  . ALA A 1 34  ? 4.490   7.859   17.240  1.00 16.30 ? 29  ALA A CB  1 
ATOM   113 N N   . GLN A 1 35  ? 5.979   7.317   14.184  1.00 13.07 ? 30  GLN A N   1 
ATOM   114 C CA  . GLN A 1 35  ? 7.119   7.471   13.284  1.00 14.82 ? 30  GLN A CA  1 
ATOM   115 C C   . GLN A 1 35  ? 6.679   7.908   11.883  1.00 14.05 ? 30  GLN A C   1 
ATOM   116 O O   . GLN A 1 35  ? 7.473   7.848   10.950  1.00 16.37 ? 30  GLN A O   1 
ATOM   117 C CB  . GLN A 1 35  ? 7.902   6.157   13.205  1.00 16.88 ? 30  GLN A CB  1 
ATOM   118 C CG  . GLN A 1 35  ? 8.490   5.713   14.535  1.00 20.49 ? 30  GLN A CG  1 
ATOM   119 N N   . ASN A 1 36  ? 5.430   8.357   11.740  1.00 13.09 ? 31  ASN A N   1 
ATOM   120 C CA  . ASN A 1 36  ? 4.865   8.755   10.452  1.00 12.95 ? 31  ASN A CA  1 
ATOM   121 C C   . ASN A 1 36  ? 4.920   7.630   9.423   1.00 13.08 ? 31  ASN A C   1 
ATOM   122 O O   . ASN A 1 36  ? 5.296   7.836   8.266   1.00 15.19 ? 31  ASN A O   1 
ATOM   123 C CB  . ASN A 1 36  ? 5.537   10.015  9.888   1.00 15.71 ? 31  ASN A CB  1 
ATOM   124 C CG  . ASN A 1 36  ? 4.872   10.485  8.612   1.00 16.16 ? 31  ASN A CG  1 
ATOM   125 O OD1 . ASN A 1 36  ? 3.648   10.443  8.507   1.00 17.93 ? 31  ASN A OD1 1 
ATOM   126 N ND2 . ASN A 1 36  ? 5.665   10.906  7.632   1.00 18.47 ? 31  ASN A ND2 1 
ATOM   127 N N   . LEU A 1 37  ? 4.553   6.437   9.864   1.00 11.09 ? 32  LEU A N   1 
ATOM   128 C CA  . LEU A 1 37  ? 4.520   5.275   9.000   1.00 10.11 ? 32  LEU A CA  1 
ATOM   129 C C   . LEU A 1 37  ? 3.170   4.594   9.068   1.00 9.32  ? 32  LEU A C   1 
ATOM   130 O O   . LEU A 1 37  ? 2.520   4.565   10.122  1.00 11.07 ? 32  LEU A O   1 
ATOM   131 C CB  . LEU A 1 37  ? 5.579   4.268   9.427   1.00 13.69 ? 32  LEU A CB  1 
ATOM   132 C CG  . LEU A 1 37  ? 7.036   4.686   9.250   1.00 17.39 ? 32  LEU A CG  1 
ATOM   133 C CD1 . LEU A 1 37  ? 7.972   3.673   9.904   1.00 21.11 ? 32  LEU A CD1 1 
ATOM   134 C CD2 . LEU A 1 37  ? 7.388   4.847   7.782   1.00 17.42 ? 32  LEU A CD2 1 
ATOM   135 N N   . ILE A 1 38  ? 2.753   4.023   7.948   1.00 8.30  ? 33  ILE A N   1 
ATOM   136 C CA  . ILE A 1 38  ? 1.658   3.063   7.961   1.00 7.58  ? 33  ILE A CA  1 
ATOM   137 C C   . ILE A 1 38  ? 2.133   1.636   8.076   1.00 8.39  ? 33  ILE A C   1 
ATOM   138 O O   . ILE A 1 38  ? 1.371   0.795   8.525   1.00 10.42 ? 33  ILE A O   1 
ATOM   139 C CB  . ILE A 1 38  ? 0.693   3.220   6.775   1.00 8.71  ? 33  ILE A CB  1 
ATOM   140 C CG1 . ILE A 1 38  ? 1.397   3.026   5.428   1.00 9.51  ? 33  ILE A CG1 1 
ATOM   141 C CG2 . ILE A 1 38  ? -0.014  4.565   6.847   1.00 11.12 ? 33  ILE A CG2 1 
ATOM   142 C CD1 . ILE A 1 38  ? 0.430   2.999   4.253   1.00 11.38 ? 33  ILE A CD1 1 
ATOM   143 N N   . GLY A 1 39  ? 3.371   1.343   7.693   1.00 8.50  ? 34  GLY A N   1 
ATOM   144 C CA  . GLY A 1 39  ? 3.932   0.014   7.881   1.00 10.06 ? 34  GLY A CA  1 
ATOM   145 C C   . GLY A 1 39  ? 3.996   -0.872  6.655   1.00 8.37  ? 34  GLY A C   1 
ATOM   146 O O   . GLY A 1 39  ? 3.899   -2.087  6.785   1.00 9.17  ? 34  GLY A O   1 
ATOM   147 N N   . ILE A 1 40  ? 4.171   -0.284  5.476   1.00 8.23  ? 35  ILE A N   1 
ATOM   148 C CA  . ILE A 1 40  ? 4.378   -1.063  4.271   1.00 8.55  ? 35  ILE A CA  1 
ATOM   149 C C   . ILE A 1 40  ? 5.607   -0.600  3.538   1.00 8.12  ? 35  ILE A C   1 
ATOM   150 O O   . ILE A 1 40  ? 6.027   0.547   3.676   1.00 10.75 ? 35  ILE A O   1 
ATOM   151 C CB  . ILE A 1 40  ? 3.160   -1.016  3.302   1.00 8.76  ? 35  ILE A CB  1 
ATOM   152 C CG1 . ILE A 1 40  ? 2.911   0.386   2.742   1.00 9.54  ? 35  ILE A CG1 1 
ATOM   153 C CG2 . ILE A 1 40  ? 1.939   -1.620  3.975   1.00 10.61 ? 35  ILE A CG2 1 
ATOM   154 C CD1 . ILE A 1 40  ? 1.778   0.445   1.721   1.00 12.44 ? 35  ILE A CD1 1 
ATOM   155 N N   . SER A 1 41  ? 6.201   -1.512  2.790   1.00 7.96  ? 36  SER A N   1 
ATOM   156 C CA  A SER A 1 41  ? 7.144   -1.075  1.792   0.60 8.03  ? 36  SER A CA  1 
ATOM   157 C CA  B SER A 1 41  ? 7.211   -1.205  1.787   0.40 8.26  ? 36  SER A CA  1 
ATOM   158 C C   . SER A 1 41  ? 6.549   -1.308  0.430   1.00 7.65  ? 36  SER A C   1 
ATOM   159 O O   . SER A 1 41  ? 5.767   -2.238  0.211   1.00 9.32  ? 36  SER A O   1 
ATOM   160 C CB  A SER A 1 41  ? 8.488   -1.753  1.923   0.60 8.65  ? 36  SER A CB  1 
ATOM   161 C CB  B SER A 1 41  ? 8.366   -2.210  1.827   0.40 10.43 ? 36  SER A CB  1 
ATOM   162 O OG  A SER A 1 41  ? 8.306   -3.139  1.855   0.60 9.83  ? 36  SER A OG  1 
ATOM   163 O OG  B SER A 1 41  ? 9.256   -1.940  2.894   0.40 13.13 ? 36  SER A OG  1 
ATOM   164 N N   . ILE A 1 42  ? 6.891   -0.408  -0.473  1.00 8.19  ? 37  ILE A N   1 
ATOM   165 C CA  A ILE A 1 42  ? 6.376   -0.327  -1.834  0.66 10.21 ? 37  ILE A CA  1 
ATOM   166 C CA  B ILE A 1 42  ? 6.359   -0.511  -1.799  0.34 7.06  ? 37  ILE A CA  1 
ATOM   167 C C   . ILE A 1 42  ? 7.487   -0.661  -2.808  1.00 8.61  ? 37  ILE A C   1 
ATOM   168 O O   . ILE A 1 42  ? 8.579   -0.080  -2.715  1.00 9.64  ? 37  ILE A O   1 
ATOM   169 C CB  A ILE A 1 42  ? 5.957   1.127   -2.147  0.66 11.39 ? 37  ILE A CB  1 
ATOM   170 C CB  B ILE A 1 42  ? 5.406   0.634   -2.118  0.34 6.31  ? 37  ILE A CB  1 
ATOM   171 C CG1 A ILE A 1 42  ? 4.898   1.602   -1.150  0.66 14.85 ? 37  ILE A CG1 1 
ATOM   172 C CG1 B ILE A 1 42  ? 6.173   1.948   -2.249  0.34 6.69  ? 37  ILE A CG1 1 
ATOM   173 C CG2 A ILE A 1 42  ? 5.470   1.258   -3.590  0.66 13.00 ? 37  ILE A CG2 1 
ATOM   174 C CG2 B ILE A 1 42  ? 4.306   0.729   -1.035  0.34 8.02  ? 37  ILE A CG2 1 
ATOM   175 C CD1 A ILE A 1 42  ? 4.544   3.047   -1.303  0.66 17.37 ? 37  ILE A CD1 1 
ATOM   176 C CD1 B ILE A 1 42  ? 5.269   3.122   -2.543  0.34 10.78 ? 37  ILE A CD1 1 
ATOM   177 N N   . GLY A 1 43  ? 7.202   -1.513  -3.759  1.00 9.02  ? 38  GLY A N   1 
ATOM   178 C CA  . GLY A 1 43  ? 8.151   -1.911  -4.747  1.00 10.66 ? 38  GLY A CA  1 
ATOM   179 C C   . GLY A 1 43  ? 7.494   -1.967  -6.091  1.00 11.67 ? 38  GLY A C   1 
ATOM   180 O O   . GLY A 1 43  ? 6.434   -1.383  -6.332  1.00 11.73 ? 38  GLY A O   1 
ATOM   181 N N   . GLY A 1 44  ? 8.144   -2.689  -6.985  1.00 14.50 ? 39  GLY A N   1 
ATOM   182 C CA  . GLY A 1 44  ? 7.721   -2.738  -8.372  1.00 15.52 ? 39  GLY A CA  1 
ATOM   183 C C   . GLY A 1 44  ? 8.424   -1.680  -9.194  1.00 16.63 ? 39  GLY A C   1 
ATOM   184 O O   . GLY A 1 44  ? 9.589   -1.353  -8.946  1.00 18.82 ? 39  GLY A O   1 
ATOM   185 N N   . GLY A 1 45  ? 7.731   -1.164  -10.204 1.00 19.65 ? 40  GLY A N   1 
ATOM   186 C CA  . GLY A 1 45  ? 8.326   -0.184  -11.085 1.00 20.82 ? 40  GLY A CA  1 
ATOM   187 C C   . GLY A 1 45  ? 9.442   -0.775  -11.931 1.00 21.00 ? 40  GLY A C   1 
ATOM   188 O O   . GLY A 1 45  ? 10.356  -0.056  -12.333 1.00 25.21 ? 40  GLY A O   1 
ATOM   189 N N   . ALA A 1 46  ? 9.375   -2.079  -12.210 1.00 21.38 ? 41  ALA A N   1 
ATOM   190 C CA  . ALA A 1 46  ? 10.358  -2.727  -13.084 1.00 22.72 ? 41  ALA A CA  1 
ATOM   191 C C   . ALA A 1 46  ? 10.267  -2.159  -14.494 1.00 25.25 ? 41  ALA A C   1 
ATOM   192 O O   . ALA A 1 46  ? 9.257   -1.557  -14.868 1.00 26.46 ? 41  ALA A O   1 
ATOM   193 C CB  . ALA A 1 46  ? 10.135  -4.229  -13.113 1.00 22.54 ? 41  ALA A CB  1 
ATOM   194 N N   . GLN A 1 47  ? 11.329  -2.350  -15.273 1.00 27.09 ? 42  GLN A N   1 
ATOM   195 C CA  . GLN A 1 47  ? 11.350  -1.914  -16.665 1.00 28.43 ? 42  GLN A CA  1 
ATOM   196 C C   . GLN A 1 47  ? 10.246  -2.601  -17.465 1.00 29.78 ? 42  GLN A C   1 
ATOM   197 O O   . GLN A 1 47  ? 9.919   -3.762  -17.226 1.00 33.05 ? 42  GLN A O   1 
ATOM   198 C CB  . GLN A 1 47  ? 12.710  -2.221  -17.295 1.00 29.86 ? 42  GLN A CB  1 
ATOM   199 N N   . PRO A 1 50  ? 4.858   -0.663  -15.088 1.00 23.76 ? 45  PRO A N   1 
ATOM   200 C CA  . PRO A 1 50  ? 4.543   0.552   -14.338 1.00 23.92 ? 45  PRO A CA  1 
ATOM   201 C C   . PRO A 1 50  ? 3.832   0.295   -13.003 1.00 23.23 ? 45  PRO A C   1 
ATOM   202 O O   . PRO A 1 50  ? 3.730   1.203   -12.176 1.00 31.00 ? 45  PRO A O   1 
ATOM   203 C CB  . PRO A 1 50  ? 3.614   1.313   -15.292 1.00 25.95 ? 45  PRO A CB  1 
ATOM   204 C CG  . PRO A 1 50  ? 2.987   0.264   -16.112 1.00 27.27 ? 45  PRO A CG  1 
ATOM   205 C CD  . PRO A 1 50  ? 4.078   -0.745  -16.334 1.00 27.35 ? 45  PRO A CD  1 
ATOM   206 N N   . CYS A 1 51  ? 3.355   -0.924  -12.796 1.00 18.88 ? 46  CYS A N   1 
ATOM   207 C CA  . CYS A 1 51  ? 2.537   -1.234  -11.621 1.00 17.49 ? 46  CYS A CA  1 
ATOM   208 C C   . CYS A 1 51  ? 3.351   -1.263  -10.315 1.00 14.92 ? 46  CYS A C   1 
ATOM   209 O O   . CYS A 1 51  ? 4.493   -1.662  -10.298 1.00 15.01 ? 46  CYS A O   1 
ATOM   210 C CB  . CYS A 1 51  ? 1.787   -2.555  -11.846 1.00 17.42 ? 46  CYS A CB  1 
ATOM   211 S SG  . CYS A 1 51  ? 0.586   -2.472  -13.211 1.00 26.39 ? 46  CYS A SG  1 
ATOM   212 N N   . LEU A 1 52  ? 2.729   -0.848  -9.219  1.00 15.19 ? 47  LEU A N   1 
ATOM   213 C CA  . LEU A 1 52  ? 3.378   -0.780  -7.906  1.00 10.85 ? 47  LEU A CA  1 
ATOM   214 C C   . LEU A 1 52  ? 2.695   -1.762  -6.973  1.00 9.57  ? 47  LEU A C   1 
ATOM   215 O O   . LEU A 1 52  ? 1.489   -1.987  -7.075  1.00 9.76  ? 47  LEU A O   1 
ATOM   216 C CB  . LEU A 1 52  ? 3.262   0.634   -7.339  1.00 15.28 ? 47  LEU A CB  1 
ATOM   217 C CG  . LEU A 1 52  ? 4.016   1.777   -8.041  1.00 16.51 ? 47  LEU A CG  1 
ATOM   218 C CD1 . LEU A 1 52  ? 3.993   3.012   -7.152  1.00 19.62 ? 47  LEU A CD1 1 
ATOM   219 C CD2 . LEU A 1 52  ? 5.452   1.436   -8.451  1.00 18.00 ? 47  LEU A CD2 1 
ATOM   220 N N   . TYR A 1 53  ? 3.470   -2.325  -6.068  1.00 8.40  ? 48  TYR A N   1 
ATOM   221 C CA  A TYR A 1 53  ? 3.018   -3.393  -5.203  0.50 7.59  ? 48  TYR A CA  1 
ATOM   222 C CA  B TYR A 1 53  ? 2.931   -3.310  -5.163  0.50 7.56  ? 48  TYR A CA  1 
ATOM   223 C C   . TYR A 1 53  ? 3.529   -3.206  -3.786  1.00 7.92  ? 48  TYR A C   1 
ATOM   224 O O   . TYR A 1 53  ? 4.596   -2.615  -3.560  1.00 9.14  ? 48  TYR A O   1 
ATOM   225 C CB  A TYR A 1 53  ? 3.558   -4.729  -5.704  0.50 8.88  ? 48  TYR A CB  1 
ATOM   226 C CB  B TYR A 1 53  ? 3.105   -4.727  -5.709  0.50 8.42  ? 48  TYR A CB  1 
ATOM   227 C CG  A TYR A 1 53  ? 3.078   -5.157  -7.063  0.50 7.05  ? 48  TYR A CG  1 
ATOM   228 C CG  B TYR A 1 53  ? 4.504   -5.083  -6.147  0.50 9.60  ? 48  TYR A CG  1 
ATOM   229 C CD1 A TYR A 1 53  ? 1.914   -5.902  -7.201  0.50 7.65  ? 48  TYR A CD1 1 
ATOM   230 C CD1 B TYR A 1 53  ? 4.870   -4.967  -7.479  0.50 10.74 ? 48  TYR A CD1 1 
ATOM   231 C CD2 A TYR A 1 53  ? 3.795   -4.846  -8.206  0.50 8.89  ? 48  TYR A CD2 1 
ATOM   232 C CD2 B TYR A 1 53  ? 5.451   -5.567  -5.254  0.50 11.41 ? 48  TYR A CD2 1 
ATOM   233 C CE1 A TYR A 1 53  ? 1.476   -6.332  -8.444  0.50 9.64  ? 48  TYR A CE1 1 
ATOM   234 C CE1 B TYR A 1 53  ? 6.130   -5.310  -7.902  0.50 12.50 ? 48  TYR A CE1 1 
ATOM   235 C CE2 A TYR A 1 53  ? 3.357   -5.265  -9.464  0.50 9.14  ? 48  TYR A CE2 1 
ATOM   236 C CE2 B TYR A 1 53  ? 6.732   -5.918  -5.684  0.50 12.50 ? 48  TYR A CE2 1 
ATOM   237 C CZ  A TYR A 1 53  ? 2.193   -6.013  -9.567  0.50 9.04  ? 48  TYR A CZ  1 
ATOM   238 C CZ  B TYR A 1 53  ? 7.059   -5.771  -7.005  0.50 11.01 ? 48  TYR A CZ  1 
ATOM   239 O OH  A TYR A 1 53  ? 1.729   -6.442  -10.786 0.50 10.90 ? 48  TYR A OH  1 
ATOM   240 O OH  B TYR A 1 53  ? 8.310   -6.102  -7.464  0.50 13.95 ? 48  TYR A OH  1 
ATOM   241 N N   . ILE A 1 54  ? 2.794   -3.766  -2.841  1.00 8.13  ? 49  ILE A N   1 
ATOM   242 C CA  . ILE A 1 54  ? 3.277   -3.907  -1.490  1.00 8.48  ? 49  ILE A CA  1 
ATOM   243 C C   . ILE A 1 54  ? 4.278   -5.060  -1.446  1.00 8.59  ? 49  ILE A C   1 
ATOM   244 O O   . ILE A 1 54  ? 3.984   -6.170  -1.872  1.00 10.88 ? 49  ILE A O   1 
ATOM   245 C CB  . ILE A 1 54  ? 2.102   -4.176  -0.537  1.00 8.45  ? 49  ILE A CB  1 
ATOM   246 C CG1 . ILE A 1 54  ? 1.153   -2.969  -0.546  1.00 10.91 ? 49  ILE A CG1 1 
ATOM   247 C CG2 . ILE A 1 54  ? 2.617   -4.468  0.873   1.00 9.75  ? 49  ILE A CG2 1 
ATOM   248 C CD1 . ILE A 1 54  ? -0.087  -3.134  0.333   1.00 11.80 ? 49  ILE A CD1 1 
ATOM   249 N N   . VAL A 1 55  ? 5.471   -4.780  -0.949  1.00 8.21  ? 50  VAL A N   1 
ATOM   250 C CA  . VAL A 1 55  ? 6.550   -5.755  -0.802  1.00 9.42  ? 50  VAL A CA  1 
ATOM   251 C C   . VAL A 1 55  ? 6.547   -6.409  0.560   1.00 8.61  ? 50  VAL A C   1 
ATOM   252 O O   . VAL A 1 55  ? 6.793   -7.598  0.671   1.00 12.19 ? 50  VAL A O   1 
ATOM   253 C CB  . VAL A 1 55  ? 7.940   -5.044  -1.009  1.00 13.17 ? 50  VAL A CB  1 
ATOM   254 C CG1 . VAL A 1 55  ? 9.085   -5.953  -0.615  1.00 16.06 ? 50  VAL A CG1 1 
ATOM   255 C CG2 . VAL A 1 55  ? 8.095   -4.551  -2.459  1.00 14.43 ? 50  VAL A CG2 1 
ATOM   256 N N   . GLN A 1 56  ? 6.263   -5.629  1.596   1.00 8.62  ? 51  GLN A N   1 
ATOM   257 C CA  . GLN A 1 56  ? 6.309   -6.109  2.970   1.00 8.47  ? 51  GLN A CA  1 
ATOM   258 C C   . GLN A 1 56  ? 5.321   -5.316  3.809   1.00 7.32  ? 51  GLN A C   1 
ATOM   259 O O   . GLN A 1 56  ? 5.132   -4.122  3.592   1.00 8.16  ? 51  GLN A O   1 
ATOM   260 C CB  . GLN A 1 56  ? 7.720   -5.951  3.538   1.00 9.61  ? 51  GLN A CB  1 
ATOM   261 C CG  . GLN A 1 56  ? 7.912   -6.548  4.932   1.00 11.06 ? 51  GLN A CG  1 
ATOM   262 C CD  . GLN A 1 56  ? 9.361   -6.645  5.348   1.00 13.09 ? 51  GLN A CD  1 
ATOM   263 O OE1 . GLN A 1 56  ? 10.275  -6.210  4.631   1.00 15.72 ? 51  GLN A OE1 1 
ATOM   264 N NE2 . GLN A 1 56  ? 9.585   -7.209  6.531   1.00 16.88 ? 51  GLN A NE2 1 
ATOM   265 N N   . VAL A 1 57  ? 4.698   -6.004  4.755   1.00 7.54  ? 52  VAL A N   1 
ATOM   266 C CA  . VAL A 1 57  ? 3.886   -5.402  5.800   1.00 7.61  ? 52  VAL A CA  1 
ATOM   267 C C   . VAL A 1 57  ? 4.657   -5.630  7.094   1.00 8.63  ? 52  VAL A C   1 
ATOM   268 O O   . VAL A 1 57  ? 4.971   -6.763  7.454   1.00 10.33 ? 52  VAL A O   1 
ATOM   269 C CB  . VAL A 1 57  ? 2.482   -6.031  5.875   1.00 8.73  ? 52  VAL A CB  1 
ATOM   270 C CG1 . VAL A 1 57  ? 1.683   -5.402  7.003   1.00 11.56 ? 52  VAL A CG1 1 
ATOM   271 C CG2 . VAL A 1 57  ? 1.750   -5.868  4.534   1.00 9.79  ? 52  VAL A CG2 1 
ATOM   272 N N   . PHE A 1 58  ? 4.986   -4.547  7.786   1.00 8.53  ? 53  PHE A N   1 
ATOM   273 C CA  . PHE A 1 58  ? 5.858   -4.599  8.956   1.00 10.82 ? 53  PHE A CA  1 
ATOM   274 C C   . PHE A 1 58  ? 5.073   -4.873  10.224  1.00 10.83 ? 53  PHE A C   1 
ATOM   275 O O   . PHE A 1 58  ? 3.991   -4.323  10.459  1.00 10.36 ? 53  PHE A O   1 
ATOM   276 C CB  . PHE A 1 58  ? 6.649   -3.295  9.073   1.00 11.62 ? 53  PHE A CB  1 
ATOM   277 C CG  . PHE A 1 58  ? 7.683   -3.156  8.006   1.00 11.72 ? 53  PHE A CG  1 
ATOM   278 C CD1 . PHE A 1 58  ? 8.967   -3.627  8.209   1.00 15.67 ? 53  PHE A CD1 1 
ATOM   279 C CD2 . PHE A 1 58  ? 7.366   -2.619  6.776   1.00 12.48 ? 53  PHE A CD2 1 
ATOM   280 C CE1 . PHE A 1 58  ? 9.918   -3.534  7.206   1.00 16.36 ? 53  PHE A CE1 1 
ATOM   281 C CE2 . PHE A 1 58  ? 8.304   -2.524  5.781   1.00 13.84 ? 53  PHE A CE2 1 
ATOM   282 C CZ  . PHE A 1 58  ? 9.584   -2.978  5.990   1.00 15.48 ? 53  PHE A CZ  1 
ATOM   283 N N   . ASP A 1 59  ? 5.648   -5.710  11.072  1.00 13.33 ? 54  ASP A N   1 
ATOM   284 C CA  . ASP A 1 59  ? 5.014   -6.076  12.331  1.00 14.69 ? 54  ASP A CA  1 
ATOM   285 C C   . ASP A 1 59  ? 4.733   -4.858  13.217  1.00 14.05 ? 54  ASP A C   1 
ATOM   286 O O   . ASP A 1 59  ? 5.508   -3.903  13.223  1.00 16.57 ? 54  ASP A O   1 
ATOM   287 C CB  . ASP A 1 59  ? 5.904   -7.040  13.112  1.00 17.86 ? 54  ASP A CB  1 
ATOM   288 C CG  . ASP A 1 59  ? 6.047   -8.401  12.447  1.00 20.32 ? 54  ASP A CG  1 
ATOM   289 O OD1 . ASP A 1 59  ? 5.256   -8.748  11.544  1.00 23.73 ? 54  ASP A OD1 1 
ATOM   290 O OD2 . ASP A 1 59  ? 6.958   -9.150  12.868  1.00 27.58 ? 54  ASP A OD2 1 
ATOM   291 N N   A ASN A 1 60  ? 3.704   -4.844  14.050  0.50 14.46 ? 55  ASN A N   1 
ATOM   292 N N   B ASN A 1 60  ? 3.504   -4.957  13.758  0.50 14.18 ? 55  ASN A N   1 
ATOM   293 C CA  A ASN A 1 60  ? 3.546   -3.712  15.002  0.50 12.27 ? 55  ASN A CA  1 
ATOM   294 C CA  B ASN A 1 60  ? 2.893   -4.151  14.813  0.50 12.68 ? 55  ASN A CA  1 
ATOM   295 C C   A ASN A 1 60  ? 3.415   -2.358  14.320  0.50 12.63 ? 55  ASN A C   1 
ATOM   296 C C   B ASN A 1 60  ? 2.560   -2.720  14.395  0.50 11.84 ? 55  ASN A C   1 
ATOM   297 O O   A ASN A 1 60  ? 3.917   -1.339  14.817  0.50 16.64 ? 55  ASN A O   1 
ATOM   298 O O   B ASN A 1 60  ? 2.195   -1.906  15.225  0.50 13.57 ? 55  ASN A O   1 
ATOM   299 C CB  A ASN A 1 60  ? 4.695   -3.671  16.016  0.50 13.27 ? 55  ASN A CB  1 
ATOM   300 C CB  B ASN A 1 60  ? 3.742   -4.235  16.083  0.50 13.01 ? 55  ASN A CB  1 
ATOM   301 C CG  A ASN A 1 60  ? 4.965   -5.013  16.620  0.50 12.80 ? 55  ASN A CG  1 
ATOM   302 C CG  B ASN A 1 60  ? 3.824   -5.659  16.620  0.50 13.48 ? 55  ASN A CG  1 
ATOM   303 O OD1 A ASN A 1 60  ? 4.056   -5.666  17.125  0.50 16.70 ? 55  ASN A OD1 1 
ATOM   304 O OD1 B ASN A 1 60  ? 2.806   -6.274  16.942  0.50 15.96 ? 55  ASN A OD1 1 
ATOM   305 N ND2 A ASN A 1 60  ? 6.216   -5.449  16.555  0.50 16.52 ? 55  ASN A ND2 1 
ATOM   306 N ND2 B ASN A 1 60  ? 5.032   -6.198  16.683  0.50 15.93 ? 55  ASN A ND2 1 
ATOM   307 N N   A THR A 1 61  ? 2.717   -2.361  13.186  0.50 12.05 ? 56  THR A N   1 
ATOM   308 N N   B THR A 1 61  ? 2.663   -2.447  13.093  0.50 11.07 ? 56  THR A N   1 
ATOM   309 C CA  . THR A 1 61  ? 2.381   -1.138  12.493  1.00 10.47 ? 56  THR A CA  1 
ATOM   310 C C   . THR A 1 61  ? 0.887   -1.077  12.169  1.00 9.64  ? 56  THR A C   1 
ATOM   311 O O   . THR A 1 61  ? 0.198   -2.106  12.204  1.00 9.92  ? 56  THR A O   1 
ATOM   312 C CB  . THR A 1 61  ? 3.148   -0.983  11.186  1.00 10.77 ? 56  THR A CB  1 
ATOM   313 O OG1 . THR A 1 61  ? 2.697   -1.975  10.252  1.00 9.88  ? 56  THR A OG1 1 
ATOM   314 C CG2 . THR A 1 61  ? 4.644   -1.116  11.406  1.00 12.62 ? 56  THR A CG2 1 
ATOM   315 N N   . PRO A 1 62  ? 0.361   0.110   11.833  1.00 9.27  ? 57  PRO A N   1 
ATOM   316 C CA  . PRO A 1 62  ? -1.059  0.197   11.475  1.00 8.87  ? 57  PRO A CA  1 
ATOM   317 C C   . PRO A 1 62  ? -1.489  -0.807  10.401  1.00 7.89  ? 57  PRO A C   1 
ATOM   318 O O   . PRO A 1 62  ? -2.546  -1.434  10.536  1.00 7.75  ? 57  PRO A O   1 
ATOM   319 C CB  . PRO A 1 62  ? -1.206  1.662   11.022  1.00 9.02  ? 57  PRO A CB  1 
ATOM   320 C CG  . PRO A 1 62  ? -0.181  2.382   11.870  1.00 10.62 ? 57  PRO A CG  1 
ATOM   321 C CD  . PRO A 1 62  ? 0.994   1.442   11.871  1.00 10.62 ? 57  PRO A CD  1 
ATOM   322 N N   . ALA A 1 63  ? -0.694  -0.979  9.354   1.00 7.02  ? 58  ALA A N   1 
ATOM   323 C CA  . ALA A 1 63  ? -1.061  -1.893  8.273   1.00 7.61  ? 58  ALA A CA  1 
ATOM   324 C C   . ALA A 1 63  ? -1.190  -3.323  8.782   1.00 7.63  ? 58  ALA A C   1 
ATOM   325 O O   . ALA A 1 63  ? -2.068  -4.062  8.351   1.00 8.45  ? 58  ALA A O   1 
ATOM   326 C CB  . ALA A 1 63  ? -0.040  -1.828  7.144   1.00 8.24  ? 58  ALA A CB  1 
ATOM   327 N N   . ALA A 1 64  ? -0.276  -3.723  9.664   1.00 8.41  ? 59  ALA A N   1 
ATOM   328 C CA  . ALA A 1 64  ? -0.323  -5.055  10.270  1.00 9.15  ? 59  ALA A CA  1 
ATOM   329 C C   . ALA A 1 64  ? -1.502  -5.202  11.222  1.00 9.22  ? 59  ALA A C   1 
ATOM   330 O O   . ALA A 1 64  ? -2.187  -6.226  11.197  1.00 12.32 ? 59  ALA A O   1 
ATOM   331 C CB  . ALA A 1 64  ? 0.981   -5.365  10.993  1.00 11.20 ? 59  ALA A CB  1 
ATOM   332 N N   . LEU A 1 65  ? -1.728  -4.196  12.057  1.00 9.22  ? 60  LEU A N   1 
ATOM   333 C CA  . LEU A 1 65  ? -2.819  -4.252  13.027  1.00 10.67 ? 60  LEU A CA  1 
ATOM   334 C C   . LEU A 1 65  ? -4.150  -4.434  12.316  1.00 9.24  ? 60  LEU A C   1 
ATOM   335 O O   . LEU A 1 65  ? -5.037  -5.116  12.821  1.00 10.12 ? 60  LEU A O   1 
ATOM   336 C CB  . LEU A 1 65  ? -2.879  -2.979  13.873  1.00 9.70  ? 60  LEU A CB  1 
ATOM   337 C CG  . LEU A 1 65  ? -1.722  -2.751  14.855  1.00 11.16 ? 60  LEU A CG  1 
ATOM   338 C CD1 . LEU A 1 65  ? -1.763  -1.347  15.408  1.00 14.13 ? 60  LEU A CD1 1 
ATOM   339 C CD2 . LEU A 1 65  ? -1.787  -3.762  15.988  1.00 15.58 ? 60  LEU A CD2 1 
ATOM   340 N N   . ASP A 1 66  ? -4.298  -3.805  11.164  1.00 8.64  ? 61  ASP A N   1 
ATOM   341 C CA  . ASP A 1 66  ? -5.563  -3.807  10.448  1.00 8.68  ? 61  ASP A CA  1 
ATOM   342 C C   . ASP A 1 66  ? -5.798  -5.107  9.697   1.00 9.41  ? 61  ASP A C   1 
ATOM   343 O O   . ASP A 1 66  ? -6.940  -5.539  9.537   1.00 11.88 ? 61  ASP A O   1 
ATOM   344 C CB  . ASP A 1 66  ? -5.600  -2.621  9.503   1.00 8.64  ? 61  ASP A CB  1 
ATOM   345 C CG  . ASP A 1 66  ? -6.743  -2.705  8.550   1.00 9.45  ? 61  ASP A CG  1 
ATOM   346 O OD1 . ASP A 1 66  ? -7.881  -2.479  8.990   1.00 11.89 ? 61  ASP A OD1 1 
ATOM   347 O OD2 . ASP A 1 66  ? -6.498  -3.046  7.385   1.00 10.32 ? 61  ASP A OD2 1 
ATOM   348 N N   . GLY A 1 67  ? -4.735  -5.713  9.202   1.00 9.61  ? 62  GLY A N   1 
ATOM   349 C CA  . GLY A 1 67  ? -4.829  -7.033  8.609   1.00 12.50 ? 62  GLY A CA  1 
ATOM   350 C C   . GLY A 1 67  ? -5.337  -7.119  7.178   1.00 11.62 ? 62  GLY A C   1 
ATOM   351 O O   . GLY A 1 67  ? -5.413  -8.220  6.644   1.00 15.92 ? 62  GLY A O   1 
ATOM   352 N N   . THR A 1 68  ? -5.658  -6.002  6.535   1.00 9.97  ? 63  THR A N   1 
ATOM   353 C CA  . THR A 1 68  ? -6.261  -6.026  5.205   1.00 11.02 ? 63  THR A CA  1 
ATOM   354 C C   . THR A 1 68  ? -5.202  -6.229  4.129   1.00 9.12  ? 63  THR A C   1 
ATOM   355 O O   . THR A 1 68  ? -5.290  -7.146  3.315   1.00 13.37 ? 63  THR A O   1 
ATOM   356 C CB  . THR A 1 68  ? -7.042  -4.706  4.935   1.00 11.86 ? 63  THR A CB  1 
ATOM   357 O OG1 . THR A 1 68  ? -8.027  -4.498  5.954   1.00 13.93 ? 63  THR A OG1 1 
ATOM   358 C CG2 . THR A 1 68  ? -7.714  -4.743  3.572   1.00 14.73 ? 63  THR A CG2 1 
ATOM   359 N N   . VAL A 1 69  ? -4.200  -5.364  4.110   1.00 8.34  ? 64  VAL A N   1 
ATOM   360 C CA  . VAL A 1 69  ? -3.223  -5.406  3.026   1.00 8.52  ? 64  VAL A CA  1 
ATOM   361 C C   . VAL A 1 69  ? -2.166  -6.483  3.266   1.00 8.21  ? 64  VAL A C   1 
ATOM   362 O O   . VAL A 1 69  ? -1.914  -6.895  4.402   1.00 10.08 ? 64  VAL A O   1 
ATOM   363 C CB  . VAL A 1 69  ? -2.568  -4.043  2.765   1.00 9.13  ? 64  VAL A CB  1 
ATOM   364 C CG1 . VAL A 1 69  ? -3.605  -2.982  2.437   1.00 12.56 ? 64  VAL A CG1 1 
ATOM   365 C CG2 . VAL A 1 69  ? -1.688  -3.611  3.936   1.00 11.37 ? 64  VAL A CG2 1 
ATOM   366 N N   . ALA A 1 70  ? -1.549  -6.924  2.177   1.00 8.39  ? 65  ALA A N   1 
ATOM   367 C CA  . ALA A 1 70  ? -0.609  -8.032  2.204   1.00 9.58  ? 65  ALA A CA  1 
ATOM   368 C C   . ALA A 1 70  ? 0.452   -7.832  1.146   1.00 7.16  ? 65  ALA A C   1 
ATOM   369 O O   . ALA A 1 70  ? 0.214   -7.212  0.118   1.00 7.40  ? 65  ALA A O   1 
ATOM   370 C CB  . ALA A 1 70  ? -1.321  -9.359  1.954   1.00 11.73 ? 65  ALA A CB  1 
ATOM   371 N N   . ALA A 1 71  ? 1.612   -8.442  1.382   1.00 9.09  ? 66  ALA A N   1 
ATOM   372 C CA  . ALA A 1 71  ? 2.641   -8.527  0.353   1.00 9.37  ? 66  ALA A CA  1 
ATOM   373 C C   . ALA A 1 71  ? 2.029   -9.084  -0.930  1.00 8.25  ? 66  ALA A C   1 
ATOM   374 O O   . ALA A 1 71  ? 1.291   -10.067 -0.902  1.00 9.53  ? 66  ALA A O   1 
ATOM   375 C CB  . ALA A 1 71  ? 3.797   -9.419  0.801   1.00 12.57 ? 66  ALA A CB  1 
ATOM   376 N N   . GLY A 1 72  ? 2.362   -8.451  -2.049  1.00 8.81  ? 67  GLY A N   1 
ATOM   377 C CA  . GLY A 1 72  ? 1.867   -8.827  -3.354  1.00 9.48  ? 67  GLY A CA  1 
ATOM   378 C C   . GLY A 1 72  ? 0.686   -8.018  -3.823  1.00 8.77  ? 67  GLY A C   1 
ATOM   379 O O   . GLY A 1 72  ? 0.357   -8.040  -5.012  1.00 11.33 ? 67  GLY A O   1 
ATOM   380 N N   . ASP A 1 73  ? 0.006   -7.309  -2.921  1.00 7.58  ? 68  ASP A N   1 
ATOM   381 C CA  . ASP A 1 73  ? -1.123  -6.519  -3.363  1.00 7.15  ? 68  ASP A CA  1 
ATOM   382 C C   . ASP A 1 73  ? -0.657  -5.371  -4.251  1.00 7.59  ? 68  ASP A C   1 
ATOM   383 O O   . ASP A 1 73  ? 0.330   -4.703  -3.961  1.00 8.30  ? 68  ASP A O   1 
ATOM   384 C CB  . ASP A 1 73  ? -1.883  -5.970  -2.168  1.00 7.11  ? 68  ASP A CB  1 
ATOM   385 C CG  . ASP A 1 73  ? -2.579  -7.054  -1.349  1.00 8.73  ? 68  ASP A CG  1 
ATOM   386 O OD1 . ASP A 1 73  ? -2.673  -8.222  -1.803  1.00 10.92 ? 68  ASP A OD1 1 
ATOM   387 O OD2 . ASP A 1 73  ? -3.031  -6.704  -0.249  1.00 10.99 ? 68  ASP A OD2 1 
ATOM   388 N N   . GLU A 1 74  ? -1.409  -5.120  -5.314  1.00 8.30  ? 69  GLU A N   1 
ATOM   389 C CA  . GLU A 1 74  ? -1.170  -3.989  -6.179  1.00 8.43  ? 69  GLU A CA  1 
ATOM   390 C C   . GLU A 1 74  ? -1.743  -2.743  -5.546  1.00 8.41  ? 69  GLU A C   1 
ATOM   391 O O   . GLU A 1 74  ? -2.869  -2.769  -5.061  1.00 10.44 ? 69  GLU A O   1 
ATOM   392 C CB  . GLU A 1 74  ? -1.828  -4.222  -7.539  1.00 10.17 ? 69  GLU A CB  1 
ATOM   393 C CG  . GLU A 1 74  ? -1.508  -3.119  -8.539  1.00 13.29 ? 69  GLU A CG  1 
ATOM   394 C CD  . GLU A 1 74  ? -2.279  -3.228  -9.836  1.00 17.33 ? 69  GLU A CD  1 
ATOM   395 O OE1 . GLU A 1 74  ? -3.161  -4.108  -9.969  1.00 19.89 ? 69  GLU A OE1 1 
ATOM   396 O OE2 . GLU A 1 74  ? -2.012  -2.401  -10.732 1.00 20.36 ? 69  GLU A OE2 1 
ATOM   397 N N   . ILE A 1 75  ? -0.980  -1.655  -5.559  1.00 8.15  ? 70  ILE A N   1 
ATOM   398 C CA  . ILE A 1 75  ? -1.478  -0.364  -5.135  1.00 8.11  ? 70  ILE A CA  1 
ATOM   399 C C   . ILE A 1 75  ? -2.001  0.347   -6.358  1.00 9.09  ? 70  ILE A C   1 
ATOM   400 O O   . ILE A 1 75  ? -1.277  0.511   -7.341  1.00 10.44 ? 70  ILE A O   1 
ATOM   401 C CB  . ILE A 1 75  ? -0.369  0.476   -4.483  1.00 9.79  ? 70  ILE A CB  1 
ATOM   402 C CG1 . ILE A 1 75  ? 0.188   -0.244  -3.248  1.00 13.12 ? 70  ILE A CG1 1 
ATOM   403 C CG2 . ILE A 1 75  ? -0.883  1.880   -4.134  1.00 11.80 ? 70  ILE A CG2 1 
ATOM   404 C CD1 . ILE A 1 75  ? 1.447   0.372   -2.698  1.00 18.10 ? 70  ILE A CD1 1 
ATOM   405 N N   . THR A 1 76  ? -3.248  0.786   -6.301  1.00 9.20  ? 71  THR A N   1 
ATOM   406 C CA  . THR A 1 76  ? -3.856  1.453   -7.449  1.00 10.64 ? 71  THR A CA  1 
ATOM   407 C C   . THR A 1 76  ? -4.185  2.919   -7.195  1.00 9.52  ? 71  THR A C   1 
ATOM   408 O O   . THR A 1 76  ? -4.446  3.675   -8.140  1.00 12.78 ? 71  THR A O   1 
ATOM   409 C CB  . THR A 1 76  ? -5.113  0.729   -7.859  1.00 14.54 ? 71  THR A CB  1 
ATOM   410 O OG1 . THR A 1 76  ? -6.035  0.710   -6.754  1.00 15.37 ? 71  THR A OG1 1 
ATOM   411 C CG2 . THR A 1 76  ? -4.782  -0.695  -8.305  1.00 17.77 ? 71  THR A CG2 1 
ATOM   412 N N   . GLY A 1 77  ? -4.159  3.350   -5.946  1.00 7.79  ? 72  GLY A N   1 
ATOM   413 C CA  . GLY A 1 77  ? -4.533  4.714   -5.662  1.00 7.21  ? 72  GLY A CA  1 
ATOM   414 C C   . GLY A 1 77  ? -4.133  5.085   -4.260  1.00 6.62  ? 72  GLY A C   1 
ATOM   415 O O   . GLY A 1 77  ? -3.880  4.212   -3.417  1.00 7.08  ? 72  GLY A O   1 
ATOM   416 N N   . VAL A 1 78  ? -4.125  6.385   -4.012  1.00 6.53  ? 73  VAL A N   1 
ATOM   417 C CA  . VAL A 1 78  ? -3.831  6.946   -2.712  1.00 6.33  ? 73  VAL A CA  1 
ATOM   418 C C   . VAL A 1 78  ? -4.790  8.103   -2.490  1.00 6.63  ? 73  VAL A C   1 
ATOM   419 O O   . VAL A 1 78  ? -4.890  9.007   -3.327  1.00 7.43  ? 73  VAL A O   1 
ATOM   420 C CB  . VAL A 1 78  ? -2.372  7.469   -2.642  1.00 7.78  ? 73  VAL A CB  1 
ATOM   421 C CG1 . VAL A 1 78  ? -2.112  8.131   -1.294  1.00 8.74  ? 73  VAL A CG1 1 
ATOM   422 C CG2 . VAL A 1 78  ? -1.392  6.324   -2.852  1.00 9.10  ? 73  VAL A CG2 1 
ATOM   423 N N   . ASN A 1 79  ? -5.500  8.085   -1.372  1.00 6.47  ? 74  ASN A N   1 
ATOM   424 C CA  . ASN A 1 79  ? -6.404  9.181   -1.028  1.00 7.32  ? 74  ASN A CA  1 
ATOM   425 C C   . ASN A 1 79  ? -7.342  9.549   -2.177  1.00 7.24  ? 74  ASN A C   1 
ATOM   426 O O   . ASN A 1 79  ? -7.505  10.722  -2.516  1.00 8.46  ? 74  ASN A O   1 
ATOM   427 C CB  . ASN A 1 79  ? -5.640  10.412  -0.530  1.00 8.30  ? 74  ASN A CB  1 
ATOM   428 C CG  . ASN A 1 79  ? -5.293  10.321  0.918   1.00 10.60 ? 74  ASN A CG  1 
ATOM   429 O OD1 . ASN A 1 79  ? -5.697  9.397   1.634   1.00 11.32 ? 74  ASN A OD1 1 
ATOM   430 N ND2 . ASN A 1 79  ? -4.527  11.291  1.373   1.00 13.98 ? 74  ASN A ND2 1 
ATOM   431 N N   . GLY A 1 80  ? -7.974  8.541   -2.763  1.00 7.28  ? 75  GLY A N   1 
ATOM   432 C CA  . GLY A 1 80  ? -8.961  8.749   -3.825  1.00 8.13  ? 75  GLY A CA  1 
ATOM   433 C C   . GLY A 1 80  ? -8.404  8.941   -5.213  1.00 7.95  ? 75  GLY A C   1 
ATOM   434 O O   . GLY A 1 80  ? -9.167  8.880   -6.177  1.00 9.98  ? 75  GLY A O   1 
ATOM   435 N N   . ARG A 1 81  ? -7.101  9.184   -5.336  1.00 7.98  ? 76  ARG A N   1 
ATOM   436 C CA  . ARG A 1 81  ? -6.477  9.531   -6.602  1.00 7.89  ? 76  ARG A CA  1 
ATOM   437 C C   . ARG A 1 81  ? -5.734  8.354   -7.187  1.00 7.93  ? 76  ARG A C   1 
ATOM   438 O O   . ARG A 1 81  ? -4.985  7.643   -6.507  1.00 9.61  ? 76  ARG A O   1 
ATOM   439 C CB  . ARG A 1 81  ? -5.530  10.720  -6.405  1.00 10.02 ? 76  ARG A CB  1 
ATOM   440 C CG  . ARG A 1 81  ? -4.875  11.255  -7.674  1.00 11.48 ? 76  ARG A CG  1 
ATOM   441 C CD  . ARG A 1 81  ? -3.830  12.319  -7.386  1.00 14.23 ? 76  ARG A CD  1 
ATOM   442 N NE  . ARG A 1 81  ? -4.479  13.582  -7.058  1.00 18.40 ? 76  ARG A NE  1 
ATOM   443 C CZ  . ARG A 1 81  ? -4.431  14.707  -7.789  1.00 20.04 ? 76  ARG A CZ  1 
ATOM   444 N NH1 . ARG A 1 81  ? -3.725  14.801  -8.921  1.00 21.36 ? 76  ARG A NH1 1 
ATOM   445 N NH2 . ARG A 1 81  ? -5.104  15.767  -7.370  1.00 20.98 ? 76  ARG A NH2 1 
ATOM   446 N N   . SER A 1 82  ? -5.911  8.153   -8.480  1.00 8.93  ? 77  SER A N   1 
ATOM   447 C CA  . SER A 1 82  ? -5.142  7.146   -9.176  1.00 10.05 ? 77  SER A CA  1 
ATOM   448 C C   . SER A 1 82  ? -3.654  7.450   -9.124  1.00 8.69  ? 77  SER A C   1 
ATOM   449 O O   . SER A 1 82  ? -3.227  8.596   -9.106  1.00 11.02 ? 77  SER A O   1 
ATOM   450 C CB  . SER A 1 82  ? -5.598  7.084   -10.617 1.00 12.45 ? 77  SER A CB  1 
ATOM   451 O OG  . SER A 1 82  ? -4.889  6.079   -11.298 1.00 15.94 ? 77  SER A OG  1 
ATOM   452 N N   . ILE A 1 83  ? -2.861  6.391   -9.124  1.00 9.75  ? 78  ILE A N   1 
ATOM   453 C CA  A ILE A 1 83  ? -1.414  6.589   -9.245  0.70 9.33  ? 78  ILE A CA  1 
ATOM   454 C CA  B ILE A 1 83  ? -1.403  6.459   -9.203  0.30 11.71 ? 78  ILE A CA  1 
ATOM   455 C C   . ILE A 1 83  ? -0.896  6.186   -10.621 1.00 11.13 ? 78  ILE A C   1 
ATOM   456 O O   . ILE A 1 83  ? 0.303   6.089   -10.843 1.00 12.51 ? 78  ILE A O   1 
ATOM   457 C CB  A ILE A 1 83  ? -0.613  5.872   -8.145  0.70 10.47 ? 78  ILE A CB  1 
ATOM   458 C CB  B ILE A 1 83  ? -0.767  5.395   -8.263  0.30 14.58 ? 78  ILE A CB  1 
ATOM   459 C CG1 A ILE A 1 83  ? -0.894  4.350   -8.151  0.70 13.33 ? 78  ILE A CG1 1 
ATOM   460 C CG1 B ILE A 1 83  ? -1.040  5.733   -6.799  0.30 12.46 ? 78  ILE A CG1 1 
ATOM   461 C CG2 A ILE A 1 83  ? -0.939  6.491   -6.809  0.70 14.73 ? 78  ILE A CG2 1 
ATOM   462 C CG2 B ILE A 1 83  ? 0.732   5.268   -8.482  0.30 17.95 ? 78  ILE A CG2 1 
ATOM   463 C CD1 A ILE A 1 83  ? 0.141   3.517   -7.431  0.70 14.59 ? 78  ILE A CD1 1 
ATOM   464 C CD1 B ILE A 1 83  ? -0.789  7.191   -6.448  0.30 15.43 ? 78  ILE A CD1 1 
ATOM   465 N N   . LYS A 1 84  ? -1.801  5.992   -11.576 1.00 12.01 ? 79  LYS A N   1 
ATOM   466 C CA  . LYS A 1 84  ? -1.382  5.655   -12.935 1.00 14.56 ? 79  LYS A CA  1 
ATOM   467 C C   . LYS A 1 84  ? -0.451  6.754   -13.472 1.00 15.67 ? 79  LYS A C   1 
ATOM   468 O O   . LYS A 1 84  ? -0.734  7.933   -13.307 1.00 18.71 ? 79  LYS A O   1 
ATOM   469 C CB  . LYS A 1 84  ? -2.611  5.483   -13.835 1.00 15.23 ? 79  LYS A CB  1 
ATOM   470 C CG  . LYS A 1 84  ? -2.344  4.850   -15.166 1.00 18.23 ? 79  LYS A CG  1 
ATOM   471 C CD  . LYS A 1 84  ? -3.591  4.837   -16.016 1.00 20.13 ? 79  LYS A CD  1 
ATOM   472 N N   . GLY A 1 85  ? 0.675   6.363   -14.066 1.00 19.40 ? 80  GLY A N   1 
ATOM   473 C CA  . GLY A 1 85  ? 1.647   7.326   -14.589 1.00 20.68 ? 80  GLY A CA  1 
ATOM   474 C C   . GLY A 1 85  ? 2.584   7.957   -13.562 1.00 20.06 ? 80  GLY A C   1 
ATOM   475 O O   . GLY A 1 85  ? 3.404   8.813   -13.914 1.00 22.88 ? 80  GLY A O   1 
ATOM   476 N N   . LYS A 1 86  ? 2.478   7.549   -12.299 1.00 17.03 ? 81  LYS A N   1 
ATOM   477 C CA  . LYS A 1 86  ? 3.403   8.025   -11.275 1.00 16.18 ? 81  LYS A CA  1 
ATOM   478 C C   . LYS A 1 86  ? 4.482   6.993   -11.065 1.00 16.03 ? 81  LYS A C   1 
ATOM   479 O O   . LYS A 1 86  ? 4.245   5.791   -11.180 1.00 18.00 ? 81  LYS A O   1 
ATOM   480 C CB  . LYS A 1 86  ? 2.678   8.278   -9.957  1.00 15.20 ? 81  LYS A CB  1 
ATOM   481 C CG  . LYS A 1 86  ? 1.557   9.300   -10.052 1.00 19.62 ? 81  LYS A CG  1 
ATOM   482 C CD  . LYS A 1 86  ? 2.032   10.649  -10.576 1.00 25.06 ? 81  LYS A CD  1 
ATOM   483 N N   . THR A 1 87  ? 5.678   7.456   -10.742 1.00 13.88 ? 82  THR A N   1 
ATOM   484 C CA  . THR A 1 87  ? 6.747   6.526   -10.481 1.00 13.60 ? 82  THR A CA  1 
ATOM   485 C C   . THR A 1 87  ? 6.621   6.007   -9.054  1.00 11.95 ? 82  THR A C   1 
ATOM   486 O O   . THR A 1 87  ? 5.942   6.567   -8.180  1.00 10.95 ? 82  THR A O   1 
ATOM   487 C CB  . THR A 1 87  ? 8.114   7.156   -10.636 1.00 15.28 ? 82  THR A CB  1 
ATOM   488 O OG1 . THR A 1 87  ? 8.238   8.171   -9.646  1.00 14.60 ? 82  THR A OG1 1 
ATOM   489 C CG2 . THR A 1 87  ? 8.298   7.756   -12.044 1.00 17.75 ? 82  THR A CG2 1 
ATOM   490 N N   . LYS A 1 88  ? 7.323   4.924   -8.825  1.00 12.09 ? 83  LYS A N   1 
ATOM   491 C CA  . LYS A 1 88  ? 7.406   4.343   -7.517  1.00 11.38 ? 83  LYS A CA  1 
ATOM   492 C C   . LYS A 1 88  ? 7.809   5.354   -6.422  1.00 10.36 ? 83  LYS A C   1 
ATOM   493 O O   . LYS A 1 88  ? 7.173   5.451   -5.360  1.00 10.20 ? 83  LYS A O   1 
ATOM   494 C CB  . LYS A 1 88  ? 8.401   3.213   -7.605  1.00 11.72 ? 83  LYS A CB  1 
ATOM   495 C CG  . LYS A 1 88  ? 8.655   2.538   -6.303  1.00 11.03 ? 83  LYS A CG  1 
ATOM   496 C CD  . LYS A 1 88  ? 9.454   1.237   -6.491  1.00 12.43 ? 83  LYS A CD  1 
ATOM   497 C CE  . LYS A 1 88  ? 10.753  1.404   -7.240  1.00 13.47 ? 83  LYS A CE  1 
ATOM   498 N NZ  . LYS A 1 88  ? 11.444  0.102   -7.470  1.00 14.11 ? 83  LYS A NZ  1 
ATOM   499 N N   . VAL A 1 89  ? 8.863   6.113   -6.666  1.00 9.70  ? 84  VAL A N   1 
ATOM   500 C CA  . VAL A 1 89  ? 9.292   7.081   -5.675  1.00 9.34  ? 84  VAL A CA  1 
ATOM   501 C C   . VAL A 1 89  ? 8.281   8.215   -5.505  1.00 9.29  ? 84  VAL A C   1 
ATOM   502 O O   . VAL A 1 89  ? 8.085   8.719   -4.402  1.00 10.12 ? 84  VAL A O   1 
ATOM   503 C CB  . VAL A 1 89  ? 10.712  7.615   -5.980  1.00 10.01 ? 84  VAL A CB  1 
ATOM   504 C CG1 . VAL A 1 89  ? 10.748  8.480   -7.251  1.00 12.47 ? 84  VAL A CG1 1 
ATOM   505 C CG2 . VAL A 1 89  ? 11.287  8.312   -4.749  1.00 12.20 ? 84  VAL A CG2 1 
ATOM   506 N N   . GLU A 1 90  ? 7.624   8.621   -6.585  1.00 10.08 ? 85  GLU A N   1 
ATOM   507 C CA  . GLU A 1 90  ? 6.585   9.639   -6.459  1.00 10.86 ? 85  GLU A CA  1 
ATOM   508 C C   . GLU A 1 90  ? 5.467   9.204   -5.524  1.00 11.00 ? 85  GLU A C   1 
ATOM   509 O O   . GLU A 1 90  ? 4.970   9.986   -4.702  1.00 11.18 ? 85  GLU A O   1 
ATOM   510 C CB  . GLU A 1 90  ? 6.017   9.974   -7.835  1.00 12.28 ? 85  GLU A CB  1 
ATOM   511 C CG  . GLU A 1 90  ? 6.948   10.856  -8.633  1.00 15.46 ? 85  GLU A CG  1 
ATOM   512 C CD  . GLU A 1 90  ? 6.489   11.108  -10.056 1.00 16.52 ? 85  GLU A CD  1 
ATOM   513 O OE1 . GLU A 1 90  ? 5.803   10.253  -10.655 1.00 17.54 ? 85  GLU A OE1 1 
ATOM   514 O OE2 . GLU A 1 90  ? 6.852   12.175  -10.598 1.00 23.03 ? 85  GLU A OE2 1 
ATOM   515 N N   . VAL A 1 91  ? 5.053   7.953   -5.667  1.00 9.99  ? 86  VAL A N   1 
ATOM   516 C CA  . VAL A 1 91  ? 3.978   7.438   -4.835  1.00 10.11 ? 86  VAL A CA  1 
ATOM   517 C C   . VAL A 1 91  ? 4.425   7.316   -3.383  1.00 9.77  ? 86  VAL A C   1 
ATOM   518 O O   . VAL A 1 91  ? 3.674   7.642   -2.472  1.00 10.78 ? 86  VAL A O   1 
ATOM   519 C CB  . VAL A 1 91  ? 3.465   6.115   -5.387  1.00 10.37 ? 86  VAL A CB  1 
ATOM   520 C CG1 . VAL A 1 91  ? 2.429   5.496   -4.438  1.00 12.97 ? 86  VAL A CG1 1 
ATOM   521 C CG2 . VAL A 1 91  ? 2.867   6.322   -6.769  1.00 11.62 ? 86  VAL A CG2 1 
ATOM   522 N N   . ALA A 1 92  ? 5.653   6.862   -3.171  1.00 9.50  ? 87  ALA A N   1 
ATOM   523 C CA  . ALA A 1 92  ? 6.179   6.764   -1.816  1.00 9.97  ? 87  ALA A CA  1 
ATOM   524 C C   . ALA A 1 92  ? 6.216   8.143   -1.160  1.00 10.90 ? 87  ALA A C   1 
ATOM   525 O O   . ALA A 1 92  ? 5.787   8.290   -0.019  1.00 11.72 ? 87  ALA A O   1 
ATOM   526 C CB  . ALA A 1 92  ? 7.575   6.135   -1.821  1.00 12.01 ? 87  ALA A CB  1 
ATOM   527 N N   . LYS A 1 93  ? 6.713   9.149   -1.877  1.00 11.71 ? 88  LYS A N   1 
ATOM   528 C CA  . LYS A 1 93  ? 6.803   10.512  -1.331  1.00 12.10 ? 88  LYS A CA  1 
ATOM   529 C C   . LYS A 1 93  ? 5.423   11.047  -0.996  1.00 12.31 ? 88  LYS A C   1 
ATOM   530 O O   . LYS A 1 93  ? 5.237   11.719  0.020   1.00 12.98 ? 88  LYS A O   1 
ATOM   531 C CB  . LYS A 1 93  ? 7.493   11.468  -2.310  1.00 12.53 ? 88  LYS A CB  1 
ATOM   532 C CG  . LYS A 1 93  ? 9.004   11.290  -2.411  1.00 13.43 ? 88  LYS A CG  1 
ATOM   533 C CD  . LYS A 1 93  ? 9.613   12.115  -3.536  1.00 15.97 ? 88  LYS A CD  1 
ATOM   534 C CE  . LYS A 1 93  ? 9.344   13.601  -3.384  1.00 21.47 ? 88  LYS A CE  1 
ATOM   535 N N   . MET A 1 94  ? 4.441   10.715  -1.835  1.00 11.33 ? 89  MET A N   1 
ATOM   536 C CA  . MET A 1 94  ? 3.061   11.145  -1.633  1.00 12.91 ? 89  MET A CA  1 
ATOM   537 C C   . MET A 1 94  ? 2.506   10.569  -0.343  1.00 11.03 ? 89  MET A C   1 
ATOM   538 O O   . MET A 1 94  ? 1.921   11.291  0.470   1.00 13.74 ? 89  MET A O   1 
ATOM   539 C CB  . MET A 1 94  ? 2.201   10.667  -2.802  1.00 12.48 ? 89  MET A CB  1 
ATOM   540 C CG  . MET A 1 94  ? 0.762   11.128  -2.831  1.00 15.85 ? 89  MET A CG  1 
ATOM   541 S SD  . MET A 1 94  ? -0.188  10.229  -4.086  1.00 19.94 ? 89  MET A SD  1 
ATOM   542 C CE  . MET A 1 94  ? 0.921   10.231  -5.510  1.00 22.49 ? 89  MET A CE  1 
ATOM   543 N N   . ILE A 1 95  ? 2.646   9.255   -0.164  1.00 11.39 ? 90  ILE A N   1 
ATOM   544 C CA  . ILE A 1 95  ? 2.134   8.594   1.024   1.00 10.67 ? 90  ILE A CA  1 
ATOM   545 C C   . ILE A 1 95  ? 2.823   9.144   2.268   1.00 10.79 ? 90  ILE A C   1 
ATOM   546 O O   . ILE A 1 95  ? 2.159   9.416   3.276   1.00 12.34 ? 90  ILE A O   1 
ATOM   547 C CB  . ILE A 1 95  ? 2.298   7.054   0.918   1.00 9.27  ? 90  ILE A CB  1 
ATOM   548 C CG1 . ILE A 1 95  ? 1.396   6.481   -0.191  1.00 10.35 ? 90  ILE A CG1 1 
ATOM   549 C CG2 . ILE A 1 95  ? 1.970   6.372   2.244   1.00 10.16 ? 90  ILE A CG2 1 
ATOM   550 C CD1 . ILE A 1 95  ? 1.730   5.063   -0.563  1.00 11.15 ? 90  ILE A CD1 1 
ATOM   551 N N   . GLN A 1 96  ? 4.147   9.313   2.209   1.00 11.44 ? 91  GLN A N   1 
ATOM   552 C CA  . GLN A 1 96  ? 4.908   9.769   3.380   1.00 12.10 ? 91  GLN A CA  1 
ATOM   553 C C   . GLN A 1 96  ? 4.487   11.166  3.807   1.00 11.56 ? 91  GLN A C   1 
ATOM   554 O O   . GLN A 1 96  ? 4.430   11.463  4.997   1.00 14.70 ? 91  GLN A O   1 
ATOM   555 C CB  . GLN A 1 96  ? 6.418   9.732   3.109   1.00 13.26 ? 91  GLN A CB  1 
ATOM   556 C CG  . GLN A 1 96  ? 7.257   10.195  4.300   1.00 17.41 ? 91  GLN A CG  1 
ATOM   557 C CD  . GLN A 1 96  ? 8.709   10.399  3.970   1.00 20.82 ? 91  GLN A CD  1 
ATOM   558 O OE1 . GLN A 1 96  ? 9.057   11.136  3.040   1.00 21.84 ? 91  GLN A OE1 1 
ATOM   559 N NE2 . GLN A 1 96  ? 9.580   9.764   4.750   1.00 28.50 ? 91  GLN A NE2 1 
ATOM   560 N N   . GLU A 1 97  ? 4.183   12.017  2.830   1.00 12.14 ? 92  GLU A N   1 
ATOM   561 C CA  A GLU A 1 97  ? 3.874   13.412  3.097   0.70 12.90 ? 92  GLU A CA  1 
ATOM   562 C CA  B GLU A 1 97  ? 3.883   13.420  3.103   0.30 12.78 ? 92  GLU A CA  1 
ATOM   563 C C   . GLU A 1 97  ? 2.567   13.585  3.855   1.00 12.71 ? 92  GLU A C   1 
ATOM   564 O O   . GLU A 1 97  ? 2.425   14.520  4.642   1.00 15.19 ? 92  GLU A O   1 
ATOM   565 C CB  A GLU A 1 97  ? 3.813   14.203  1.783   0.70 13.40 ? 92  GLU A CB  1 
ATOM   566 C CB  B GLU A 1 97  ? 3.870   14.235  1.796   0.30 12.86 ? 92  GLU A CB  1 
ATOM   567 C CG  A GLU A 1 97  ? 3.628   15.716  1.951   0.70 16.17 ? 92  GLU A CG  1 
ATOM   568 C CG  B GLU A 1 97  ? 3.259   15.651  1.875   0.30 12.84 ? 92  GLU A CG  1 
ATOM   569 C CD  A GLU A 1 97  ? 2.187   16.134  2.225   0.70 20.41 ? 92  GLU A CD  1 
ATOM   570 C CD  B GLU A 1 97  ? 3.976   16.596  2.842   0.30 12.99 ? 92  GLU A CD  1 
ATOM   571 O OE1 A GLU A 1 97  ? 1.259   15.490  1.692   0.70 21.69 ? 92  GLU A OE1 1 
ATOM   572 O OE1 B GLU A 1 97  ? 5.148   16.357  3.196   0.30 13.44 ? 92  GLU A OE1 1 
ATOM   573 O OE2 A GLU A 1 97  ? 1.981   17.115  2.974   0.70 23.93 ? 92  GLU A OE2 1 
ATOM   574 O OE2 B GLU A 1 97  ? 3.356   17.607  3.242   0.30 16.98 ? 92  GLU A OE2 1 
ATOM   575 N N   . VAL A 1 98  ? 1.605   12.703  3.612   1.00 13.18 ? 93  VAL A N   1 
ATOM   576 C CA  . VAL A 1 98  ? 0.273   12.839  4.208   1.00 14.38 ? 93  VAL A CA  1 
ATOM   577 C C   . VAL A 1 98  ? 0.334   12.739  5.722   1.00 14.20 ? 93  VAL A C   1 
ATOM   578 O O   . VAL A 1 98  ? 0.871   11.784  6.253   1.00 19.24 ? 93  VAL A O   1 
ATOM   579 C CB  . VAL A 1 98  ? -0.715  11.751  3.679   1.00 15.22 ? 93  VAL A CB  1 
ATOM   580 C CG1 . VAL A 1 98  ? -2.067  11.880  4.356   1.00 18.66 ? 93  VAL A CG1 1 
ATOM   581 C CG2 . VAL A 1 98  ? -0.872  11.844  2.162   1.00 15.86 ? 93  VAL A CG2 1 
ATOM   582 N N   . LYS A 1 99  ? -0.241  13.721  6.410   1.00 16.34 ? 94  LYS A N   1 
ATOM   583 C CA  . LYS A 1 99  ? -0.294  13.704  7.866   1.00 17.99 ? 94  LYS A CA  1 
ATOM   584 C C   . LYS A 1 99  ? -1.538  12.965  8.373   1.00 13.64 ? 94  LYS A C   1 
ATOM   585 O O   . LYS A 1 99  ? -2.624  13.066  7.801   1.00 16.23 ? 94  LYS A O   1 
ATOM   586 C CB  . LYS A 1 99  ? -0.272  15.133  8.428   1.00 19.83 ? 94  LYS A CB  1 
ATOM   587 C CG  . LYS A 1 99  ? 1.057   15.862  8.256   1.00 21.09 ? 94  LYS A CG  1 
ATOM   588 C CD  . LYS A 1 99  ? 1.017   17.219  8.939   1.00 24.92 ? 94  LYS A CD  1 
ATOM   589 C CE  . LYS A 1 99  ? 2.391   17.857  8.990   1.00 28.26 ? 94  LYS A CE  1 
ATOM   590 N NZ  . LYS A 1 99  ? 2.360   19.139  9.734   1.00 33.49 ? 94  LYS A NZ  1 
ATOM   591 N N   . GLY A 1 100 ? -1.368  12.259  9.482   1.00 16.94 ? 95  GLY A N   1 
ATOM   592 C CA  . GLY A 1 100 ? -2.499  11.760  10.248  1.00 16.46 ? 95  GLY A CA  1 
ATOM   593 C C   . GLY A 1 100 ? -2.983  10.395  9.805   1.00 14.31 ? 95  GLY A C   1 
ATOM   594 O O   . GLY A 1 100 ? -2.887  9.434   10.557  1.00 14.31 ? 95  GLY A O   1 
ATOM   595 N N   . GLU A 1 101 ? -3.559  10.321  8.606   1.00 13.88 ? 96  GLU A N   1 
ATOM   596 C CA  . GLU A 1 101 ? -4.061  9.053   8.071   1.00 11.85 ? 96  GLU A CA  1 
ATOM   597 C C   . GLU A 1 101 ? -4.086  9.130   6.547   1.00 12.65 ? 96  GLU A C   1 
ATOM   598 O O   . GLU A 1 101 ? -4.163  10.223  5.992   1.00 14.89 ? 96  GLU A O   1 
ATOM   599 C CB  . GLU A 1 101 ? -5.442  8.717   8.650   1.00 13.10 ? 96  GLU A CB  1 
ATOM   600 C CG  . GLU A 1 101 ? -6.594  9.631   8.237   1.00 17.94 ? 96  GLU A CG  1 
ATOM   601 C CD  . GLU A 1 101 ? -7.868  9.399   9.067   1.00 17.74 ? 96  GLU A CD  1 
ATOM   602 O OE1 . GLU A 1 101 ? -7.798  9.415   10.316  1.00 28.17 ? 96  GLU A OE1 1 
ATOM   603 O OE2 . GLU A 1 101 ? -8.951  9.204   8.469   1.00 18.63 ? 96  GLU A OE2 1 
ATOM   604 N N   . VAL A 1 102 ? -3.977  7.978   5.890   1.00 8.36  ? 97  VAL A N   1 
ATOM   605 C CA  . VAL A 1 102 ? -3.895  7.893   4.446   1.00 8.16  ? 97  VAL A CA  1 
ATOM   606 C C   . VAL A 1 102 ? -4.674  6.676   3.972   1.00 6.98  ? 97  VAL A C   1 
ATOM   607 O O   . VAL A 1 102 ? -4.660  5.623   4.604   1.00 7.22  ? 97  VAL A O   1 
ATOM   608 C CB  . VAL A 1 102 ? -2.433  7.879   3.981   1.00 9.65  ? 97  VAL A CB  1 
ATOM   609 C CG1 . VAL A 1 102 ? -1.702  6.671   4.502   1.00 10.16 ? 97  VAL A CG1 1 
ATOM   610 C CG2 . VAL A 1 102 ? -2.335  7.991   2.473   1.00 10.75 ? 97  VAL A CG2 1 
ATOM   611 N N   . THR A 1 103 ? -5.317  6.837   2.827   1.00 6.97  ? 98  THR A N   1 
ATOM   612 C CA  . THR A 1 103 ? -6.110  5.772   2.228   1.00 7.04  ? 98  THR A CA  1 
ATOM   613 C C   . THR A 1 103 ? -5.321  5.122   1.104   1.00 6.39  ? 98  THR A C   1 
ATOM   614 O O   . THR A 1 103 ? -4.894  5.789   0.157   1.00 6.91  ? 98  THR A O   1 
ATOM   615 C CB  . THR A 1 103 ? -7.450  6.316   1.721   1.00 7.32  ? 98  THR A CB  1 
ATOM   616 O OG1 . THR A 1 103 ? -8.150  6.908   2.815   1.00 9.90  ? 98  THR A OG1 1 
ATOM   617 C CG2 . THR A 1 103 ? -8.297  5.221   1.106   1.00 8.85  ? 98  THR A CG2 1 
ATOM   618 N N   . ILE A 1 104 ? -5.153  3.806   1.212   1.00 6.24  ? 99  ILE A N   1 
ATOM   619 C CA  . ILE A 1 104 ? -4.469  3.007   0.220   1.00 6.43  ? 99  ILE A CA  1 
ATOM   620 C C   . ILE A 1 104 ? -5.523  2.186   -0.514  1.00 6.97  ? 99  ILE A C   1 
ATOM   621 O O   . ILE A 1 104 ? -6.289  1.448   0.110   1.00 7.44  ? 99  ILE A O   1 
ATOM   622 C CB  . ILE A 1 104 ? -3.436  2.086   0.886   1.00 8.06  ? 99  ILE A CB  1 
ATOM   623 C CG1 . ILE A 1 104 ? -2.415  2.874   1.745   1.00 9.10  ? 99  ILE A CG1 1 
ATOM   624 C CG2 . ILE A 1 104 ? -2.753  1.236   -0.174  1.00 10.29 ? 99  ILE A CG2 1 
ATOM   625 C CD1 . ILE A 1 104 ? -1.605  3.918   0.972   1.00 10.29 ? 99  ILE A CD1 1 
ATOM   626 N N   . HIS A 1 105 ? -5.529  2.297   -1.841  1.00 6.78  ? 100 HIS A N   1 
ATOM   627 C CA  . HIS A 1 105 ? -6.447  1.540   -2.709  1.00 7.18  ? 100 HIS A CA  1 
ATOM   628 C C   . HIS A 1 105 ? -5.633  0.392   -3.262  1.00 8.39  ? 100 HIS A C   1 
ATOM   629 O O   . HIS A 1 105 ? -4.503  0.601   -3.746  1.00 9.25  ? 100 HIS A O   1 
ATOM   630 C CB  . HIS A 1 105 ? -6.965  2.425   -3.853  1.00 8.05  ? 100 HIS A CB  1 
ATOM   631 C CG  . HIS A 1 105 ? -7.646  3.677   -3.392  1.00 7.91  ? 100 HIS A CG  1 
ATOM   632 N ND1 . HIS A 1 105 ? -8.974  3.916   -3.622  1.00 10.87 ? 100 HIS A ND1 1 
ATOM   633 C CD2 . HIS A 1 105 ? -7.188  4.782   -2.749  1.00 8.43  ? 100 HIS A CD2 1 
ATOM   634 C CE1 . HIS A 1 105 ? -9.303  5.103   -3.135  1.00 10.84 ? 100 HIS A CE1 1 
ATOM   635 N NE2 . HIS A 1 105 ? -8.237  5.657   -2.601  1.00 8.75  ? 100 HIS A NE2 1 
ATOM   636 N N   . TYR A 1 106 ? -6.186  -0.812  -3.187  1.00 9.23  ? 101 TYR A N   1 
ATOM   637 C CA  . TYR A 1 106 ? -5.425  -2.028  -3.479  1.00 10.55 ? 101 TYR A CA  1 
ATOM   638 C C   . TYR A 1 106 ? -6.252  -3.007  -4.295  1.00 9.69  ? 101 TYR A C   1 
ATOM   639 O O   . TYR A 1 106 ? -7.484  -3.023  -4.240  1.00 9.58  ? 101 TYR A O   1 
ATOM   640 C CB  . TYR A 1 106 ? -4.953  -2.706  -2.166  1.00 11.02 ? 101 TYR A CB  1 
ATOM   641 C CG  . TYR A 1 106 ? -6.095  -3.054  -1.244  1.00 10.34 ? 101 TYR A CG  1 
ATOM   642 C CD1 . TYR A 1 106 ? -6.813  -4.238  -1.416  1.00 11.36 ? 101 TYR A CD1 1 
ATOM   643 C CD2 . TYR A 1 106 ? -6.499  -2.182  -0.228  1.00 9.78  ? 101 TYR A CD2 1 
ATOM   644 C CE1 . TYR A 1 106 ? -7.913  -4.528  -0.633  1.00 11.79 ? 101 TYR A CE1 1 
ATOM   645 C CE2 . TYR A 1 106 ? -7.592  -2.469  0.568   1.00 10.79 ? 101 TYR A CE2 1 
ATOM   646 C CZ  . TYR A 1 106 ? -8.290  -3.646  0.368   1.00 11.55 ? 101 TYR A CZ  1 
ATOM   647 O OH  . TYR A 1 106 ? -9.389  -3.915  1.136   1.00 14.44 ? 101 TYR A OH  1 
ATOM   648 N N   . ASN A 1 107 ? -5.543  -3.836  -5.049  1.00 10.92 ? 102 ASN A N   1 
ATOM   649 C CA  . ASN A 1 107 ? -6.108  -4.989  -5.737  1.00 10.51 ? 102 ASN A CA  1 
ATOM   650 C C   . ASN A 1 107 ? -5.498  -6.252  -5.204  1.00 9.70  ? 102 ASN A C   1 
ATOM   651 O O   . ASN A 1 107 ? -4.299  -6.300  -4.979  1.00 11.89 ? 102 ASN A O   1 
ATOM   652 C CB  . ASN A 1 107 ? -5.836  -4.897  -7.229  1.00 14.82 ? 102 ASN A CB  1 
ATOM   653 C CG  . ASN A 1 107 ? -6.700  -5.828  -8.041  1.00 16.49 ? 102 ASN A CG  1 
ATOM   654 O OD1 . ASN A 1 107 ? -7.644  -6.423  -7.542  1.00 19.26 ? 102 ASN A OD1 1 
ATOM   655 N ND2 . ASN A 1 107 ? -6.383  -5.938  -9.324  1.00 27.34 ? 102 ASN A ND2 1 
ATOM   656 N N   . LYS A 1 108 ? -6.328  -7.281  -5.115  1.00 10.21 ? 103 LYS A N   1 
ATOM   657 C CA  . LYS A 1 108 ? -5.973  -8.592  -4.618  1.00 11.06 ? 103 LYS A CA  1 
ATOM   658 C C   . LYS A 1 108 ? -5.795  -9.531  -5.811  1.00 10.42 ? 103 LYS A C   1 
ATOM   659 O O   . LYS A 1 108 ? -6.763  -9.862  -6.484  1.00 13.54 ? 103 LYS A O   1 
ATOM   660 C CB  . LYS A 1 108 ? -7.107  -9.079  -3.702  1.00 11.81 ? 103 LYS A CB  1 
ATOM   661 C CG  . LYS A 1 108 ? -7.237  -8.289  -2.405  1.00 11.25 ? 103 LYS A CG  1 
ATOM   662 C CD  . LYS A 1 108 ? -6.099  -8.606  -1.472  1.00 11.06 ? 103 LYS A CD  1 
ATOM   663 C CE  . LYS A 1 108 ? -6.142  -7.800  -0.153  1.00 10.53 ? 103 LYS A CE  1 
ATOM   664 N NZ  . LYS A 1 108 ? -5.021  -8.184  0.756   1.00 9.73  ? 103 LYS A NZ  1 
ATOM   665 N N   . LEU A 1 109 ? -4.549  -9.901  -6.095  1.00 11.35 ? 104 LEU A N   1 
ATOM   666 C CA  . LEU A 1 109 ? -4.176  -10.684 -7.276  1.00 12.26 ? 104 LEU A CA  1 
ATOM   667 C C   . LEU A 1 109 ? -3.905  -12.134 -6.922  1.00 10.39 ? 104 LEU A C   1 
ATOM   668 O O   . LEU A 1 109 ? -3.434  -12.443 -5.838  1.00 12.77 ? 104 LEU A O   1 
ATOM   669 C CB  . LEU A 1 109 ? -2.910  -10.089 -7.915  1.00 14.17 ? 104 LEU A CB  1 
ATOM   670 C CG  . LEU A 1 109 ? -2.980  -8.647  -8.408  1.00 16.13 ? 104 LEU A CG  1 
ATOM   671 C CD1 . LEU A 1 109 ? -1.600  -8.083  -8.704  1.00 20.87 ? 104 LEU A CD1 1 
ATOM   672 C CD2 . LEU A 1 109 ? -3.847  -8.582  -9.650  1.00 22.70 ? 104 LEU A CD2 1 
ATOM   673 N N   . GLN A 1 110 ? -4.162  -13.023 -7.866  1.00 9.39  ? 105 GLN A N   1 
ATOM   674 C CA  . GLN A 1 110 ? -3.836  -14.416 -7.688  1.00 9.42  ? 105 GLN A CA  1 
ATOM   675 C C   . GLN A 1 110 ? -2.331  -14.606 -7.630  1.00 8.45  ? 105 GLN A C   1 
ATOM   676 O O   . GLN A 1 110 ? -1.577  -13.945 -8.357  1.00 10.56 ? 105 GLN A O   1 
ATOM   677 C CB  . GLN A 1 110 ? -4.426  -15.227 -8.839  1.00 11.54 ? 105 GLN A CB  1 
ATOM   678 C CG  . GLN A 1 110 ? -4.406  -16.728 -8.598  1.00 11.82 ? 105 GLN A CG  1 
ATOM   679 C CD  . GLN A 1 110 ? -5.364  -17.489 -9.488  1.00 13.60 ? 105 GLN A CD  1 
ATOM   680 O OE1 . GLN A 1 110 ? -5.929  -16.945 -10.437 1.00 15.51 ? 105 GLN A OE1 1 
ATOM   681 N NE2 . GLN A 1 110 ? -5.548  -18.756 -9.190  1.00 15.06 ? 105 GLN A NE2 1 
ATOM   682 N N   . TYR A 1 111 ? -1.890  -15.514 -6.780  1.00 8.52  ? 106 TYR A N   1 
ATOM   683 C CA  . TYR A 1 111 ? -0.499  -15.909 -6.754  1.00 8.50  ? 106 TYR A CA  1 
ATOM   684 C C   . TYR A 1 111 ? -0.408  -17.414 -6.818  1.00 8.02  ? 106 TYR A C   1 
ATOM   685 O O   . TYR A 1 111 ? -1.390  -18.125 -6.579  1.00 9.42  ? 106 TYR A O   1 
ATOM   686 C CB  . TYR A 1 111 ? 0.197   -15.384 -5.500  1.00 10.99 ? 106 TYR A CB  1 
ATOM   687 C CG  . TYR A 1 111 ? -0.412  -15.892 -4.224  1.00 12.86 ? 106 TYR A CG  1 
ATOM   688 C CD1 . TYR A 1 111 ? -0.007  -17.100 -3.677  1.00 14.28 ? 106 TYR A CD1 1 
ATOM   689 C CD2 . TYR A 1 111 ? -1.445  -15.199 -3.596  1.00 15.42 ? 106 TYR A CD2 1 
ATOM   690 C CE1 . TYR A 1 111 ? -0.584  -17.590 -2.510  1.00 18.40 ? 106 TYR A CE1 1 
ATOM   691 C CE2 . TYR A 1 111 ? -2.037  -15.685 -2.431  1.00 18.44 ? 106 TYR A CE2 1 
ATOM   692 C CZ  . TYR A 1 111 ? -1.600  -16.881 -1.901  1.00 18.45 ? 106 TYR A CZ  1 
ATOM   693 O OH  . TYR A 1 111 ? -2.173  -17.361 -0.739  1.00 22.49 ? 106 TYR A OH  1 
ATOM   694 N N   . TYR A 1 112 ? 0.780   -17.899 -7.150  1.00 7.34  ? 107 TYR A N   1 
ATOM   695 C CA  . TYR A 1 112 ? 1.019   -19.332 -7.285  1.00 7.25  ? 107 TYR A CA  1 
ATOM   696 C C   . TYR A 1 112 ? 2.196   -19.746 -6.438  1.00 7.28  ? 107 TYR A C   1 
ATOM   697 O O   . TYR A 1 112 ? 3.282   -19.177 -6.545  1.00 8.24  ? 107 TYR A O   1 
ATOM   698 C CB  . TYR A 1 112 ? 1.294   -19.702 -8.743  1.00 8.12  ? 107 TYR A CB  1 
ATOM   699 C CG  . TYR A 1 112 ? 0.097   -19.447 -9.616  1.00 8.56  ? 107 TYR A CG  1 
ATOM   700 C CD1 . TYR A 1 112 ? -0.983  -20.324 -9.621  1.00 8.44  ? 107 TYR A CD1 1 
ATOM   701 C CD2 . TYR A 1 112 ? 0.015   -18.314 -10.399 1.00 9.76  ? 107 TYR A CD2 1 
ATOM   702 C CE1 . TYR A 1 112 ? -2.112  -20.073 -10.387 1.00 8.91  ? 107 TYR A CE1 1 
ATOM   703 C CE2 . TYR A 1 112 ? -1.108  -18.060 -11.179 1.00 11.16 ? 107 TYR A CE2 1 
ATOM   704 C CZ  . TYR A 1 112 ? -2.177  -18.943 -11.164 1.00 9.88  ? 107 TYR A CZ  1 
ATOM   705 O OH  . TYR A 1 112 ? -3.285  -18.693 -11.932 1.00 12.37 ? 107 TYR A OH  1 
ATOM   706 N N   . LYS A 1 113 ? 1.994   -20.766 -5.624  1.00 8.37  ? 108 LYS A N   1 
ATOM   707 C CA  . LYS A 1 113 ? 3.032   -21.323 -4.787  1.00 8.74  ? 108 LYS A CA  1 
ATOM   708 C C   . LYS A 1 113 ? 3.761   -22.439 -5.520  1.00 9.11  ? 108 LYS A C   1 
ATOM   709 O O   . LYS A 1 113 ? 3.140   -23.428 -5.918  1.00 10.50 ? 108 LYS A O   1 
ATOM   710 C CB  . LYS A 1 113 ? 2.414   -21.838 -3.485  1.00 11.00 ? 108 LYS A CB  1 
ATOM   711 C CG  . LYS A 1 113 ? 3.431   -22.352 -2.498  1.00 13.95 ? 108 LYS A CG  1 
ATOM   712 C CD  . LYS A 1 113 ? 2.799   -22.700 -1.163  1.00 16.30 ? 108 LYS A CD  1 
ATOM   713 C CE  . LYS A 1 113 ? 3.840   -23.187 -0.180  1.00 17.12 ? 108 LYS A CE  1 
ATOM   714 N NZ  . LYS A 1 113 ? 3.203   -23.649 1.072   1.00 20.98 ? 108 LYS A NZ  1 
ATOM   715 N N   . VAL A 1 114 ? 5.077   -22.269 -5.690  1.00 8.61  ? 109 VAL A N   1 
ATOM   716 C CA  . VAL A 1 114 ? 5.933   -23.208 -6.404  1.00 9.74  ? 109 VAL A CA  1 
ATOM   717 C C   . VAL A 1 114 ? 7.228   -23.524 -5.622  1.00 10.38 ? 109 VAL A C   1 
ATOM   718 O O   . VAL A 1 114 ? 7.488   -22.980 -4.526  1.00 11.52 ? 109 VAL A O   1 
ATOM   719 C CB  . VAL A 1 114 ? 6.264   -22.690 -7.821  1.00 10.18 ? 109 VAL A CB  1 
ATOM   720 C CG1 . VAL A 1 114 ? 4.983   -22.531 -8.647  1.00 12.81 ? 109 VAL A CG1 1 
ATOM   721 C CG2 . VAL A 1 114 ? 7.081   -21.409 -7.744  1.00 11.31 ? 109 VAL A CG2 1 
ATOM   722 O OXT . VAL A 1 114 ? 8.007   -24.354 -6.109  1.00 10.98 ? 109 VAL A OXT 1 
HETATM 723 O O   . HOH B 2 .   ? -3.980  -3.404  6.361   1.00 10.88 ? 110 HOH A O   1 
HETATM 724 O O   . HOH B 2 .   ? 5.003   -8.916  4.628   1.00 11.64 ? 111 HOH A O   1 
HETATM 725 O O   . HOH B 2 .   ? 6.961   -9.545  2.630   1.00 10.21 ? 112 HOH A O   1 
HETATM 726 O O   . HOH B 2 .   ? -2.083  -6.575  7.098   1.00 11.95 ? 113 HOH A O   1 
HETATM 727 O O   . HOH B 2 .   ? -7.373  9.177   4.043   1.00 12.18 ? 114 HOH A O   1 
HETATM 728 O O   . HOH B 2 .   ? 10.972  5.485   -8.794  1.00 12.26 ? 115 HOH A O   1 
HETATM 729 O O   . HOH B 2 .   ? -8.720  -2.502  11.673  1.00 14.08 ? 116 HOH A O   1 
HETATM 730 O O   . HOH B 2 .   ? -14.341 -2.528  -2.981  1.00 13.82 ? 117 HOH A O   1 
HETATM 731 O O   . HOH B 2 .   ? -4.588  -11.004 0.956   1.00 15.75 ? 118 HOH A O   1 
HETATM 732 O O   . HOH B 2 .   ? 10.701  -4.290  2.812   1.00 16.09 ? 119 HOH A O   1 
HETATM 733 O O   . HOH B 2 .   ? 9.911   -4.709  -5.780  1.00 15.34 ? 120 HOH A O   1 
HETATM 734 O O   . HOH B 2 .   ? -9.445  9.915   5.849   1.00 14.36 ? 121 HOH A O   1 
HETATM 735 O O   . HOH B 2 .   ? -2.912  -10.868 -1.273  1.00 15.28 ? 122 HOH A O   1 
HETATM 736 O O   . HOH B 2 .   ? 7.589   12.827  1.334   1.00 15.57 ? 123 HOH A O   1 
HETATM 737 O O   . HOH B 2 .   ? 2.349   -9.675  3.883   1.00 16.19 ? 124 HOH A O   1 
HETATM 738 O O   . HOH B 2 .   ? -9.196  -9.126  -7.166  1.00 16.28 ? 125 HOH A O   1 
HETATM 739 O O   . HOH B 2 .   ? -4.622  12.765  -10.919 1.00 13.99 ? 126 HOH A O   1 
HETATM 740 O O   . HOH B 2 .   ? 0.870   13.739  -0.276  1.00 16.24 ? 127 HOH A O   1 
HETATM 741 O O   . HOH B 2 .   ? -2.500  -9.441  -4.330  1.00 14.65 ? 128 HOH A O   1 
HETATM 742 O O   . HOH B 2 .   ? 7.673   -26.337 -7.934  1.00 17.71 ? 129 HOH A O   1 
HETATM 743 O O   . HOH B 2 .   ? -9.419  -0.718  -5.261  1.00 16.71 ? 130 HOH A O   1 
HETATM 744 O O   . HOH B 2 .   ? -0.568  -11.859 -5.001  1.00 17.29 ? 131 HOH A O   1 
HETATM 745 O O   . HOH B 2 .   ? 1.266   -25.147 -4.750  1.00 19.57 ? 132 HOH A O   1 
HETATM 746 O O   . HOH B 2 .   ? 7.293   -8.239  7.951   1.00 19.28 ? 133 HOH A O   1 
HETATM 747 O O   . HOH B 2 .   ? -9.835  -6.536  1.090   1.00 20.91 ? 134 HOH A O   1 
HETATM 748 O O   . HOH B 2 .   ? 2.134   -7.415  13.782  1.00 23.70 ? 135 HOH A O   1 
HETATM 749 O O   . HOH B 2 .   ? 8.085   -6.937  10.333  1.00 22.74 ? 136 HOH A O   1 
HETATM 750 O O   . HOH B 2 .   ? 8.122   3.256   -11.212 1.00 18.32 ? 137 HOH A O   1 
HETATM 751 O O   . HOH B 2 .   ? -0.445  -11.762 -2.135  1.00 15.08 ? 138 HOH A O   1 
HETATM 752 O O   . HOH B 2 .   ? -10.620 -2.459  3.041   1.00 21.36 ? 139 HOH A O   1 
HETATM 753 O O   . HOH B 2 .   ? -4.055  -16.709 -4.997  1.00 18.92 ? 140 HOH A O   1 
HETATM 754 O O   . HOH B 2 .   ? -0.300  -0.173  -9.826  1.00 18.30 ? 141 HOH A O   1 
HETATM 755 O O   . HOH B 2 .   ? -4.474  -11.911 -3.267  1.00 20.46 ? 142 HOH A O   1 
HETATM 756 O O   . HOH B 2 .   ? 10.237  9.894   -10.210 1.00 21.46 ? 143 HOH A O   1 
HETATM 757 O O   . HOH B 2 .   ? 14.147  0.287   -8.670  1.00 23.81 ? 144 HOH A O   1 
HETATM 758 O O   . HOH B 2 .   ? -3.354  -16.310 -13.231 1.00 19.37 ? 145 HOH A O   1 
HETATM 759 O O   . HOH B 2 .   ? -4.652  -6.114  15.431  1.00 16.95 ? 146 HOH A O   1 
HETATM 760 O O   . HOH B 2 .   ? -6.755  -12.400 0.207   1.00 21.45 ? 147 HOH A O   1 
HETATM 761 O O   . HOH B 2 .   ? -5.427  12.028  4.292   1.00 21.92 ? 148 HOH A O   1 
HETATM 762 O O   . HOH B 2 .   ? 1.325   -12.162 1.091   1.00 20.14 ? 149 HOH A O   1 
HETATM 763 O O   . HOH B 2 .   ? -1.386  4.669   14.210  1.00 18.14 ? 150 HOH A O   1 
HETATM 764 O O   . HOH B 2 .   ? -12.497 -8.849  1.465   1.00 18.19 ? 151 HOH A O   1 
HETATM 765 O O   . HOH B 2 .   ? 4.771   12.573  -5.233  1.00 20.88 ? 152 HOH A O   1 
HETATM 766 O O   . HOH B 2 .   ? -12.699 -1.525  0.657   1.00 20.44 ? 153 HOH A O   1 
HETATM 767 O O   . HOH B 2 .   ? 11.766  11.756  3.371   1.00 23.14 ? 154 HOH A O   1 
HETATM 768 O O   . HOH B 2 .   ? -2.995  10.655  -10.786 1.00 20.67 ? 155 HOH A O   1 
HETATM 769 O O   . HOH B 2 .   ? 0.936   -22.191 1.921   1.00 29.87 ? 156 HOH A O   1 
HETATM 770 O O   . HOH B 2 .   ? -3.248  -9.521  5.283   1.00 24.93 ? 157 HOH A O   1 
HETATM 771 O O   . HOH B 2 .   ? 0.549   8.899   15.382  1.00 21.14 ? 158 HOH A O   1 
HETATM 772 O O   . HOH B 2 .   ? 1.613   11.708  10.346  1.00 23.40 ? 159 HOH A O   1 
HETATM 773 O O   . HOH B 2 .   ? 2.874   1.438   14.994  1.00 22.75 ? 160 HOH A O   1 
HETATM 774 O O   . HOH B 2 .   ? 8.292   -3.296  12.419  1.00 24.43 ? 161 HOH A O   1 
HETATM 775 O O   . HOH B 2 .   ? 2.158   -26.165 -0.023  1.00 29.77 ? 162 HOH A O   1 
HETATM 776 O O   . HOH B 2 .   ? -9.492  -7.084  -9.325  1.00 23.92 ? 163 HOH A O   1 
HETATM 777 O O   . HOH B 2 .   ? -10.808 -13.545 2.642   1.00 21.11 ? 164 HOH A O   1 
HETATM 778 O O   . HOH B 2 .   ? 1.166   -4.435  17.509  1.00 32.27 ? 165 HOH A O   1 
HETATM 779 O O   . HOH B 2 .   ? 8.649   10.592  15.245  1.00 24.33 ? 166 HOH A O   1 
HETATM 780 O O   . HOH B 2 .   ? 4.595   11.444  15.851  1.00 27.73 ? 167 HOH A O   1 
HETATM 781 O O   . HOH B 2 .   ? 6.033   -9.244  -1.644  0.50 20.66 ? 168 HOH A O   1 
HETATM 782 O O   . HOH B 2 .   ? -5.165  -14.743 -12.326 1.00 22.39 ? 169 HOH A O   1 
HETATM 783 O O   . HOH B 2 .   ? -10.511 -15.713 0.909   1.00 20.26 ? 170 HOH A O   1 
HETATM 784 O O   . HOH B 2 .   ? 0.182   -14.051 -0.479  1.00 17.34 ? 171 HOH A O   1 
HETATM 785 O O   . HOH B 2 .   ? 11.945  7.486   -10.509 1.00 23.20 ? 172 HOH A O   1 
HETATM 786 O O   . HOH B 2 .   ? 7.236   14.703  3.505   1.00 22.70 ? 173 HOH A O   1 
HETATM 787 O O   . HOH B 2 .   ? 10.690  3.351   -10.516 1.00 25.86 ? 174 HOH A O   1 
HETATM 788 O O   . HOH B 2 .   ? 3.446   -12.363 2.964   1.00 21.53 ? 175 HOH A O   1 
HETATM 789 O O   . HOH B 2 .   ? -3.608  3.048   -10.780 1.00 28.23 ? 176 HOH A O   1 
HETATM 790 O O   . HOH B 2 .   ? -11.481 -7.059  3.141   1.00 25.43 ? 177 HOH A O   1 
HETATM 791 O O   . HOH B 2 .   ? 3.401   -8.039  9.471   1.00 24.20 ? 178 HOH A O   1 
HETATM 792 O O   . HOH B 2 .   ? -3.051  9.034   -12.938 1.00 25.26 ? 179 HOH A O   1 
HETATM 793 O O   . HOH B 2 .   ? -7.660  -16.901 -2.091  1.00 25.91 ? 180 HOH A O   1 
HETATM 794 O O   . HOH B 2 .   ? 5.620   -24.230 2.465   1.00 26.25 ? 181 HOH A O   1 
HETATM 795 O O   . HOH B 2 .   ? -11.216 7.874   5.689   1.00 20.47 ? 182 HOH A O   1 
HETATM 796 O O   . HOH B 2 .   ? 7.962   8.528   7.393   1.00 34.28 ? 183 HOH A O   1 
HETATM 797 O O   . HOH B 2 .   ? 1.865   10.440  12.749  1.00 28.71 ? 184 HOH A O   1 
HETATM 798 O O   . HOH B 2 .   ? -11.611 -1.972  -6.025  1.00 32.47 ? 185 HOH A O   1 
HETATM 799 O O   . HOH B 2 .   ? 9.854   10.917  -12.735 1.00 35.84 ? 186 HOH A O   1 
HETATM 800 O O   . HOH B 2 .   ? 12.852  -5.825  5.662   1.00 31.00 ? 187 HOH A O   1 
HETATM 801 O O   . HOH B 2 .   ? 4.221   15.530  6.381   1.00 35.00 ? 188 HOH A O   1 
HETATM 802 O O   . HOH B 2 .   ? 2.327   13.688  -4.834  1.00 36.40 ? 189 HOH A O   1 
HETATM 803 O O   . HOH B 2 .   ? -3.673  -11.778 3.392   1.00 26.32 ? 190 HOH A O   1 
HETATM 804 O O   . HOH B 2 .   ? -7.463  -14.092 2.271   1.00 34.53 ? 191 HOH A O   1 
HETATM 805 O O   . HOH B 2 .   ? -1.971  -7.351  15.939  1.00 25.37 ? 192 HOH A O   1 
HETATM 806 O O   . HOH B 2 .   ? -0.425  -8.598  7.938   1.00 28.67 ? 193 HOH A O   1 
HETATM 807 O O   . HOH B 2 .   ? -14.126 -0.455  -1.183  1.00 28.40 ? 194 HOH A O   1 
HETATM 808 O O   . HOH B 2 .   ? -13.430 0.148   -3.405  1.00 28.33 ? 195 HOH A O   1 
HETATM 809 O O   . HOH B 2 .   ? -15.406 1.991   -1.803  1.00 27.78 ? 196 HOH A O   1 
HETATM 810 O O   . HOH B 2 .   ? 10.679  -2.331  -6.633  1.00 27.95 ? 197 HOH A O   1 
HETATM 811 O O   . HOH B 2 .   ? 3.220   21.048  11.270  1.00 31.68 ? 198 HOH A O   1 
HETATM 812 O O   . HOH B 2 .   ? 3.644   -6.624  -12.554 1.00 17.87 ? 199 HOH A O   1 
HETATM 813 O O   . HOH B 2 .   ? -4.097  -15.357 0.324   1.00 42.96 ? 200 HOH A O   1 
HETATM 814 O O   . HOH B 2 .   ? -7.922  -1.013  -7.358  1.00 26.97 ? 201 HOH A O   1 
HETATM 815 O O   . HOH B 2 .   ? -2.211  6.340   16.275  1.00 25.17 ? 202 HOH A O   1 
HETATM 816 O O   . HOH B 2 .   ? -11.495 4.508   3.248   1.00 26.65 ? 203 HOH A O   1 
HETATM 817 O O   . HOH B 2 .   ? -12.326 1.968   3.620   1.00 25.86 ? 204 HOH A O   1 
HETATM 818 O O   . HOH B 2 .   ? 1.543   -1.756  17.910  1.00 25.62 ? 205 HOH A O   1 
HETATM 819 O O   . HOH B 2 .   ? -1.833  9.739   13.084  1.00 29.54 ? 206 HOH A O   1 
HETATM 820 O O   . HOH B 2 .   ? -2.426  11.735  -3.507  1.00 40.30 ? 207 HOH A O   1 
HETATM 821 O O   . HOH B 2 .   ? -10.011 -4.522  -8.812  1.00 36.50 ? 208 HOH A O   1 
HETATM 822 O O   . HOH B 2 .   ? 10.780  11.852  -8.321  1.00 34.90 ? 209 HOH A O   1 
HETATM 823 O O   . HOH B 2 .   ? 4.302   -4.292  -14.347 0.50 15.59 ? 210 HOH A O   1 
HETATM 824 O O   . HOH B 2 .   ? 6.561   -1.232  -13.428 1.00 24.14 ? 211 HOH A O   1 
HETATM 825 O O   . HOH B 2 .   ? -7.148  -14.421 -11.123 0.50 26.47 ? 212 HOH A O   1 
HETATM 826 O O   . HOH B 2 .   ? 1.882   -2.618  -14.937 1.00 23.55 ? 213 HOH A O   1 
HETATM 827 O O   . HOH B 2 .   ? 8.195   1.123   -15.015 1.00 26.89 ? 214 HOH A O   1 
HETATM 828 O O   . HOH B 2 .   ? 8.283   -0.810  -18.905 1.00 51.01 ? 215 HOH A O   1 
HETATM 829 O O   . HOH B 2 .   ? -3.841  13.245  -0.772  1.00 26.49 ? 216 HOH A O   1 
HETATM 830 O O   . HOH B 2 .   ? 3.647   -25.801 -7.381  1.00 29.86 ? 217 HOH A O   1 
HETATM 831 O O   . HOH B 2 .   ? -1.527  14.094  -1.428  1.00 32.45 ? 218 HOH A O   1 
HETATM 832 O O   . HOH B 2 .   ? 9.842   -5.422  11.486  1.00 31.96 ? 219 HOH A O   1 
HETATM 833 O O   . HOH B 2 .   ? -1.427  16.032  5.158   1.00 29.78 ? 220 HOH A O   1 
HETATM 834 O O   . HOH B 2 .   ? -1.082  1.772   -11.694 1.00 25.05 ? 221 HOH A O   1 
HETATM 835 O O   . HOH B 2 .   ? -5.451  -18.230 -15.308 1.00 35.39 ? 222 HOH A O   1 
HETATM 836 O O   . HOH B 2 .   ? 11.401  6.186   -13.207 1.00 44.19 ? 223 HOH A O   1 
HETATM 837 O O   . HOH B 2 .   ? -1.592  14.071  -5.956  1.00 41.30 ? 224 HOH A O   1 
HETATM 838 O O   . HOH B 2 .   ? -1.670  -8.642  10.199  1.00 42.04 ? 225 HOH A O   1 
HETATM 839 O O   . HOH B 2 .   ? 6.738   2.408   13.734  1.00 33.47 ? 226 HOH A O   1 
HETATM 840 O O   . HOH B 2 .   ? -1.546  -15.127 1.280   1.00 35.88 ? 227 HOH A O   1 
HETATM 841 O O   . HOH B 2 .   ? -5.568  11.582  11.305  1.00 37.04 ? 228 HOH A O   1 
HETATM 842 O O   . HOH B 2 .   ? 8.010   9.994   -14.700 1.00 44.02 ? 229 HOH A O   1 
HETATM 843 O O   . HOH B 2 .   ? 5.574   -8.996  16.986  1.00 37.25 ? 230 HOH A O   1 
HETATM 844 O O   . HOH B 2 .   ? 6.842   -0.187  14.369  1.00 45.26 ? 231 HOH A O   1 
HETATM 845 O O   . HOH B 2 .   ? -3.735  15.284  -4.703  1.00 33.84 ? 232 HOH A O   1 
HETATM 846 O O   . HOH B 2 .   ? -7.399  -6.827  12.517  1.00 37.24 ? 233 HOH A O   1 
HETATM 847 O O   . HOH B 2 .   ? -5.297  -14.657 -3.598  1.00 40.00 ? 234 HOH A O   1 
HETATM 848 O O   . HOH B 2 .   ? 7.220   -1.793  -16.618 1.00 39.45 ? 235 HOH A O   1 
HETATM 849 O O   . HOH B 2 .   ? 8.707   13.941  -9.734  1.00 45.52 ? 236 HOH A O   1 
HETATM 850 O O   . HOH B 2 .   ? 2.216   11.102  -15.579 1.00 36.81 ? 237 HOH A O   1 
HETATM 851 O O   . HOH B 2 .   ? 7.063   13.663  5.856   1.00 39.46 ? 238 HOH A O   1 
HETATM 852 O O   . HOH B 2 .   ? 0.845   -9.206  12.094  1.00 39.87 ? 239 HOH A O   1 
HETATM 853 O O   . HOH B 2 .   ? 12.303  13.553  -5.121  1.00 32.26 ? 240 HOH A O   1 
HETATM 854 O O   . HOH B 2 .   ? 0.559   2.484   -13.707 1.00 35.73 ? 241 HOH A O   1 
HETATM 855 O O   . HOH B 2 .   ? -0.120  -20.478 -0.035  1.00 41.82 ? 242 HOH A O   1 
HETATM 856 O O   . HOH B 2 .   ? -0.574  1.885   -16.184 1.00 43.54 ? 243 HOH A O   1 
HETATM 857 O O   . HOH B 2 .   ? 0.013   -18.015 0.658   1.00 41.93 ? 244 HOH A O   1 
HETATM 858 O O   . HOH B 2 .   ? 3.981   -0.210  18.409  1.00 44.71 ? 245 HOH A O   1 
HETATM 859 O O   . HOH B 2 .   ? 11.363  4.825   8.401   1.00 39.75 ? 246 HOH A O   1 
HETATM 860 O O   . HOH B 2 .   ? 7.106   13.561  -6.250  1.00 38.39 ? 247 HOH A O   1 
HETATM 861 O O   . HOH B 2 .   ? -13.043 -0.797  3.140   1.00 37.46 ? 248 HOH A O   1 
HETATM 862 O O   . HOH B 2 .   ? -7.383  -17.996 -12.547 1.00 31.36 ? 249 HOH A O   1 
HETATM 863 O O   . HOH B 2 .   ? -4.274  14.237  5.655   1.00 33.80 ? 250 HOH A O   1 
HETATM 864 O O   . HOH B 2 .   ? 5.376   -10.301 6.866   1.00 34.27 ? 251 HOH A O   1 
HETATM 865 O O   . HOH B 2 .   ? 11.769  11.923  6.924   1.00 49.16 ? 252 HOH A O   1 
HETATM 866 O O   . HOH B 2 .   ? 5.052   7.805   -16.444 1.00 46.67 ? 253 HOH A O   1 
# 
loop_
_atom_site_anisotrop.id 
_atom_site_anisotrop.type_symbol 
_atom_site_anisotrop.pdbx_label_atom_id 
_atom_site_anisotrop.pdbx_label_alt_id 
_atom_site_anisotrop.pdbx_label_comp_id 
_atom_site_anisotrop.pdbx_label_asym_id 
_atom_site_anisotrop.pdbx_label_seq_id 
_atom_site_anisotrop.pdbx_PDB_ins_code 
_atom_site_anisotrop.U[1][1] 
_atom_site_anisotrop.U[2][2] 
_atom_site_anisotrop.U[3][3] 
_atom_site_anisotrop.U[1][2] 
_atom_site_anisotrop.U[1][3] 
_atom_site_anisotrop.U[2][3] 
_atom_site_anisotrop.pdbx_auth_seq_id 
_atom_site_anisotrop.pdbx_auth_comp_id 
_atom_site_anisotrop.pdbx_auth_asym_id 
_atom_site_anisotrop.pdbx_auth_atom_id 
1   N N   . SER A 22  ? 0.1361 0.2032 0.2164 -0.0145 -0.0169 0.0057  17  SER A N   
2   C CA  A SER A 22  ? 0.1622 0.2103 0.2067 0.0040  -0.0059 -0.0130 17  SER A CA  
3   C CA  B SER A 22  ? 0.1301 0.1999 0.1699 0.0058  -0.0105 -0.0070 17  SER A CA  
4   C C   . SER A 22  ? 0.1360 0.1721 0.1390 -0.0124 -0.0177 -0.0143 17  SER A C   
5   O O   . SER A 22  ? 0.1086 0.1441 0.1693 -0.0281 -0.0066 -0.0219 17  SER A O   
6   C CB  A SER A 22  ? 0.2148 0.2472 0.2266 -0.0057 0.0079  -0.0101 17  SER A CB  
7   C CB  B SER A 22  ? 0.1358 0.1929 0.1683 -0.0030 0.0190  -0.0338 17  SER A CB  
8   O OG  A SER A 22  ? 0.2106 0.2311 0.2686 0.0194  0.0272  -0.0163 17  SER A OG  
9   O OG  B SER A 22  ? 0.1274 0.2055 0.2067 0.0355  0.0086  -0.0197 17  SER A OG  
10  N N   . MET A 23  ? 0.1355 0.1850 0.1567 -0.0494 -0.0075 -0.0146 18  MET A N   
11  C CA  A MET A 23  ? 0.1755 0.1725 0.1409 -0.0362 -0.0008 -0.0017 18  MET A CA  
12  C CA  B MET A 23  ? 0.1537 0.1630 0.1416 -0.0332 -0.0117 -0.0093 18  MET A CA  
13  C C   . MET A 23  ? 0.1321 0.1390 0.1436 -0.0733 -0.0061 -0.0139 18  MET A C   
14  O O   . MET A 23  ? 0.1043 0.2308 0.1494 -0.0256 -0.0119 0.0001  18  MET A O   
15  C CB  A MET A 23  ? 0.1934 0.1924 0.1738 -0.0453 -0.0203 -0.0039 18  MET A CB  
16  C CB  B MET A 23  ? 0.1545 0.1597 0.1385 -0.0246 -0.0144 -0.0055 18  MET A CB  
17  C CG  A MET A 23  ? 0.2246 0.2397 0.1887 -0.0309 -0.0219 0.0092  18  MET A CG  
18  C CG  B MET A 23  ? 0.1403 0.1506 0.1331 -0.0287 -0.0137 -0.0145 18  MET A CG  
19  S SD  A MET A 23  ? 0.2251 0.2977 0.2052 -0.0416 -0.0219 -0.0182 18  MET A SD  
20  S SD  B MET A 23  ? 0.2046 0.1231 0.1666 -0.0592 -0.0370 -0.0419 18  MET A SD  
21  C CE  A MET A 23  ? 0.3161 0.3252 0.3323 0.0229  0.0123  -0.0090 18  MET A CE  
22  C CE  B MET A 23  ? 0.1533 0.1547 0.0965 -0.0238 -0.0020 -0.0180 18  MET A CE  
23  N N   . VAL A 24  ? 0.1943 0.1308 0.1718 -0.0334 0.0152  -0.0214 19  VAL A N   
24  C CA  . VAL A 24  ? 0.1436 0.1114 0.2023 -0.0096 -0.0120 -0.0501 19  VAL A CA  
25  C C   . VAL A 24  ? 0.1346 0.1169 0.1809 -0.0225 -0.0053 -0.0402 19  VAL A C   
26  O O   . VAL A 24  ? 0.1631 0.1060 0.1532 -0.0321 -0.0191 -0.0180 19  VAL A O   
27  C CB  . VAL A 24  ? 0.1685 0.1352 0.2704 -0.0190 -0.0284 -0.0526 19  VAL A CB  
28  C CG1 . VAL A 24  ? 0.1322 0.1547 0.1993 -0.0504 -0.0061 0.0118  19  VAL A CG1 
29  C CG2 . VAL A 24  ? 0.1916 0.1937 0.2585 -0.0340 -0.0048 -0.0073 19  VAL A CG2 
30  N N   . PRO A 25  ? 0.1528 0.1273 0.1735 -0.0451 -0.0080 -0.0660 20  PRO A N   
31  C CA  A PRO A 25  ? 0.1108 0.1296 0.1438 -0.0309 -0.0093 -0.0469 20  PRO A CA  
32  C CA  B PRO A 25  ? 0.1278 0.1346 0.1425 -0.0231 -0.0023 -0.0357 20  PRO A CA  
33  C C   . PRO A 25  ? 0.1252 0.1105 0.1202 -0.0184 -0.0133 -0.0187 20  PRO A C   
34  O O   . PRO A 25  ? 0.1147 0.1215 0.1555 -0.0182 -0.0125 -0.0150 20  PRO A O   
35  C CB  A PRO A 25  ? 0.1604 0.1697 0.1420 -0.0438 0.0150  -0.0557 20  PRO A CB  
36  C CB  B PRO A 25  ? 0.1492 0.1832 0.1393 -0.0236 -0.0005 -0.0320 20  PRO A CB  
37  C CG  A PRO A 25  ? 0.1886 0.1521 0.1851 -0.0293 -0.0390 -0.0271 20  PRO A CG  
38  C CG  B PRO A 25  ? 0.1349 0.1682 0.1870 -0.0301 -0.0003 -0.0210 20  PRO A CG  
39  C CD  A PRO A 25  ? 0.1572 0.1681 0.1774 -0.0509 0.0149  -0.0553 20  PRO A CD  
40  C CD  B PRO A 25  ? 0.1489 0.1645 0.1739 -0.0408 0.0038  -0.0440 20  PRO A CD  
41  N N   . GLY A 26  ? 0.1075 0.0911 0.1172 -0.0119 -0.0164 -0.0105 21  GLY A N   
42  C CA  . GLY A 26  ? 0.1086 0.1173 0.1565 -0.0022 -0.0186 -0.0245 21  GLY A CA  
43  C C   . GLY A 26  ? 0.0994 0.0815 0.1373 -0.0045 -0.0155 -0.0081 21  GLY A C   
44  O O   . GLY A 26  ? 0.0913 0.1014 0.1401 -0.0029 -0.0009 -0.0381 21  GLY A O   
45  N N   . LYS A 27  ? 0.0868 0.1182 0.1358 -0.0233 -0.0045 0.0052  22  LYS A N   
46  C CA  . LYS A 27  ? 0.0963 0.1079 0.1149 -0.0181 -0.0120 -0.0056 22  LYS A CA  
47  C C   . LYS A 27  ? 0.1108 0.1325 0.1116 -0.0142 0.0042  0.0035  22  LYS A C   
48  O O   . LYS A 27  ? 0.1270 0.1950 0.1188 -0.0482 0.0090  -0.0033 22  LYS A O   
49  C CB  . LYS A 27  ? 0.1298 0.1183 0.1092 -0.0113 -0.0118 -0.0084 22  LYS A CB  
50  C CG  . LYS A 27  ? 0.1454 0.1502 0.1455 0.0102  -0.0236 -0.0208 22  LYS A CG  
51  C CD  . LYS A 27  ? 0.2148 0.1708 0.2079 0.0268  -0.0300 0.0039  22  LYS A CD  
52  C CE  . LYS A 27  ? 0.2275 0.2171 0.2789 0.0232  -0.0005 -0.0029 22  LYS A CE  
53  N NZ  . LYS A 27  ? 0.2461 0.2380 0.3032 0.0007  -0.0117 0.0101  22  LYS A NZ  
54  N N   . VAL A 28  ? 0.1141 0.1088 0.0917 -0.0079 -0.0021 -0.0004 23  VAL A N   
55  C CA  . VAL A 28  ? 0.1264 0.1255 0.0775 -0.0002 -0.0019 0.0091  23  VAL A CA  
56  C C   . VAL A 28  ? 0.0895 0.0941 0.0960 0.0118  0.0031  0.0135  23  VAL A C   
57  O O   . VAL A 28  ? 0.1027 0.0900 0.1100 0.0136  0.0273  0.0009  23  VAL A O   
58  C CB  . VAL A 28  ? 0.1428 0.1156 0.1129 0.0197  0.0073  0.0051  23  VAL A CB  
59  C CG1 . VAL A 28  ? 0.1764 0.0951 0.1121 0.0296  -0.0096 -0.0020 23  VAL A CG1 
60  C CG2 . VAL A 28  ? 0.2013 0.1784 0.1122 0.0238  0.0132  0.0166  23  VAL A CG2 
61  N N   . THR A 29  ? 0.0867 0.1349 0.0783 -0.0134 0.0089  0.0064  24  THR A N   
62  C CA  . THR A 29  ? 0.0958 0.1124 0.0864 0.0051  0.0171  0.0102  24  THR A CA  
63  C C   . THR A 29  ? 0.0944 0.1084 0.0649 0.0100  0.0146  0.0031  24  THR A C   
64  O O   . THR A 29  ? 0.1024 0.1341 0.0751 0.0103  0.0208  -0.0017 24  THR A O   
65  C CB  . THR A 29  ? 0.1110 0.1643 0.1009 0.0212  0.0138  0.0171  24  THR A CB  
66  O OG1 . THR A 29  ? 0.1138 0.1947 0.1417 0.0482  -0.0027 0.0251  24  THR A OG1 
67  C CG2 . THR A 29  ? 0.1566 0.1251 0.1387 0.0191  0.0262  0.0079  24  THR A CG2 
68  N N   . LEU A 30  ? 0.1043 0.1114 0.0689 0.0023  0.0123  0.0140  25  LEU A N   
69  C CA  . LEU A 30  ? 0.1112 0.1139 0.0837 -0.0115 0.0097  0.0206  25  LEU A CA  
70  C C   . LEU A 30  ? 0.1202 0.1348 0.0728 -0.0067 0.0014  0.0020  25  LEU A C   
71  O O   . LEU A 30  ? 0.1502 0.1277 0.0805 -0.0154 -0.0116 -0.0053 25  LEU A O   
72  C CB  . LEU A 30  ? 0.1050 0.1301 0.0843 0.0019  -0.0110 0.0112  25  LEU A CB  
73  C CG  . LEU A 30  ? 0.1116 0.1210 0.1035 0.0066  0.0015  0.0112  25  LEU A CG  
74  C CD1 . LEU A 30  ? 0.1179 0.1534 0.1560 0.0119  0.0025  0.0076  25  LEU A CD1 
75  C CD2 . LEU A 30  ? 0.1602 0.1279 0.1141 0.0070  -0.0094 0.0188  25  LEU A CD2 
76  N N   . GLN A 31  ? 0.1108 0.1641 0.0802 -0.0197 -0.0048 -0.0025 26  GLN A N   
77  C CA  A GLN A 31  ? 0.1422 0.1828 0.0905 -0.0188 -0.0234 -0.0053 26  GLN A CA  
78  C CA  B GLN A 31  ? 0.1397 0.1790 0.0975 -0.0144 -0.0204 -0.0081 26  GLN A CA  
79  C C   . GLN A 31  ? 0.1522 0.1690 0.1583 0.0032  -0.0120 -0.0301 26  GLN A C   
80  O O   . GLN A 31  ? 0.1566 0.1839 0.2146 0.0003  -0.0087 -0.0131 26  GLN A O   
81  C CB  A GLN A 31  ? 0.1995 0.2303 0.1054 -0.0177 -0.0171 -0.0246 26  GLN A CB  
82  C CB  B GLN A 31  ? 0.1568 0.1745 0.1287 0.0048  0.0096  -0.0230 26  GLN A CB  
83  C CG  A GLN A 31  ? 0.1964 0.2382 0.2088 -0.0094 0.0072  -0.0170 26  GLN A CG  
84  C CG  B GLN A 31  ? 0.1811 0.1754 0.1303 0.0142  -0.0002 -0.0121 26  GLN A CG  
85  C CD  A GLN A 31  ? 0.2736 0.2745 0.2655 0.0258  0.0168  -0.0054 26  GLN A CD  
86  C CD  B GLN A 31  ? 0.1663 0.1666 0.1160 -0.0235 -0.0180 -0.0104 26  GLN A CD  
87  O OE1 A GLN A 31  ? 0.3462 0.3554 0.3679 -0.0207 -0.0016 -0.0001 26  GLN A OE1 
88  O OE1 B GLN A 31  ? 0.1817 0.2484 0.1385 -0.0162 0.0110  0.0283  26  GLN A OE1 
89  N NE2 A GLN A 31  ? 0.2326 0.2107 0.1846 -0.0038 -0.0043 -0.0215 26  GLN A NE2 
90  N NE2 B GLN A 31  ? 0.2046 0.2477 0.1568 0.0803  0.0347  0.0011  26  GLN A NE2 
91  N N   . LYS A 32  ? 0.1221 0.1528 0.1215 -0.0031 -0.0022 -0.0314 27  LYS A N   
92  C CA  . LYS A 32  ? 0.1377 0.1671 0.1047 0.0070  0.0059  -0.0429 27  LYS A CA  
93  C C   . LYS A 32  ? 0.0990 0.1780 0.1187 -0.0283 0.0213  -0.0502 27  LYS A C   
94  O O   . LYS A 32  ? 0.1163 0.2251 0.1157 -0.0028 0.0065  -0.0628 27  LYS A O   
95  C CB  . LYS A 32  ? 0.1459 0.2135 0.1195 -0.0139 -0.0082 -0.0265 27  LYS A CB  
96  C CG  . LYS A 32  ? 0.2015 0.2410 0.1478 -0.0061 0.0077  0.0098  27  LYS A CG  
97  C CD  . LYS A 32  ? 0.2517 0.2177 0.1824 0.0042  0.0167  0.0091  27  LYS A CD  
98  C CE  . LYS A 32  ? 0.2467 0.2021 0.1320 -0.0222 0.0329  -0.0242 27  LYS A CE  
99  N NZ  . LYS A 32  ? 0.1960 0.1518 0.1884 -0.0240 0.0203  -0.0169 27  LYS A NZ  
100 N N   . ASP A 33  ? 0.1122 0.1771 0.1069 -0.0033 0.0086  -0.0424 28  ASP A N   
101 C CA  . ASP A 33  ? 0.1240 0.1935 0.1025 -0.0265 -0.0089 -0.0360 28  ASP A CA  
102 C C   . ASP A 33  ? 0.1233 0.1960 0.1102 -0.0143 0.0070  -0.0281 28  ASP A C   
103 O O   . ASP A 33  ? 0.1339 0.1991 0.1405 -0.0285 -0.0034 -0.0461 28  ASP A O   
104 C CB  . ASP A 33  ? 0.1879 0.2172 0.1248 -0.0089 -0.0265 -0.0210 28  ASP A CB  
105 C CG  . ASP A 33  ? 0.1815 0.2104 0.1422 0.0089  -0.0354 -0.0332 28  ASP A CG  
106 O OD1 . ASP A 33  ? 0.1486 0.2542 0.1370 -0.0093 -0.0174 -0.0384 28  ASP A OD1 
107 O OD2 . ASP A 33  ? 0.2067 0.2332 0.2162 0.0278  -0.0390 -0.0259 28  ASP A OD2 
108 N N   . ALA A 34  ? 0.1503 0.2286 0.1182 -0.0127 -0.0140 -0.0233 29  ALA A N   
109 C CA  . ALA A 34  ? 0.1766 0.2280 0.1329 -0.0304 -0.0104 -0.0645 29  ALA A CA  
110 C C   . ALA A 34  ? 0.1499 0.2393 0.1479 -0.0346 -0.0120 -0.0598 29  ALA A C   
111 O O   . ALA A 34  ? 0.1686 0.2654 0.2219 -0.0656 0.0032  -0.0879 29  ALA A O   
112 C CB  . ALA A 34  ? 0.1890 0.2924 0.1378 -0.0037 -0.0023 -0.0454 29  ALA A CB  
113 N N   . GLN A 35  ? 0.1139 0.2293 0.1531 -0.0274 -0.0052 -0.0432 30  GLN A N   
114 C CA  . GLN A 35  ? 0.1511 0.2442 0.1676 -0.0277 -0.0014 -0.0479 30  GLN A CA  
115 C C   . GLN A 35  ? 0.1421 0.2387 0.1529 -0.0482 0.0046  -0.0221 30  GLN A C   
116 O O   . GLN A 35  ? 0.1637 0.3011 0.1572 -0.0466 0.0155  -0.0377 30  GLN A O   
117 C CB  . GLN A 35  ? 0.1625 0.2885 0.1902 0.0078  -0.0121 -0.0446 30  GLN A CB  
118 C CG  . GLN A 35  ? 0.2636 0.2974 0.2173 0.0162  -0.0087 -0.0124 30  GLN A CG  
119 N N   . ASN A 36  ? 0.1797 0.1952 0.1222 -0.0462 0.0067  -0.0489 31  ASN A N   
120 C CA  . ASN A 36  ? 0.1640 0.1602 0.1677 -0.0352 0.0072  -0.0372 31  ASN A CA  
121 C C   . ASN A 36  ? 0.1859 0.1759 0.1353 -0.0426 0.0069  -0.0424 31  ASN A C   
122 O O   . ASN A 36  ? 0.2321 0.2024 0.1424 -0.0689 0.0114  -0.0224 31  ASN A O   
123 C CB  . ASN A 36  ? 0.2181 0.1937 0.1847 -0.0610 -0.0104 -0.0331 31  ASN A CB  
124 C CG  . ASN A 36  ? 0.2425 0.1915 0.1797 -0.0643 0.0021  -0.0103 31  ASN A CG  
125 O OD1 . ASN A 36  ? 0.2722 0.2459 0.1629 -0.0276 -0.0151 -0.0106 31  ASN A OD1 
126 N ND2 . ASN A 36  ? 0.2829 0.2062 0.2125 -0.0700 0.0151  -0.0019 31  ASN A ND2 
127 N N   . LEU A 37  ? 0.1370 0.1611 0.1230 -0.0272 0.0114  -0.0337 32  LEU A N   
128 C CA  . LEU A 37  ? 0.1238 0.1371 0.1231 -0.0064 0.0091  -0.0246 32  LEU A CA  
129 C C   . LEU A 37  ? 0.1245 0.1277 0.1018 -0.0010 0.0078  -0.0214 32  LEU A C   
130 O O   . LEU A 37  ? 0.1440 0.1728 0.1038 -0.0236 0.0202  -0.0420 32  LEU A O   
131 C CB  . LEU A 37  ? 0.1640 0.1930 0.1631 0.0253  -0.0193 -0.0405 32  LEU A CB  
132 C CG  . LEU A 37  ? 0.1473 0.2850 0.2282 0.0312  -0.0167 -0.0404 32  LEU A CG  
133 C CD1 . LEU A 37  ? 0.2375 0.3033 0.2612 0.0291  -0.0440 -0.0273 32  LEU A CD1 
134 C CD2 . LEU A 37  ? 0.1657 0.2895 0.2065 -0.0057 0.0098  -0.0728 32  LEU A CD2 
135 N N   . ILE A 38  ? 0.1240 0.1085 0.0829 -0.0059 0.0129  -0.0151 33  ILE A N   
136 C CA  . ILE A 38  ? 0.1009 0.0990 0.0880 -0.0057 0.0114  -0.0169 33  ILE A CA  
137 C C   . ILE A 38  ? 0.1239 0.1090 0.0856 0.0125  0.0056  -0.0195 33  ILE A C   
138 O O   . ILE A 38  ? 0.1420 0.1136 0.1401 -0.0088 0.0199  0.0033  33  ILE A O   
139 C CB  . ILE A 38  ? 0.1107 0.1075 0.1127 0.0024  0.0076  -0.0090 33  ILE A CB  
140 C CG1 . ILE A 38  ? 0.1158 0.1373 0.1081 0.0294  -0.0039 -0.0139 33  ILE A CG1 
141 C CG2 . ILE A 38  ? 0.1358 0.1247 0.1619 0.0346  0.0201  -0.0173 33  ILE A CG2 
142 C CD1 . ILE A 38  ? 0.1486 0.1800 0.1037 0.0132  -0.0199 -0.0041 33  ILE A CD1 
143 N N   . GLY A 39  ? 0.1250 0.1057 0.0923 0.0007  0.0109  -0.0127 34  GLY A N   
144 C CA  . GLY A 39  ? 0.1581 0.1173 0.1066 0.0284  -0.0046 -0.0186 34  GLY A CA  
145 C C   . GLY A 39  ? 0.1072 0.1084 0.1023 0.0105  -0.0022 -0.0175 34  GLY A C   
146 O O   . GLY A 39  ? 0.1238 0.0974 0.1271 0.0105  0.0115  -0.0034 34  GLY A O   
147 N N   . ILE A 40  ? 0.1229 0.0870 0.1026 0.0169  -0.0028 -0.0221 35  ILE A N   
148 C CA  . ILE A 40  ? 0.1228 0.0932 0.1088 0.0055  0.0092  -0.0342 35  ILE A CA  
149 C C   . ILE A 40  ? 0.1052 0.0969 0.1062 -0.0071 0.0141  -0.0208 35  ILE A C   
150 O O   . ILE A 40  ? 0.1513 0.0858 0.1712 -0.0178 0.0194  -0.0301 35  ILE A O   
151 C CB  . ILE A 40  ? 0.1069 0.1204 0.1054 -0.0020 0.0281  -0.0397 35  ILE A CB  
152 C CG1 . ILE A 40  ? 0.1203 0.1355 0.1068 -0.0030 -0.0048 -0.0192 35  ILE A CG1 
153 C CG2 . ILE A 40  ? 0.1248 0.1506 0.1276 -0.0137 0.0219  -0.0160 35  ILE A CG2 
154 C CD1 . ILE A 40  ? 0.1588 0.1908 0.1226 -0.0022 -0.0201 -0.0227 35  ILE A CD1 
155 N N   . SER A 41  ? 0.0987 0.0892 0.1142 -0.0091 0.0198  -0.0098 36  SER A N   
156 C CA  A SER A 41  ? 0.0898 0.1097 0.1054 -0.0096 0.0192  -0.0072 36  SER A CA  
157 C CA  B SER A 41  ? 0.1068 0.1066 0.1004 -0.0051 0.0167  -0.0059 36  SER A CA  
158 C C   . SER A 41  ? 0.0871 0.0980 0.1056 -0.0085 0.0099  -0.0260 36  SER A C   
159 O O   . SER A 41  ? 0.1095 0.1029 0.1417 -0.0192 0.0071  -0.0405 36  SER A O   
160 C CB  A SER A 41  ? 0.1005 0.1129 0.1151 -0.0220 -0.0016 0.0072  36  SER A CB  
161 C CB  B SER A 41  ? 0.1090 0.1559 0.1311 0.0090  0.0308  0.0055  36  SER A CB  
162 O OG  A SER A 41  ? 0.1176 0.1069 0.1488 0.0015  0.0363  -0.0240 36  SER A OG  
163 O OG  B SER A 41  ? 0.1790 0.1976 0.1223 0.0107  0.0045  -0.0035 36  SER A OG  
164 N N   . ILE A 42  ? 0.0938 0.1160 0.1013 -0.0186 0.0010  -0.0315 37  ILE A N   
165 C CA  A ILE A 42  ? 0.0985 0.1697 0.1197 -0.0042 0.0076  -0.0281 37  ILE A CA  
166 C CA  B ILE A 42  ? 0.0754 0.1067 0.0861 0.0069  0.0013  -0.0154 37  ILE A CA  
167 C C   . ILE A 42  ? 0.0918 0.1229 0.1125 -0.0065 0.0136  0.0004  37  ILE A C   
168 O O   . ILE A 42  ? 0.0917 0.1457 0.1288 -0.0087 0.0087  -0.0291 37  ILE A O   
169 C CB  A ILE A 42  ? 0.1332 0.1950 0.1046 0.0150  -0.0125 -0.0113 37  ILE A CB  
170 C CB  B ILE A 42  ? 0.0538 0.0909 0.0949 -0.0086 -0.0049 -0.0033 37  ILE A CB  
171 C CG1 A ILE A 42  ? 0.1935 0.2265 0.1439 0.0366  -0.0180 -0.0179 37  ILE A CG1 
172 C CG1 B ILE A 42  ? 0.0688 0.0867 0.0984 -0.0009 -0.0027 0.0018  37  ILE A CG1 
173 C CG2 A ILE A 42  ? 0.1637 0.1863 0.1437 0.0182  -0.0177 -0.0159 37  ILE A CG2 
174 C CG2 B ILE A 42  ? 0.0983 0.1024 0.1040 0.0314  0.0280  0.0009  37  ILE A CG2 
175 C CD1 A ILE A 42  ? 0.2255 0.2086 0.2256 0.0359  0.0002  -0.0121 37  ILE A CD1 
176 C CD1 B ILE A 42  ? 0.1467 0.1178 0.1449 0.0200  -0.0068 0.0109  37  ILE A CD1 
177 N N   . GLY A 43  ? 0.1004 0.1132 0.1288 -0.0269 0.0394  -0.0297 38  GLY A N   
178 C CA  . GLY A 43  ? 0.1231 0.1474 0.1346 -0.0238 0.0348  -0.0303 38  GLY A CA  
179 C C   . GLY A 43  ? 0.1693 0.1359 0.1381 -0.0060 0.0355  -0.0137 38  GLY A C   
180 O O   . GLY A 43  ? 0.2018 0.1438 0.0999 -0.0077 0.0204  -0.0065 38  GLY A O   
181 N N   . GLY A 44  ? 0.2047 0.2011 0.1449 0.0498  0.0157  -0.0379 39  GLY A N   
182 C CA  . GLY A 44  ? 0.2281 0.2069 0.1547 0.0062  -0.0003 -0.0426 39  GLY A CA  
183 C C   . GLY A 44  ? 0.2778 0.2098 0.1440 0.0122  -0.0103 -0.0274 39  GLY A C   
184 O O   . GLY A 44  ? 0.2912 0.2437 0.1800 -0.0061 -0.0104 -0.0302 39  GLY A O   
185 N N   . GLY A 45  ? 0.2787 0.2649 0.2031 0.0238  0.0091  -0.0081 40  GLY A N   
186 C CA  . GLY A 45  ? 0.2967 0.2953 0.1990 0.0100  -0.0044 0.0161  40  GLY A CA  
187 C C   . GLY A 45  ? 0.2652 0.2840 0.2485 0.0096  -0.0110 0.0067  40  GLY A C   
188 O O   . GLY A 45  ? 0.3117 0.3132 0.3327 -0.0260 -0.0041 0.0137  40  GLY A O   
189 N N   . ALA A 46  ? 0.2741 0.3100 0.2279 0.0153  0.0313  -0.0071 41  ALA A N   
190 C CA  . ALA A 46  ? 0.2810 0.3166 0.2656 0.0174  0.0241  -0.0055 41  ALA A CA  
191 C C   . ALA A 46  ? 0.3222 0.3334 0.3037 0.0113  0.0121  0.0143  41  ALA A C   
192 O O   . ALA A 46  ? 0.3499 0.3589 0.2962 0.0301  -0.0044 -0.0078 41  ALA A O   
193 C CB  . ALA A 46  ? 0.2905 0.3125 0.2533 0.0027  0.0094  -0.0007 41  ALA A CB  
194 N N   . GLN A 47  ? 0.3411 0.3627 0.3252 0.0006  0.0155  -0.0011 42  GLN A N   
195 C CA  . GLN A 47  ? 0.3710 0.3644 0.3444 0.0012  0.0076  0.0136  42  GLN A CA  
196 C C   . GLN A 47  ? 0.3761 0.3896 0.3657 0.0041  0.0057  -0.0033 42  GLN A C   
197 O O   . GLN A 47  ? 0.4267 0.4098 0.4191 -0.0112 -0.0042 0.0028  42  GLN A O   
198 C CB  . GLN A 47  ? 0.3745 0.3834 0.3767 0.0029  0.0077  0.0020  42  GLN A CB  
199 N N   . PRO A 50  ? 0.3192 0.3267 0.2567 -0.0145 0.0308  0.0121  45  PRO A N   
200 C CA  . PRO A 50  ? 0.3265 0.3143 0.2678 0.0092  0.0288  0.0205  45  PRO A CA  
201 C C   . PRO A 50  ? 0.3081 0.3088 0.2658 0.0115  0.0215  0.0218  45  PRO A C   
202 O O   . PRO A 50  ? 0.4205 0.3815 0.3756 -0.0026 0.0355  -0.0060 45  PRO A O   
203 C CB  . PRO A 50  ? 0.3321 0.3335 0.3202 0.0186  0.0096  0.0170  45  PRO A CB  
204 C CG  . PRO A 50  ? 0.3512 0.3631 0.3217 0.0092  0.0004  0.0099  45  PRO A CG  
205 C CD  . PRO A 50  ? 0.3739 0.3605 0.3046 0.0092  -0.0005 0.0047  45  PRO A CD  
206 N N   . CYS A 51  ? 0.2647 0.2971 0.1554 0.0199  0.0193  0.0253  46  CYS A N   
207 C CA  . CYS A 51  ? 0.2349 0.2467 0.1826 0.0108  0.0236  0.0252  46  CYS A CA  
208 C C   . CYS A 51  ? 0.2335 0.1807 0.1524 0.0112  0.0299  0.0135  46  CYS A C   
209 O O   . CYS A 51  ? 0.2170 0.2269 0.1263 0.0174  0.0239  0.0008  46  CYS A O   
210 C CB  . CYS A 51  ? 0.2233 0.2715 0.1670 0.0076  -0.0092 0.0123  46  CYS A CB  
211 S SG  . CYS A 51  ? 0.3172 0.4004 0.2847 0.0475  -0.0731 0.0491  46  CYS A SG  
212 N N   . LEU A 52  ? 0.2187 0.2240 0.1343 -0.0243 0.0405  0.0136  47  LEU A N   
213 C CA  . LEU A 52  ? 0.1886 0.1264 0.0972 -0.0143 0.0251  -0.0014 47  LEU A CA  
214 C C   . LEU A 52  ? 0.1319 0.1195 0.1121 0.0016  0.0321  -0.0032 47  LEU A C   
215 O O   . LEU A 52  ? 0.1351 0.1185 0.1173 0.0232  0.0172  0.0086  47  LEU A O   
216 C CB  . LEU A 52  ? 0.2521 0.1362 0.1923 -0.0175 0.0330  0.0500  47  LEU A CB  
217 C CG  . LEU A 52  ? 0.2156 0.2031 0.2083 0.0046  0.0154  0.0212  47  LEU A CG  
218 C CD1 . LEU A 52  ? 0.2484 0.2168 0.2800 -0.0195 0.0134  0.0024  47  LEU A CD1 
219 C CD2 . LEU A 52  ? 0.2203 0.2401 0.2234 -0.0195 0.0240  0.0156  47  LEU A CD2 
220 N N   . TYR A 53  ? 0.1075 0.1034 0.1082 -0.0107 0.0238  -0.0145 48  TYR A N   
221 C CA  A TYR A 53  ? 0.0982 0.0919 0.0981 0.0037  0.0154  0.0052  48  TYR A CA  
222 C CA  B TYR A 53  ? 0.1003 0.0813 0.1054 -0.0058 0.0128  0.0125  48  TYR A CA  
223 C C   . TYR A 53  ? 0.1061 0.1055 0.0895 -0.0149 0.0171  -0.0127 48  TYR A C   
224 O O   . TYR A 53  ? 0.1273 0.1224 0.0976 -0.0373 0.0113  -0.0033 48  TYR A O   
225 C CB  A TYR A 53  ? 0.1227 0.1168 0.0980 -0.0006 0.0033  -0.0055 48  TYR A CB  
226 C CB  B TYR A 53  ? 0.1120 0.1156 0.0923 -0.0411 0.0055  -0.0061 48  TYR A CB  
227 C CG  A TYR A 53  ? 0.0989 0.0788 0.0901 0.0151  0.0100  0.0103  48  TYR A CG  
228 C CG  B TYR A 53  ? 0.1311 0.1072 0.1261 -0.0172 -0.0077 -0.0030 48  TYR A CG  
229 C CD1 A TYR A 53  ? 0.1042 0.0816 0.1048 -0.0039 0.0038  0.0114  48  TYR A CD1 
230 C CD1 B TYR A 53  ? 0.1368 0.1393 0.1316 0.0189  0.0255  -0.0179 48  TYR A CD1 
231 C CD2 A TYR A 53  ? 0.1037 0.1353 0.0988 0.0114  0.0198  -0.0053 48  TYR A CD2 
232 C CD2 B TYR A 53  ? 0.1653 0.1217 0.1465 0.0417  0.0060  -0.0077 48  TYR A CD2 
233 C CE1 A TYR A 53  ? 0.1180 0.1248 0.1233 0.0018  0.0222  -0.0314 48  TYR A CE1 
234 C CE1 B TYR A 53  ? 0.1529 0.1714 0.1506 0.0092  0.0335  -0.0029 48  TYR A CE1 
235 C CE2 A TYR A 53  ? 0.1386 0.1212 0.0874 0.0118  0.0127  -0.0093 48  TYR A CE2 
236 C CE2 B TYR A 53  ? 0.1426 0.1899 0.1422 0.0480  -0.0053 0.0108  48  TYR A CE2 
237 C CZ  A TYR A 53  ? 0.1258 0.1117 0.1059 0.0191  -0.0108 -0.0052 48  TYR A CZ  
238 C CZ  B TYR A 53  ? 0.1541 0.1036 0.1606 0.0102  0.0265  -0.0069 48  TYR A CZ  
239 O OH  A TYR A 53  ? 0.1419 0.1481 0.1240 0.0100  -0.0243 -0.0353 48  TYR A OH  
240 O OH  B TYR A 53  ? 0.1635 0.1703 0.1960 0.0158  0.0351  -0.0121 48  TYR A OH  
241 N N   . ILE A 54  ? 0.1019 0.1146 0.0921 -0.0241 0.0017  -0.0159 49  ILE A N   
242 C CA  . ILE A 54  ? 0.1239 0.1032 0.0951 -0.0159 0.0038  -0.0124 49  ILE A CA  
243 C C   . ILE A 54  ? 0.1454 0.0907 0.0900 -0.0115 0.0144  -0.0178 49  ILE A C   
244 O O   . ILE A 54  ? 0.1728 0.1042 0.1363 -0.0317 0.0114  -0.0431 49  ILE A O   
245 C CB  . ILE A 54  ? 0.1065 0.1249 0.0895 -0.0335 0.0198  -0.0136 49  ILE A CB  
246 C CG1 . ILE A 54  ? 0.1482 0.1704 0.0957 -0.0188 0.0284  -0.0091 49  ILE A CG1 
247 C CG2 . ILE A 54  ? 0.1570 0.1169 0.0963 -0.0141 0.0148  -0.0168 49  ILE A CG2 
248 C CD1 . ILE A 54  ? 0.1336 0.1888 0.1258 -0.0234 0.0177  -0.0236 49  ILE A CD1 
249 N N   . VAL A 55  ? 0.1272 0.0912 0.0934 0.0054  0.0202  -0.0222 50  VAL A N   
250 C CA  . VAL A 55  ? 0.1522 0.0959 0.1095 0.0210  0.0432  -0.0097 50  VAL A CA  
251 C C   . VAL A 55  ? 0.1233 0.0925 0.1113 0.0122  0.0148  -0.0187 50  VAL A C   
252 O O   . VAL A 55  ? 0.2326 0.0988 0.1314 0.0410  0.0163  -0.0149 50  VAL A O   
253 C CB  . VAL A 55  ? 0.1690 0.1641 0.1672 0.0562  0.0460  -0.0218 50  VAL A CB  
254 C CG1 . VAL A 55  ? 0.1962 0.1974 0.2166 0.0590  0.0534  -0.0070 50  VAL A CG1 
255 C CG2 . VAL A 55  ? 0.2010 0.1781 0.1692 0.0022  0.0481  -0.0017 50  VAL A CG2 
256 N N   . GLN A 56  ? 0.1149 0.0916 0.1208 0.0150  0.0285  -0.0053 51  GLN A N   
257 C CA  . GLN A 56  ? 0.1118 0.0943 0.1155 0.0255  0.0040  -0.0082 51  GLN A CA  
258 C C   . GLN A 56  ? 0.1028 0.0802 0.0948 0.0083  0.0040  -0.0087 51  GLN A C   
259 O O   . GLN A 56  ? 0.1172 0.0781 0.1146 0.0153  0.0245  -0.0084 51  GLN A O   
260 C CB  . GLN A 56  ? 0.0980 0.1332 0.1337 0.0230  0.0128  0.0013  51  GLN A CB  
261 C CG  . GLN A 56  ? 0.1281 0.1330 0.1590 0.0253  -0.0021 0.0119  51  GLN A CG  
262 C CD  . GLN A 56  ? 0.1450 0.1875 0.1648 0.0355  -0.0212 0.0109  51  GLN A CD  
263 O OE1 . GLN A 56  ? 0.1515 0.2270 0.2187 0.0437  -0.0110 0.0059  51  GLN A OE1 
264 N NE2 . GLN A 56  ? 0.2033 0.2402 0.1976 0.0513  -0.0417 0.0324  51  GLN A NE2 
265 N N   . VAL A 57  ? 0.1021 0.0833 0.1010 0.0144  0.0147  0.0021  52  VAL A N   
266 C CA  . VAL A 57  ? 0.1122 0.0992 0.0774 0.0099  0.0100  0.0073  52  VAL A CA  
267 C C   . VAL A 57  ? 0.1164 0.1104 0.1009 0.0181  0.0020  0.0023  52  VAL A C   
268 O O   . VAL A 57  ? 0.1704 0.1064 0.1153 0.0361  -0.0054 0.0059  52  VAL A O   
269 C CB  . VAL A 57  ? 0.1314 0.0982 0.1019 -0.0001 0.0220  -0.0011 52  VAL A CB  
270 C CG1 . VAL A 57  ? 0.1450 0.1695 0.1245 0.0194  0.0429  -0.0143 52  VAL A CG1 
271 C CG2 . VAL A 57  ? 0.1273 0.1420 0.1026 0.0056  -0.0041 0.0134  52  VAL A CG2 
272 N N   . PHE A 58  ? 0.1278 0.1020 0.0940 0.0305  -0.0162 -0.0059 53  PHE A N   
273 C CA  . PHE A 58  ? 0.1420 0.1483 0.1206 0.0376  -0.0033 -0.0154 53  PHE A CA  
274 C C   . PHE A 58  ? 0.1615 0.1482 0.1018 0.0429  -0.0283 -0.0057 53  PHE A C   
275 O O   . PHE A 58  ? 0.1373 0.1578 0.0983 0.0352  -0.0136 0.0131  53  PHE A O   
276 C CB  . PHE A 58  ? 0.1605 0.1599 0.1211 0.0216  -0.0154 -0.0211 53  PHE A CB  
277 C CG  . PHE A 58  ? 0.1283 0.1648 0.1520 0.0211  -0.0097 -0.0229 53  PHE A CG  
278 C CD1 . PHE A 58  ? 0.1562 0.2388 0.2004 0.0397  -0.0074 0.0001  53  PHE A CD1 
279 C CD2 . PHE A 58  ? 0.1252 0.1887 0.1602 0.0115  -0.0233 -0.0047 53  PHE A CD2 
280 C CE1 . PHE A 58  ? 0.1707 0.2252 0.2254 0.0295  0.0127  -0.0137 53  PHE A CE1 
281 C CE2 . PHE A 58  ? 0.1342 0.2206 0.1711 -0.0058 -0.0137 0.0002  53  PHE A CE2 
282 C CZ  . PHE A 58  ? 0.1624 0.2256 0.2000 -0.0006 0.0152  -0.0313 53  PHE A CZ  
283 N N   . ASP A 59  ? 0.1842 0.1899 0.1321 0.0845  -0.0189 0.0095  54  ASP A N   
284 C CA  . ASP A 59  ? 0.2218 0.1923 0.1441 0.0718  -0.0078 0.0295  54  ASP A CA  
285 C C   . ASP A 59  ? 0.2114 0.2036 0.1187 0.0630  -0.0188 0.0471  54  ASP A C   
286 O O   . ASP A 59  ? 0.2334 0.2585 0.1376 0.0720  -0.0632 -0.0119 54  ASP A O   
287 C CB  . ASP A 59  ? 0.2670 0.2396 0.1719 0.0675  -0.0242 0.0302  54  ASP A CB  
288 C CG  . ASP A 59  ? 0.2992 0.2393 0.2333 0.0614  0.0133  0.0186  54  ASP A CG  
289 O OD1 . ASP A 59  ? 0.3593 0.2834 0.2590 0.0419  -0.0133 0.0326  54  ASP A OD1 
290 O OD2 . ASP A 59  ? 0.3859 0.3395 0.3225 0.0952  -0.0084 0.0500  54  ASP A OD2 
291 N N   A ASN A 60  ? 0.2015 0.2098 0.1379 0.0640  -0.0046 0.0255  55  ASN A N   
292 N N   B ASN A 60  ? 0.2363 0.2179 0.0845 0.0525  -0.0167 0.0278  55  ASN A N   
293 C CA  A ASN A 60  ? 0.1655 0.1840 0.1165 0.0082  -0.0242 0.0144  55  ASN A CA  
294 C CA  B ASN A 60  ? 0.1974 0.1953 0.0891 0.0304  -0.0133 -0.0018 55  ASN A CA  
295 C C   A ASN A 60  ? 0.1634 0.1917 0.1245 0.0034  -0.0034 -0.0039 55  ASN A C   
296 C C   B ASN A 60  ? 0.1708 0.1831 0.0956 0.0075  -0.0036 -0.0032 55  ASN A C   
297 O O   A ASN A 60  ? 0.2540 0.2167 0.1614 0.0051  -0.0518 0.0134  55  ASN A O   
298 O O   B ASN A 60  ? 0.2347 0.2127 0.0683 0.0341  0.0158  -0.0059 55  ASN A O   
299 C CB  A ASN A 60  ? 0.1698 0.2062 0.1282 -0.0008 -0.0306 0.0283  55  ASN A CB  
300 C CB  B ASN A 60  ? 0.1982 0.1902 0.1058 0.0110  -0.0084 0.0082  55  ASN A CB  
301 C CG  A ASN A 60  ? 0.1722 0.1890 0.1248 0.0063  -0.0297 0.0161  55  ASN A CG  
302 C CG  B ASN A 60  ? 0.2210 0.1952 0.0961 0.0218  -0.0049 0.0104  55  ASN A CG  
303 O OD1 A ASN A 60  ? 0.2313 0.2559 0.1472 0.0015  -0.0141 0.0582  55  ASN A OD1 
304 O OD1 B ASN A 60  ? 0.2499 0.2171 0.1394 0.0283  -0.0169 0.0206  55  ASN A OD1 
305 N ND2 A ASN A 60  ? 0.2027 0.2540 0.1709 0.0388  -0.0306 0.0022  55  ASN A ND2 
306 N ND2 B ASN A 60  ? 0.2294 0.2066 0.1689 0.0406  0.0015  0.0041  55  ASN A ND2 
307 N N   A THR A 61  ? 0.1644 0.1922 0.1013 0.0351  -0.0015 0.0113  56  THR A N   
308 N N   B THR A 61  ? 0.1620 0.1898 0.0688 0.0368  -0.0084 0.0006  56  THR A N   
309 C CA  . THR A 61  ? 0.1326 0.1847 0.0803 0.0307  -0.0140 -0.0143 56  THR A CA  
310 C C   . THR A 61  ? 0.1419 0.1468 0.0776 0.0191  -0.0061 -0.0086 56  THR A C   
311 O O   . THR A 61  ? 0.1540 0.1364 0.0863 0.0243  0.0123  0.0087  56  THR A O   
312 C CB  . THR A 61  ? 0.1291 0.1664 0.1135 0.0301  0.0029  -0.0093 56  THR A CB  
313 O OG1 . THR A 61  ? 0.1427 0.1530 0.0795 0.0374  -0.0012 -0.0143 56  THR A OG1 
314 C CG2 . THR A 61  ? 0.1345 0.2000 0.1448 0.0314  -0.0165 -0.0242 56  THR A CG2 
315 N N   . PRO A 62  ? 0.1205 0.1330 0.0987 0.0139  0.0031  -0.0155 57  PRO A N   
316 C CA  . PRO A 62  ? 0.1163 0.1249 0.0956 0.0124  0.0115  -0.0149 57  PRO A CA  
317 C C   . PRO A 62  ? 0.1069 0.1018 0.0909 0.0158  0.0151  -0.0205 57  PRO A C   
318 O O   . PRO A 62  ? 0.1028 0.1123 0.0793 0.0129  0.0154  -0.0017 57  PRO A O   
319 C CB  . PRO A 62  ? 0.1219 0.1200 0.1006 0.0138  0.0174  -0.0239 57  PRO A CB  
320 C CG  . PRO A 62  ? 0.1383 0.1392 0.1257 0.0106  -0.0127 -0.0319 57  PRO A CG  
321 C CD  . PRO A 62  ? 0.1431 0.1362 0.1241 0.0174  -0.0145 -0.0310 57  PRO A CD  
322 N N   . ALA A 63  ? 0.0985 0.0921 0.0759 0.0083  0.0044  -0.0116 58  ALA A N   
323 C CA  . ALA A 63  ? 0.1082 0.1086 0.0725 0.0169  0.0041  -0.0090 58  ALA A CA  
324 C C   . ALA A 63  ? 0.1046 0.0968 0.0883 0.0188  0.0130  -0.0091 58  ALA A C   
325 O O   . ALA A 63  ? 0.1204 0.0968 0.1036 -0.0066 0.0184  -0.0116 58  ALA A O   
326 C CB  . ALA A 63  ? 0.1085 0.1162 0.0882 0.0026  0.0223  -0.0140 58  ALA A CB  
327 N N   . ALA A 64  ? 0.1142 0.1052 0.0999 0.0177  0.0211  -0.0059 59  ALA A N   
328 C CA  . ALA A 64  ? 0.1344 0.1028 0.1104 0.0226  0.0295  -0.0018 59  ALA A CA  
329 C C   . ALA A 64  ? 0.1267 0.1056 0.1177 0.0230  0.0305  0.0092  59  ALA A C   
330 O O   . ALA A 64  ? 0.1757 0.1083 0.1839 0.0118  0.0658  -0.0010 59  ALA A O   
331 C CB  . ALA A 64  ? 0.1428 0.1363 0.1461 0.0267  0.0155  0.0211  59  ALA A CB  
332 N N   . LEU A 65  ? 0.1358 0.1168 0.0974 0.0229  0.0415  0.0139  60  LEU A N   
333 C CA  . LEU A 65  ? 0.1519 0.1466 0.1067 0.0296  0.0379  0.0152  60  LEU A CA  
334 C C   . LEU A 65  ? 0.1436 0.1173 0.0899 0.0208  0.0282  -0.0016 60  LEU A C   
335 O O   . LEU A 65  ? 0.1334 0.1266 0.1245 -0.0005 0.0282  0.0212  60  LEU A O   
336 C CB  . LEU A 65  ? 0.1318 0.1400 0.0966 0.0169  0.0216  -0.0104 60  LEU A CB  
337 C CG  . LEU A 65  ? 0.1558 0.1808 0.0873 0.0155  0.0143  0.0022  60  LEU A CG  
338 C CD1 . LEU A 65  ? 0.1907 0.2281 0.1181 0.0239  0.0005  -0.0324 60  LEU A CD1 
339 C CD2 . LEU A 65  ? 0.2274 0.2246 0.1400 0.0090  -0.0267 0.0430  60  LEU A CD2 
340 N N   . ASP A 66  ? 0.1285 0.1118 0.0878 0.0150  0.0250  -0.0099 61  ASP A N   
341 C CA  . ASP A 66  ? 0.1212 0.1120 0.0965 0.0022  0.0231  -0.0136 61  ASP A CA  
342 C C   . ASP A 66  ? 0.1449 0.1153 0.0971 0.0107  0.0244  -0.0021 61  ASP A C   
343 O O   . ASP A 66  ? 0.1449 0.1435 0.1628 -0.0256 0.0319  -0.0164 61  ASP A O   
344 C CB  . ASP A 66  ? 0.1245 0.1120 0.0917 -0.0019 0.0258  -0.0131 61  ASP A CB  
345 C CG  . ASP A 66  ? 0.1493 0.1042 0.1056 0.0068  0.0150  -0.0073 61  ASP A CG  
346 O OD1 . ASP A 66  ? 0.1494 0.1521 0.1501 0.0177  -0.0012 -0.0155 61  ASP A OD1 
347 O OD2 . ASP A 66  ? 0.1681 0.1266 0.0973 -0.0087 0.0039  0.0011  61  ASP A OD2 
348 N N   . GLY A 67  ? 0.1444 0.1178 0.1027 0.0164  0.0099  -0.0141 62  GLY A N   
349 C CA  . GLY A 67  ? 0.1917 0.1364 0.1465 0.0140  -0.0044 -0.0166 62  GLY A CA  
350 C C   . GLY A 67  ? 0.1624 0.1435 0.1356 0.0102  -0.0041 -0.0370 62  GLY A C   
351 O O   . GLY A 67  ? 0.2671 0.1451 0.1924 0.0070  -0.0282 -0.0437 62  GLY A O   
352 N N   . THR A 68  ? 0.1292 0.1505 0.0992 -0.0266 0.0095  -0.0192 63  THR A N   
353 C CA  . THR A 68  ? 0.1441 0.1730 0.1012 -0.0278 0.0117  -0.0222 63  THR A CA  
354 C C   . THR A 68  ? 0.1087 0.1458 0.0921 -0.0305 0.0226  -0.0190 63  THR A C   
355 O O   . THR A 68  ? 0.2032 0.1824 0.1224 -0.0787 0.0431  -0.0591 63  THR A O   
356 C CB  . THR A 68  ? 0.1083 0.2311 0.1111 -0.0051 0.0034  -0.0368 63  THR A CB  
357 O OG1 . THR A 68  ? 0.1278 0.2620 0.1395 0.0137  0.0159  0.0012  63  THR A OG1 
358 C CG2 . THR A 68  ? 0.1712 0.2514 0.1370 -0.0243 -0.0193 -0.0128 63  THR A CG2 
359 N N   . VAL A 69  ? 0.0971 0.1329 0.0865 -0.0098 0.0141  -0.0247 64  VAL A N   
360 C CA  . VAL A 69  ? 0.1045 0.1279 0.0912 -0.0063 0.0022  -0.0201 64  VAL A CA  
361 C C   . VAL A 69  ? 0.1061 0.1199 0.0860 -0.0118 -0.0024 -0.0193 64  VAL A C   
362 O O   . VAL A 69  ? 0.1487 0.1360 0.0981 -0.0052 0.0056  0.0063  64  VAL A O   
363 C CB  . VAL A 69  ? 0.1133 0.1130 0.1205 0.0012  0.0206  0.0056  64  VAL A CB  
364 C CG1 . VAL A 69  ? 0.1513 0.1551 0.1707 0.0252  0.0202  0.0144  64  VAL A CG1 
365 C CG2 . VAL A 69  ? 0.1263 0.1443 0.1611 -0.0305 0.0200  -0.0256 64  VAL A CG2 
366 N N   . ALA A 70  ? 0.1194 0.1042 0.0949 0.0080  -0.0064 0.0016  65  ALA A N   
367 C CA  . ALA A 70  ? 0.1371 0.1038 0.1230 -0.0027 -0.0068 -0.0053 65  ALA A CA  
368 C C   . ALA A 70  ? 0.0972 0.0656 0.1092 0.0063  -0.0058 -0.0072 65  ALA A C   
369 O O   . ALA A 70  ? 0.0933 0.0783 0.1092 0.0138  -0.0014 -0.0089 65  ALA A O   
370 C CB  . ALA A 70  ? 0.1613 0.1149 0.1696 -0.0215 0.0060  -0.0021 65  ALA A CB  
371 N N   . ALA A 71  ? 0.1351 0.0924 0.1177 0.0187  -0.0206 -0.0014 66  ALA A N   
372 C CA  . ALA A 71  ? 0.1098 0.0975 0.1487 0.0233  -0.0049 -0.0183 66  ALA A CA  
373 C C   . ALA A 71  ? 0.1239 0.0696 0.1197 0.0216  -0.0121 -0.0121 66  ALA A C   
374 O O   . ALA A 71  ? 0.1549 0.0750 0.1321 0.0083  -0.0084 -0.0112 66  ALA A O   
375 C CB  . ALA A 71  ? 0.1407 0.1632 0.1734 0.0573  -0.0279 -0.0272 66  ALA A CB  
376 N N   . GLY A 72  ? 0.1112 0.0822 0.1410 0.0239  0.0092  -0.0038 67  GLY A N   
377 C CA  . GLY A 72  ? 0.1378 0.1020 0.1201 0.0223  0.0108  -0.0057 67  GLY A CA  
378 C C   . GLY A 72  ? 0.1383 0.0833 0.1116 0.0103  0.0082  -0.0065 67  GLY A C   
379 O O   . GLY A 72  ? 0.2209 0.1085 0.1012 0.0491  0.0101  -0.0076 67  GLY A O   
380 N N   . ASP A 73  ? 0.1213 0.0759 0.0907 0.0133  0.0082  -0.0012 68  ASP A N   
381 C CA  . ASP A 73  ? 0.1061 0.0726 0.0928 0.0127  -0.0045 -0.0097 68  ASP A CA  
382 C C   . ASP A 73  ? 0.1097 0.0786 0.1000 0.0202  0.0076  -0.0060 68  ASP A C   
383 O O   . ASP A 73  ? 0.0852 0.1085 0.1216 0.0060  0.0015  0.0243  68  ASP A O   
384 C CB  . ASP A 73  ? 0.0793 0.0937 0.0970 -0.0059 -0.0007 0.0019  68  ASP A CB  
385 C CG  . ASP A 73  ? 0.0759 0.1408 0.1150 -0.0052 -0.0064 -0.0068 68  ASP A CG  
386 O OD1 . ASP A 73  ? 0.1258 0.1347 0.1543 -0.0278 -0.0047 0.0279  68  ASP A OD1 
387 O OD2 . ASP A 73  ? 0.1106 0.1919 0.1149 -0.0081 0.0001  0.0018  68  ASP A OD2 
388 N N   . GLU A 74  ? 0.1303 0.0935 0.0916 0.0101  -0.0123 -0.0057 69  GLU A N   
389 C CA  . GLU A 74  ? 0.1407 0.0842 0.0952 0.0293  0.0052  0.0071  69  GLU A CA  
390 C C   . GLU A 74  ? 0.1284 0.0921 0.0987 0.0277  0.0046  -0.0061 69  GLU A C   
391 O O   . GLU A 74  ? 0.1198 0.1141 0.1624 0.0063  0.0287  -0.0401 69  GLU A O   
392 C CB  . GLU A 74  ? 0.1685 0.1294 0.0884 0.0456  -0.0095 0.0053  69  GLU A CB  
393 C CG  . GLU A 74  ? 0.2314 0.1485 0.1250 0.0328  0.0027  0.0151  69  GLU A CG  
394 C CD  . GLU A 74  ? 0.2775 0.2233 0.1578 0.0393  -0.0109 0.0258  69  GLU A CD  
395 O OE1 . GLU A 74  ? 0.3024 0.3065 0.1466 0.0134  -0.0542 0.0203  69  GLU A OE1 
396 O OE2 . GLU A 74  ? 0.3683 0.2466 0.1584 0.0535  -0.0181 0.0297  69  GLU A OE2 
397 N N   . ILE A 75  ? 0.1219 0.0845 0.1031 0.0134  0.0068  0.0092  70  ILE A N   
398 C CA  . ILE A 75  ? 0.1199 0.0880 0.0999 0.0153  0.0068  0.0004  70  ILE A CA  
399 C C   . ILE A 75  ? 0.1530 0.0982 0.0941 0.0387  0.0097  -0.0057 70  ILE A C   
400 O O   . ILE A 75  ? 0.1657 0.1293 0.1015 0.0531  0.0272  0.0227  70  ILE A O   
401 C CB  . ILE A 75  ? 0.1415 0.0896 0.1406 0.0092  0.0008  0.0106  70  ILE A CB  
402 C CG1 . ILE A 75  ? 0.2100 0.1221 0.1664 0.0132  -0.0384 0.0080  70  ILE A CG1 
403 C CG2 . ILE A 75  ? 0.1953 0.1028 0.1501 0.0086  -0.0191 -0.0076 70  ILE A CG2 
404 C CD1 . ILE A 75  ? 0.2356 0.2307 0.2215 -0.0308 -0.0663 0.0089  70  ILE A CD1 
405 N N   . THR A 76  ? 0.1326 0.1245 0.0923 0.0428  0.0066  -0.0085 71  THR A N   
406 C CA  . THR A 76  ? 0.1553 0.1485 0.1006 0.0568  -0.0049 -0.0219 71  THR A CA  
407 C C   . THR A 76  ? 0.1259 0.1425 0.0933 0.0574  -0.0209 -0.0125 71  THR A C   
408 O O   . THR A 76  ? 0.2151 0.1656 0.1045 0.0917  -0.0389 -0.0073 71  THR A O   
409 C CB  . THR A 76  ? 0.2198 0.1585 0.1742 0.0427  -0.0219 -0.0644 71  THR A CB  
410 O OG1 . THR A 76  ? 0.1494 0.1837 0.2508 0.0098  -0.0510 -0.0672 71  THR A OG1 
411 C CG2 . THR A 76  ? 0.2576 0.1845 0.2331 0.0153  -0.0379 -0.0638 71  THR A CG2 
412 N N   . GLY A 77  ? 0.1034 0.1073 0.0852 0.0199  -0.0067 0.0075  72  GLY A N   
413 C CA  . GLY A 77  ? 0.0921 0.0964 0.0855 0.0297  -0.0016 0.0069  72  GLY A CA  
414 C C   . GLY A 77  ? 0.0746 0.1010 0.0758 0.0206  -0.0046 0.0045  72  GLY A C   
415 O O   . GLY A 77  ? 0.0891 0.0915 0.0885 0.0197  -0.0054 0.0132  72  GLY A O   
416 N N   . VAL A 78  ? 0.0794 0.0861 0.0825 0.0221  -0.0046 0.0136  73  VAL A N   
417 C CA  . VAL A 78  ? 0.0799 0.0823 0.0781 0.0087  -0.0099 0.0109  73  VAL A CA  
418 C C   . VAL A 78  ? 0.0760 0.0848 0.0910 0.0038  -0.0122 0.0102  73  VAL A C   
419 O O   . VAL A 78  ? 0.0858 0.0901 0.1064 0.0237  -0.0042 0.0239  73  VAL A O   
420 C CB  . VAL A 78  ? 0.0919 0.1083 0.0952 0.0100  -0.0012 0.0115  73  VAL A CB  
421 C CG1 . VAL A 78  ? 0.0981 0.1245 0.1093 0.0042  -0.0141 -0.0054 73  VAL A CG1 
422 C CG2 . VAL A 78  ? 0.0907 0.1276 0.1274 0.0197  -0.0151 0.0010  73  VAL A CG2 
423 N N   . ASN A 79  ? 0.0878 0.0734 0.0844 0.0195  -0.0083 0.0047  74  ASN A N   
424 C CA  . ASN A 79  ? 0.1056 0.0732 0.0990 0.0075  0.0014  -0.0005 74  ASN A CA  
425 C C   . ASN A 79  ? 0.0854 0.0749 0.1148 0.0270  0.0036  0.0180  74  ASN A C   
426 O O   . ASN A 79  ? 0.1158 0.0826 0.1228 0.0357  -0.0104 0.0149  74  ASN A O   
427 C CB  . ASN A 79  ? 0.1126 0.0882 0.1146 0.0247  -0.0130 0.0037  74  ASN A CB  
428 C CG  . ASN A 79  ? 0.1917 0.0787 0.1321 0.0030  -0.0362 0.0121  74  ASN A CG  
429 O OD1 . ASN A 79  ? 0.2088 0.0992 0.1222 -0.0155 -0.0502 0.0149  74  ASN A OD1 
430 N ND2 . ASN A 79  ? 0.2215 0.1291 0.1803 -0.0491 -0.0494 0.0193  74  ASN A ND2 
431 N N   . GLY A 80  ? 0.0959 0.0809 0.0996 0.0249  -0.0030 0.0105  75  GLY A N   
432 C CA  . GLY A 80  ? 0.0943 0.1143 0.1003 0.0352  -0.0178 0.0225  75  GLY A CA  
433 C C   . GLY A 80  ? 0.0947 0.1049 0.1024 0.0321  -0.0084 0.0176  75  GLY A C   
434 O O   . GLY A 80  ? 0.1188 0.1495 0.1108 0.0181  -0.0319 0.0314  75  GLY A O   
435 N N   . ARG A 81  ? 0.1041 0.1107 0.0882 0.0362  -0.0170 0.0260  76  ARG A N   
436 C CA  . ARG A 81  ? 0.1130 0.0984 0.0883 0.0295  -0.0078 0.0221  76  ARG A CA  
437 C C   . ARG A 81  ? 0.0968 0.1034 0.1011 0.0335  -0.0084 0.0129  76  ARG A C   
438 O O   . ARG A 81  ? 0.1275 0.1319 0.1055 0.0550  0.0064  0.0344  76  ARG A O   
439 C CB  . ARG A 81  ? 0.1321 0.1176 0.1308 0.0202  0.0051  0.0073  76  ARG A CB  
440 C CG  . ARG A 81  ? 0.1515 0.1373 0.1473 0.0122  -0.0055 -0.0027 76  ARG A CG  
441 C CD  . ARG A 81  ? 0.1857 0.1763 0.1786 -0.0068 0.0043  -0.0023 76  ARG A CD  
442 N NE  . ARG A 81  ? 0.2205 0.1926 0.2859 -0.0173 0.0705  -0.0310 76  ARG A NE  
443 C CZ  . ARG A 81  ? 0.2658 0.2452 0.2505 -0.0217 0.0113  0.0093  76  ARG A CZ  
444 N NH1 . ARG A 81  ? 0.2774 0.2682 0.2660 -0.0108 -0.0064 -0.0037 76  ARG A NH1 
445 N NH2 . ARG A 81  ? 0.2859 0.2643 0.2470 -0.0273 0.0063  0.0314  76  ARG A NH2 
446 N N   . SER A 82  ? 0.1220 0.1153 0.1018 0.0595  -0.0210 0.0093  77  SER A N   
447 C CA  . SER A 82  ? 0.1106 0.1443 0.1269 0.0363  -0.0254 -0.0076 77  SER A CA  
448 C C   . SER A 82  ? 0.1232 0.1141 0.0927 0.0287  -0.0065 0.0168  77  SER A C   
449 O O   . SER A 82  ? 0.1612 0.1271 0.1302 0.0160  0.0220  0.0306  77  SER A O   
450 C CB  . SER A 82  ? 0.1357 0.2014 0.1358 0.0562  -0.0204 -0.0280 77  SER A CB  
451 O OG  . SER A 82  ? 0.1610 0.2313 0.2133 0.0774  -0.0319 -0.0749 77  SER A OG  
452 N N   . ILE A 83  ? 0.1035 0.1074 0.1591 0.0260  -0.0149 0.0154  78  ILE A N   
453 C CA  A ILE A 83  ? 0.1007 0.1354 0.1183 0.0041  -0.0240 0.0344  78  ILE A CA  
454 C CA  B ILE A 83  ? 0.1272 0.1605 0.1571 0.0067  -0.0032 0.0065  78  ILE A CA  
455 C C   . ILE A 83  ? 0.1288 0.1613 0.1327 0.0341  -0.0274 0.0251  78  ILE A C   
456 O O   . ILE A 83  ? 0.1160 0.2225 0.1366 0.0274  -0.0025 0.0479  78  ILE A O   
457 C CB  A ILE A 83  ? 0.0826 0.1673 0.1476 -0.0109 -0.0163 0.0498  78  ILE A CB  
458 C CB  B ILE A 83  ? 0.1800 0.1698 0.2039 0.0161  -0.0063 0.0042  78  ILE A CB  
459 C CG1 A ILE A 83  ? 0.1029 0.1888 0.2145 -0.0149 0.0021  0.0868  78  ILE A CG1 
460 C CG1 B ILE A 83  ? 0.1218 0.1791 0.1722 -0.0151 -0.0221 0.0272  78  ILE A CG1 
461 C CG2 A ILE A 83  ? 0.1425 0.2197 0.1974 -0.0300 0.0157  -0.0115 78  ILE A CG2 
462 C CG2 B ILE A 83  ? 0.2023 0.2381 0.2414 0.0008  -0.0004 -0.0172 78  ILE A CG2 
463 C CD1 A ILE A 83  ? 0.1766 0.1678 0.2097 0.0023  -0.0177 0.0555  78  ILE A CD1 
464 C CD1 B ILE A 83  ? 0.1855 0.1922 0.2085 -0.0172 0.0153  -0.0134 78  ILE A CD1 
465 N N   . LYS A 84  ? 0.1434 0.1667 0.1460 0.0281  -0.0170 0.0031  79  LYS A N   
466 C CA  . LYS A 84  ? 0.1820 0.2102 0.1610 0.0293  -0.0399 -0.0045 79  LYS A CA  
467 C C   . LYS A 84  ? 0.1904 0.2685 0.1362 0.0174  -0.0343 0.0160  79  LYS A C   
468 O O   . LYS A 84  ? 0.2619 0.2690 0.1799 -0.0107 -0.0628 0.0609  79  LYS A O   
469 C CB  . LYS A 84  ? 0.1739 0.2281 0.1763 0.0491  -0.0342 0.0067  79  LYS A CB  
470 C CG  . LYS A 84  ? 0.2151 0.2616 0.2158 0.0057  -0.0028 0.0094  79  LYS A CG  
471 C CD  . LYS A 84  ? 0.2547 0.2911 0.2186 0.0120  -0.0363 -0.0244 79  LYS A CD  
472 N N   . GLY A 85  ? 0.2379 0.3226 0.1767 0.0175  -0.0269 0.0110  80  GLY A N   
473 C CA  . GLY A 85  ? 0.2671 0.3199 0.1985 0.0081  -0.0309 0.0295  80  GLY A CA  
474 C C   . GLY A 85  ? 0.2428 0.3217 0.1976 -0.0211 0.0087  0.0364  80  GLY A C   
475 O O   . GLY A 85  ? 0.2924 0.3560 0.2208 -0.0478 -0.0387 0.0687  80  GLY A O   
476 N N   . LYS A 86  ? 0.1841 0.3093 0.1533 -0.0070 -0.0463 0.0493  81  LYS A N   
477 C CA  . LYS A 86  ? 0.1839 0.2744 0.1564 -0.0170 -0.0205 0.0367  81  LYS A CA  
478 C C   . LYS A 86  ? 0.1924 0.2801 0.1365 -0.0165 -0.0177 0.0320  81  LYS A C   
479 O O   . LYS A 86  ? 0.1972 0.2996 0.1871 -0.0304 -0.0418 0.0004  81  LYS A O   
480 C CB  . LYS A 86  ? 0.1642 0.2409 0.1723 -0.0103 -0.0075 0.0372  81  LYS A CB  
481 C CG  . LYS A 86  ? 0.2270 0.2597 0.2584 0.0099  -0.0229 0.0423  81  LYS A CG  
482 C CD  . LYS A 86  ? 0.3341 0.3190 0.2988 -0.0328 -0.0130 0.0363  81  LYS A CD  
483 N N   . THR A 87  ? 0.1484 0.2334 0.1456 -0.0130 0.0080  0.0102  82  THR A N   
484 C CA  . THR A 87  ? 0.1592 0.2300 0.1276 0.0054  0.0051  -0.0072 82  THR A CA  
485 C C   . THR A 87  ? 0.1358 0.1815 0.1365 0.0181  -0.0198 0.0017  82  THR A C   
486 O O   . THR A 87  ? 0.1013 0.1769 0.1377 0.0093  -0.0084 0.0032  82  THR A O   
487 C CB  . THR A 87  ? 0.1604 0.2343 0.1858 -0.0203 0.0235  0.0133  82  THR A CB  
488 O OG1 . THR A 87  ? 0.1338 0.2412 0.1796 -0.0024 0.0028  0.0139  82  THR A OG1 
489 C CG2 . THR A 87  ? 0.2264 0.2847 0.1631 -0.0159 0.0255  0.0267  82  THR A CG2 
490 N N   . LYS A 88  ? 0.1510 0.1762 0.1321 0.0007  -0.0042 -0.0032 83  LYS A N   
491 C CA  . LYS A 88  ? 0.1099 0.1424 0.1799 0.0101  -0.0042 -0.0082 83  LYS A CA  
492 C C   . LYS A 88  ? 0.0968 0.1500 0.1468 0.0160  0.0081  0.0070  83  LYS A C   
493 O O   . LYS A 88  ? 0.0994 0.1322 0.1558 0.0062  0.0002  0.0109  83  LYS A O   
494 C CB  . LYS A 88  ? 0.1540 0.1488 0.1423 0.0167  -0.0129 -0.0099 83  LYS A CB  
495 C CG  . LYS A 88  ? 0.1562 0.1478 0.1148 -0.0116 0.0132  0.0038  83  LYS A CG  
496 C CD  . LYS A 88  ? 0.1804 0.1378 0.1541 0.0017  -0.0237 0.0244  83  LYS A CD  
497 C CE  . LYS A 88  ? 0.2184 0.1191 0.1743 0.0167  -0.0204 0.0172  83  LYS A CE  
498 N NZ  . LYS A 88  ? 0.2074 0.1578 0.1708 0.0279  -0.0006 0.0017  83  LYS A NZ  
499 N N   . VAL A 89  ? 0.0937 0.1414 0.1335 0.0132  0.0037  0.0051  84  VAL A N   
500 C CA  . VAL A 89  ? 0.0969 0.1435 0.1142 0.0175  0.0121  0.0134  84  VAL A CA  
501 C C   . VAL A 89  ? 0.1080 0.1349 0.1101 -0.0052 0.0049  0.0093  84  VAL A C   
502 O O   . VAL A 89  ? 0.1275 0.1357 0.1211 0.0151  0.0128  0.0112  84  VAL A O   
503 C CB  . VAL A 89  ? 0.1118 0.1399 0.1285 0.0038  0.0010  -0.0021 84  VAL A CB  
504 C CG1 . VAL A 89  ? 0.1188 0.1705 0.1845 -0.0246 0.0233  0.0242  84  VAL A CG1 
505 C CG2 . VAL A 89  ? 0.1438 0.1639 0.1558 -0.0037 -0.0112 -0.0178 84  VAL A CG2 
506 N N   . GLU A 90  ? 0.1187 0.1362 0.1279 0.0237  0.0169  0.0321  85  GLU A N   
507 C CA  . GLU A 90  ? 0.1338 0.1489 0.1298 0.0118  0.0199  0.0474  85  GLU A CA  
508 C C   . GLU A 90  ? 0.1628 0.1415 0.1133 0.0296  0.0169  0.0401  85  GLU A C   
509 O O   . GLU A 90  ? 0.1607 0.1333 0.1306 0.0376  0.0199  0.0394  85  GLU A O   
510 C CB  . GLU A 90  ? 0.1416 0.1859 0.1390 0.0254  0.0208  0.0613  85  GLU A CB  
511 C CG  . GLU A 90  ? 0.2136 0.2019 0.1715 0.0074  0.0205  0.0612  85  GLU A CG  
512 C CD  . GLU A 90  ? 0.2250 0.2253 0.1770 -0.0021 0.0212  0.0539  85  GLU A CD  
513 O OE1 . GLU A 90  ? 0.2117 0.2672 0.1871 -0.0194 -0.0067 0.0652  85  GLU A OE1 
514 O OE2 . GLU A 90  ? 0.3557 0.2761 0.2430 -0.0237 0.0050  0.0895  85  GLU A OE2 
515 N N   . VAL A 91  ? 0.0990 0.1557 0.1248 0.0293  0.0061  0.0221  86  VAL A N   
516 C CA  . VAL A 91  ? 0.1048 0.1477 0.1315 0.0359  0.0141  0.0333  86  VAL A CA  
517 C C   . VAL A 91  ? 0.1166 0.1198 0.1348 0.0310  0.0322  0.0363  86  VAL A C   
518 O O   . VAL A 91  ? 0.1214 0.1532 0.1350 0.0400  0.0270  0.0319  86  VAL A O   
519 C CB  . VAL A 91  ? 0.0919 0.1762 0.1260 0.0214  0.0044  0.0322  86  VAL A CB  
520 C CG1 . VAL A 91  ? 0.1191 0.2206 0.1528 -0.0186 0.0169  0.0185  86  VAL A CG1 
521 C CG2 . VAL A 91  ? 0.1171 0.2029 0.1213 -0.0062 -0.0020 0.0312  86  VAL A CG2 
522 N N   . ALA A 92  ? 0.1173 0.1308 0.1129 0.0296  0.0235  0.0189  87  ALA A N   
523 C CA  . ALA A 92  ? 0.1273 0.1343 0.1168 0.0262  0.0073  0.0388  87  ALA A CA  
524 C C   . ALA A 92  ? 0.1622 0.1398 0.1121 0.0411  0.0124  0.0338  87  ALA A C   
525 O O   . ALA A 92  ? 0.1824 0.1408 0.1220 0.0451  0.0257  0.0370  87  ALA A O   
526 C CB  . ALA A 92  ? 0.1614 0.1621 0.1328 0.0561  -0.0048 0.0338  87  ALA A CB  
527 N N   . LYS A 93  ? 0.1779 0.1291 0.1378 0.0335  0.0214  0.0292  88  LYS A N   
528 C CA  . LYS A 93  ? 0.1917 0.1337 0.1343 0.0233  0.0147  0.0182  88  LYS A CA  
529 C C   . LYS A 93  ? 0.1931 0.1450 0.1295 0.0208  0.0062  0.0230  88  LYS A C   
530 O O   . LYS A 93  ? 0.2097 0.1448 0.1387 0.0229  0.0283  0.0079  88  LYS A O   
531 C CB  . LYS A 93  ? 0.1858 0.1538 0.1363 0.0106  0.0197  0.0320  88  LYS A CB  
532 C CG  . LYS A 93  ? 0.1867 0.1592 0.1642 0.0140  0.0020  0.0015  88  LYS A CG  
533 C CD  . LYS A 93  ? 0.1939 0.1893 0.2234 -0.0321 0.0026  0.0210  88  LYS A CD  
534 C CE  . LYS A 93  ? 0.3026 0.2343 0.2786 0.0112  0.0284  0.0062  88  LYS A CE  
535 N N   . MET A 94  ? 0.1561 0.1344 0.1399 0.0451  0.0190  0.0247  89  MET A N   
536 C CA  . MET A 94  ? 0.1846 0.1513 0.1545 0.0437  0.0138  0.0297  89  MET A CA  
537 C C   . MET A 94  ? 0.1348 0.1416 0.1425 0.0488  0.0263  0.0210  89  MET A C   
538 O O   . MET A 94  ? 0.2031 0.1340 0.1848 0.0570  0.0400  0.0313  89  MET A O   
539 C CB  . MET A 94  ? 0.1310 0.1559 0.1871 0.0332  -0.0038 0.0211  89  MET A CB  
540 C CG  . MET A 94  ? 0.1812 0.2119 0.2091 0.0223  0.0009  0.0197  89  MET A CG  
541 S SD  . MET A 94  ? 0.1961 0.2801 0.2814 -0.0119 -0.0108 0.0462  89  MET A SD  
542 C CE  . MET A 94  ? 0.2625 0.2959 0.2961 -0.0164 0.0114  0.0504  89  MET A CE  
543 N N   . ILE A 95  ? 0.1542 0.1441 0.1343 0.0642  0.0300  0.0351  90  ILE A N   
544 C CA  . ILE A 95  ? 0.1453 0.1318 0.1282 0.0457  0.0284  0.0253  90  ILE A CA  
545 C C   . ILE A 95  ? 0.1737 0.1016 0.1346 0.0200  0.0318  0.0262  90  ILE A C   
546 O O   . ILE A 95  ? 0.1895 0.1436 0.1355 0.0130  0.0481  0.0163  90  ILE A O   
547 C CB  . ILE A 95  ? 0.0989 0.1293 0.1241 0.0340  0.0190  0.0171  90  ILE A CB  
548 C CG1 . ILE A 95  ? 0.0987 0.1563 0.1383 0.0196  0.0047  0.0117  90  ILE A CG1 
549 C CG2 . ILE A 95  ? 0.1283 0.1293 0.1283 0.0246  0.0255  0.0243  90  ILE A CG2 
550 C CD1 . ILE A 95  ? 0.1063 0.1651 0.1521 0.0027  0.0065  0.0028  90  ILE A CD1 
551 N N   . GLN A 96  ? 0.1766 0.1167 0.1413 0.0045  0.0429  0.0198  91  GLN A N   
552 C CA  . GLN A 96  ? 0.1912 0.1335 0.1347 0.0111  0.0271  0.0198  91  GLN A CA  
553 C C   . GLN A 96  ? 0.1600 0.1342 0.1447 -0.0057 0.0164  0.0172  91  GLN A C   
554 O O   . GLN A 96  ? 0.2195 0.1659 0.1730 -0.0058 0.0128  -0.0060 91  GLN A O   
555 C CB  . GLN A 96  ? 0.1843 0.1777 0.1417 0.0091  0.0192  0.0355  91  GLN A CB  
556 C CG  . GLN A 96  ? 0.2104 0.2763 0.1744 0.0225  -0.0047 0.0212  91  GLN A CG  
557 C CD  . GLN A 96  ? 0.2375 0.3030 0.2504 -0.0043 -0.0009 0.0138  91  GLN A CD  
558 O OE1 . GLN A 96  ? 0.2819 0.2562 0.2915 -0.0123 0.0186  0.0012  91  GLN A OE1 
559 N NE2 . GLN A 96  ? 0.3483 0.3996 0.3347 0.0296  -0.0247 0.0374  91  GLN A NE2 
560 N N   . GLU A 97  ? 0.1760 0.1344 0.1506 0.0047  0.0247  0.0163  92  GLU A N   
561 C CA  A GLU A 97  ? 0.1684 0.1190 0.2025 -0.0170 0.0126  0.0046  92  GLU A CA  
562 C CA  B GLU A 97  ? 0.1642 0.1394 0.1819 -0.0060 0.0095  -0.0003 92  GLU A CA  
563 C C   . GLU A 97  ? 0.1785 0.1213 0.1831 0.0025  0.0297  -0.0073 92  GLU A C   
564 O O   . GLU A 97  ? 0.2109 0.1347 0.2312 -0.0213 0.0340  -0.0437 92  GLU A O   
565 C CB  A GLU A 97  ? 0.1603 0.1471 0.2017 -0.0135 0.0238  0.0082  92  GLU A CB  
566 C CB  B GLU A 97  ? 0.1638 0.1471 0.1778 0.0013  0.0136  -0.0028 92  GLU A CB  
567 C CG  A GLU A 97  ? 0.2302 0.1617 0.2224 -0.0017 0.0071  0.0308  92  GLU A CG  
568 C CG  B GLU A 97  ? 0.1597 0.1489 0.1789 0.0001  0.0030  0.0106  92  GLU A CG  
569 C CD  A GLU A 97  ? 0.2504 0.2431 0.2818 0.0081  0.0176  -0.0050 92  GLU A CD  
570 C CD  B GLU A 97  ? 0.1694 0.1588 0.1653 0.0105  0.0008  0.0033  92  GLU A CD  
571 O OE1 A GLU A 97  ? 0.2568 0.2719 0.2953 0.0335  -0.0037 -0.0295 92  GLU A OE1 
572 O OE1 B GLU A 97  ? 0.1543 0.1461 0.2104 -0.0268 -0.0030 -0.0127 92  GLU A OE1 
573 O OE2 A GLU A 97  ? 0.2993 0.2802 0.3296 0.0125  0.0253  -0.0231 92  GLU A OE2 
574 O OE2 B GLU A 97  ? 0.2141 0.1705 0.2603 0.0119  0.0029  -0.0229 92  GLU A OE2 
575 N N   . VAL A 98  ? 0.1562 0.1603 0.1839 -0.0052 0.0347  -0.0372 93  VAL A N   
576 C CA  . VAL A 98  ? 0.1696 0.1881 0.1886 0.0068  0.0320  -0.0126 93  VAL A CA  
577 C C   . VAL A 98  ? 0.1935 0.1661 0.1799 -0.0057 0.0282  -0.0232 93  VAL A C   
578 O O   . VAL A 98  ? 0.2861 0.2136 0.2312 0.0371  0.0265  -0.0043 93  VAL A O   
579 C CB  . VAL A 98  ? 0.1655 0.2260 0.1864 -0.0002 0.0411  -0.0025 93  VAL A CB  
580 C CG1 . VAL A 98  ? 0.2104 0.2511 0.2475 -0.0038 0.0468  -0.0119 93  VAL A CG1 
581 C CG2 . VAL A 98  ? 0.1909 0.2087 0.2027 -0.0157 0.0323  -0.0063 93  VAL A CG2 
582 N N   . LYS A 99  ? 0.2408 0.1830 0.1967 -0.0036 0.0465  -0.0373 94  LYS A N   
583 C CA  . LYS A 99  ? 0.2423 0.2341 0.2070 -0.0133 0.0257  -0.0154 94  LYS A CA  
584 C C   . LYS A 99  ? 0.2060 0.1560 0.1562 -0.0017 0.0286  -0.0576 94  LYS A C   
585 O O   . LYS A 99  ? 0.2472 0.1861 0.1832 0.0004  0.0286  -0.0391 94  LYS A O   
586 C CB  . LYS A 99  ? 0.2822 0.2326 0.2387 -0.0045 0.0314  -0.0198 94  LYS A CB  
587 C CG  . LYS A 99  ? 0.2780 0.2579 0.2653 -0.0248 -0.0107 -0.0148 94  LYS A CG  
588 C CD  . LYS A 99  ? 0.3292 0.2831 0.3344 -0.0143 -0.0003 -0.0218 94  LYS A CD  
589 C CE  . LYS A 99  ? 0.3498 0.3429 0.3810 -0.0455 -0.0100 0.0015  94  LYS A CE  
590 N NZ  . LYS A 99  ? 0.4367 0.4097 0.4258 0.0014  0.0033  -0.0271 94  LYS A NZ  
591 N N   . GLY A 100 ? 0.2502 0.1828 0.2104 -0.0057 -0.0125 -0.0462 95  GLY A N   
592 C CA  . GLY A 100 ? 0.2429 0.1743 0.2078 -0.0317 -0.0032 -0.0723 95  GLY A CA  
593 C C   . GLY A 100 ? 0.2136 0.1747 0.1554 -0.0123 -0.0074 -0.0543 95  GLY A C   
594 O O   . GLY A 100 ? 0.2164 0.1818 0.1456 0.0119  -0.0171 -0.0658 95  GLY A O   
595 N N   . GLU A 101 ? 0.2584 0.1449 0.1241 -0.0137 0.0173  -0.0381 96  GLU A N   
596 C CA  . GLU A 101 ? 0.2040 0.1288 0.1175 -0.0009 0.0063  -0.0428 96  GLU A CA  
597 C C   . GLU A 101 ? 0.2177 0.1310 0.1318 -0.0011 0.0162  -0.0203 96  GLU A C   
598 O O   . GLU A 101 ? 0.2809 0.1251 0.1595 0.0140  0.0116  -0.0175 96  GLU A O   
599 C CB  . GLU A 101 ? 0.1878 0.1846 0.1251 0.0153  -0.0089 -0.0300 96  GLU A CB  
600 C CG  . GLU A 101 ? 0.2181 0.2165 0.2470 0.0235  -0.0334 -0.0094 96  GLU A CG  
601 C CD  . GLU A 101 ? 0.2117 0.2430 0.2191 0.0255  -0.0082 -0.0744 96  GLU A CD  
602 O OE1 . GLU A 101 ? 0.3815 0.3983 0.2904 0.0446  0.0143  0.0023  96  GLU A OE1 
603 O OE2 . GLU A 101 ? 0.2315 0.2877 0.1884 0.0201  0.0328  0.0048  96  GLU A OE2 
604 N N   . VAL A 102 ? 0.1260 0.0928 0.0986 0.0003  0.0020  -0.0220 97  VAL A N   
605 C CA  . VAL A 102 ? 0.1239 0.0944 0.0918 0.0028  -0.0160 -0.0115 97  VAL A CA  
606 C C   . VAL A 102 ? 0.1032 0.0891 0.0727 0.0143  0.0128  0.0022  97  VAL A C   
607 O O   . VAL A 102 ? 0.1116 0.0928 0.0696 0.0022  -0.0061 0.0116  97  VAL A O   
608 C CB  . VAL A 102 ? 0.1326 0.1367 0.0973 -0.0166 -0.0093 -0.0070 97  VAL A CB  
609 C CG1 . VAL A 102 ? 0.1305 0.1303 0.1249 -0.0131 0.0072  -0.0106 97  VAL A CG1 
610 C CG2 . VAL A 102 ? 0.1539 0.1506 0.1038 -0.0152 0.0070  0.0032  97  VAL A CG2 
611 N N   . THR A 103 ? 0.1242 0.0688 0.0717 0.0079  -0.0022 0.0088  98  THR A N   
612 C CA  . THR A 103 ? 0.1172 0.0691 0.0808 0.0089  0.0064  0.0094  98  THR A CA  
613 C C   . THR A 103 ? 0.0893 0.0835 0.0698 0.0079  -0.0082 -0.0036 98  THR A C   
614 O O   . THR A 103 ? 0.1061 0.0853 0.0710 0.0176  -0.0003 0.0059  98  THR A O   
615 C CB  . THR A 103 ? 0.0997 0.0945 0.0839 0.0170  0.0063  0.0034  98  THR A CB  
616 O OG1 . THR A 103 ? 0.1270 0.1244 0.1249 0.0407  0.0108  0.0053  98  THR A OG1 
617 C CG2 . THR A 103 ? 0.1098 0.0966 0.1297 0.0011  -0.0114 -0.0029 98  THR A CG2 
618 N N   . ILE A 104 ? 0.0965 0.0675 0.0729 0.0006  -0.0004 0.0046  99  ILE A N   
619 C CA  . ILE A 104 ? 0.0826 0.0786 0.0828 0.0023  0.0044  -0.0063 99  ILE A CA  
620 C C   . ILE A 104 ? 0.0983 0.0687 0.0976 0.0128  0.0038  -0.0122 99  ILE A C   
621 O O   . ILE A 104 ? 0.0985 0.0822 0.1018 -0.0045 0.0011  -0.0088 99  ILE A O   
622 C CB  . ILE A 104 ? 0.0982 0.0922 0.1157 0.0143  -0.0034 -0.0070 99  ILE A CB  
623 C CG1 . ILE A 104 ? 0.1013 0.1162 0.1282 0.0275  -0.0104 0.0006  99  ILE A CG1 
624 C CG2 . ILE A 104 ? 0.1350 0.1283 0.1274 0.0321  -0.0005 -0.0216 99  ILE A CG2 
625 C CD1 . ILE A 104 ? 0.1032 0.1472 0.1405 -0.0134 0.0033  0.0203  99  ILE A CD1 
626 N N   . HIS A 105 ? 0.0877 0.0782 0.0914 -0.0117 0.0116  -0.0141 100 HIS A N   
627 C CA  . HIS A 105 ? 0.0964 0.0804 0.0959 -0.0057 0.0000  -0.0204 100 HIS A CA  
628 C C   . HIS A 105 ? 0.1167 0.0966 0.1055 0.0042  0.0177  -0.0324 100 HIS A C   
629 O O   . HIS A 105 ? 0.1269 0.1063 0.1181 -0.0004 0.0281  -0.0347 100 HIS A O   
630 C CB  . HIS A 105 ? 0.1044 0.0980 0.1033 -0.0226 0.0009  -0.0236 100 HIS A CB  
631 C CG  . HIS A 105 ? 0.1157 0.0917 0.0929 -0.0004 0.0000  -0.0015 100 HIS A CG  
632 N ND1 . HIS A 105 ? 0.1137 0.1103 0.1887 0.0036  -0.0516 0.0002  100 HIS A ND1 
633 C CD2 . HIS A 105 ? 0.1026 0.0897 0.1280 0.0173  -0.0047 -0.0250 100 HIS A CD2 
634 C CE1 . HIS A 105 ? 0.1075 0.0885 0.2156 0.0195  -0.0463 -0.0081 100 HIS A CE1 
635 N NE2 . HIS A 105 ? 0.1067 0.0920 0.1336 0.0062  -0.0059 -0.0003 100 HIS A NE2 
636 N N   . TYR A 106 ? 0.1173 0.0748 0.1586 0.0029  0.0091  -0.0435 101 TYR A N   
637 C CA  . TYR A 106 ? 0.1313 0.0957 0.1737 -0.0014 0.0170  -0.0520 101 TYR A CA  
638 C C   . TYR A 106 ? 0.1087 0.0925 0.1666 0.0151  0.0075  -0.0442 101 TYR A C   
639 O O   . TYR A 106 ? 0.1272 0.0911 0.1456 0.0125  0.0000  -0.0350 101 TYR A O   
640 C CB  . TYR A 106 ? 0.1134 0.0907 0.2145 0.0283  -0.0337 -0.0571 101 TYR A CB  
641 C CG  . TYR A 106 ? 0.1354 0.0923 0.1650 0.0219  -0.0553 -0.0302 101 TYR A CG  
642 C CD1 . TYR A 106 ? 0.1859 0.0871 0.1584 0.0102  -0.0533 -0.0225 101 TYR A CD1 
643 C CD2 . TYR A 106 ? 0.1497 0.0710 0.1508 0.0291  -0.0486 -0.0221 101 TYR A CD2 
644 C CE1 . TYR A 106 ? 0.2377 0.0862 0.1240 -0.0061 -0.0467 0.0042  101 TYR A CE1 
645 C CE2 . TYR A 106 ? 0.1807 0.0934 0.1357 -0.0111 -0.0501 0.0002  101 TYR A CE2 
646 C CZ  . TYR A 106 ? 0.2080 0.0963 0.1343 0.0034  -0.0354 -0.0109 101 TYR A CZ  
647 O OH  . TYR A 106 ? 0.2483 0.1553 0.1448 -0.0372 -0.0076 -0.0015 101 TYR A OH  
648 N N   . ASN A 107 ? 0.1085 0.1075 0.1987 -0.0027 0.0011  -0.0582 102 ASN A N   
649 C CA  . ASN A 107 ? 0.1370 0.1072 0.1550 0.0046  -0.0099 -0.0434 102 ASN A CA  
650 C C   . ASN A 107 ? 0.1117 0.1213 0.1353 -0.0029 -0.0109 -0.0289 102 ASN A C   
651 O O   . ASN A 107 ? 0.1238 0.1303 0.1977 -0.0208 -0.0281 0.0119  102 ASN A O   
652 C CB  . ASN A 107 ? 0.2116 0.1662 0.1852 -0.0011 -0.0316 -0.0077 102 ASN A CB  
653 C CG  . ASN A 107 ? 0.2508 0.2039 0.1718 0.0171  -0.0241 -0.0480 102 ASN A CG  
654 O OD1 . ASN A 107 ? 0.2881 0.2485 0.1951 0.0387  -0.0339 -0.0377 102 ASN A OD1 
655 N ND2 . ASN A 107 ? 0.4094 0.3796 0.2496 0.0172  0.0050  -0.0197 102 ASN A ND2 
656 N N   . LYS A 108 ? 0.1239 0.0882 0.1757 -0.0158 -0.0062 -0.0322 103 LYS A N   
657 C CA  . LYS A 108 ? 0.1525 0.1202 0.1474 -0.0186 0.0065  -0.0309 103 LYS A CA  
658 C C   . LYS A 108 ? 0.1702 0.1016 0.1242 -0.0022 -0.0153 -0.0242 103 LYS A C   
659 O O   . LYS A 108 ? 0.1801 0.1545 0.1796 -0.0336 -0.0030 -0.0626 103 LYS A O   
660 C CB  . LYS A 108 ? 0.1569 0.1316 0.1603 -0.0253 0.0060  -0.0293 103 LYS A CB  
661 C CG  . LYS A 108 ? 0.1071 0.1493 0.1707 -0.0099 -0.0081 -0.0286 103 LYS A CG  
662 C CD  . LYS A 108 ? 0.1239 0.1522 0.1437 -0.0190 -0.0109 -0.0219 103 LYS A CD  
663 C CE  . LYS A 108 ? 0.1170 0.1224 0.1606 -0.0189 0.0048  -0.0181 103 LYS A CE  
664 N NZ  . LYS A 108 ? 0.1255 0.1302 0.1141 0.0024  0.0023  -0.0160 103 LYS A NZ  
665 N N   . LEU A 109 ? 0.1747 0.1079 0.1485 0.0186  -0.0306 -0.0349 104 LEU A N   
666 C CA  . LEU A 109 ? 0.1783 0.1246 0.1629 0.0335  -0.0027 -0.0230 104 LEU A CA  
667 C C   . LEU A 109 ? 0.1349 0.1144 0.1452 0.0212  -0.0033 -0.0335 104 LEU A C   
668 O O   . LEU A 109 ? 0.2181 0.1140 0.1531 0.0384  -0.0458 -0.0373 104 LEU A O   
669 C CB  . LEU A 109 ? 0.2031 0.1337 0.2015 0.0094  -0.0060 -0.0120 104 LEU A CB  
670 C CG  . LEU A 109 ? 0.2352 0.1596 0.2178 -0.0088 -0.0071 0.0064  104 LEU A CG  
671 C CD1 . LEU A 109 ? 0.2718 0.2308 0.2904 -0.0489 0.0033  0.0101  104 LEU A CD1 
672 C CD2 . LEU A 109 ? 0.3026 0.2910 0.2685 -0.0072 -0.0520 0.0263  104 LEU A CD2 
673 N N   . GLN A 110 ? 0.1138 0.1047 0.1382 0.0173  -0.0269 -0.0281 105 GLN A N   
674 C CA  . GLN A 110 ? 0.1064 0.1080 0.1432 0.0121  -0.0030 -0.0358 105 GLN A CA  
675 C C   . GLN A 110 ? 0.1084 0.0980 0.1145 0.0159  -0.0097 -0.0289 105 GLN A C   
676 O O   . GLN A 110 ? 0.1264 0.1297 0.1452 0.0158  0.0155  0.0078  105 GLN A O   
677 C CB  . GLN A 110 ? 0.1246 0.1345 0.1793 0.0008  -0.0236 -0.0365 105 GLN A CB  
678 C CG  . GLN A 110 ? 0.1315 0.1217 0.1956 0.0179  -0.0348 -0.0356 105 GLN A CG  
679 C CD  . GLN A 110 ? 0.1707 0.1460 0.2000 -0.0172 -0.0204 -0.0262 105 GLN A CD  
680 O OE1 . GLN A 110 ? 0.2225 0.1450 0.2216 -0.0214 -0.0565 -0.0254 105 GLN A OE1 
681 N NE2 . GLN A 110 ? 0.1947 0.1533 0.2243 -0.0504 -0.0335 -0.0131 105 GLN A NE2 
682 N N   . TYR A 111 ? 0.0876 0.1072 0.1289 0.0057  0.0164  -0.0145 106 TYR A N   
683 C CA  . TYR A 111 ? 0.0923 0.1100 0.1207 0.0077  0.0016  -0.0183 106 TYR A CA  
684 C C   . TYR A 111 ? 0.0831 0.1019 0.1197 0.0058  0.0044  -0.0087 106 TYR A C   
685 O O   . TYR A 111 ? 0.0921 0.1118 0.1541 -0.0009 0.0236  -0.0029 106 TYR A O   
686 C CB  . TYR A 111 ? 0.1110 0.1343 0.1723 0.0085  -0.0107 -0.0381 106 TYR A CB  
687 C CG  . TYR A 111 ? 0.1275 0.1797 0.1813 -0.0140 -0.0105 -0.0403 106 TYR A CG  
688 C CD1 . TYR A 111 ? 0.1809 0.2106 0.1509 -0.0210 -0.0306 -0.0063 106 TYR A CD1 
689 C CD2 . TYR A 111 ? 0.1860 0.2163 0.1836 0.0042  0.0191  -0.0358 106 TYR A CD2 
690 C CE1 . TYR A 111 ? 0.2398 0.2587 0.2005 -0.0244 -0.0032 0.0112  106 TYR A CE1 
691 C CE2 . TYR A 111 ? 0.2171 0.2666 0.2168 -0.0157 0.0185  -0.0125 106 TYR A CE2 
692 C CZ  . TYR A 111 ? 0.2496 0.2767 0.1747 -0.0163 0.0180  0.0078  106 TYR A CZ  
693 O OH  . TYR A 111 ? 0.3180 0.3384 0.1980 -0.0218 0.0246  0.0401  106 TYR A OH  
694 N N   . TYR A 112 ? 0.0783 0.0870 0.1133 -0.0109 0.0158  -0.0122 107 TYR A N   
695 C CA  . TYR A 112 ? 0.0856 0.0740 0.1158 -0.0035 0.0174  -0.0150 107 TYR A CA  
696 C C   . TYR A 112 ? 0.0970 0.0775 0.1018 0.0091  -0.0042 -0.0105 107 TYR A C   
697 O O   . TYR A 112 ? 0.0807 0.0973 0.1350 -0.0190 -0.0074 -0.0046 107 TYR A O   
698 C CB  . TYR A 112 ? 0.0820 0.0935 0.1329 0.0074  0.0089  -0.0116 107 TYR A CB  
699 C CG  . TYR A 112 ? 0.1046 0.1100 0.1106 0.0027  0.0105  -0.0066 107 TYR A CG  
700 C CD1 . TYR A 112 ? 0.1015 0.0896 0.1294 -0.0067 -0.0072 -0.0034 107 TYR A CD1 
701 C CD2 . TYR A 112 ? 0.1068 0.1269 0.1372 -0.0049 -0.0020 0.0052  107 TYR A CD2 
702 C CE1 . TYR A 112 ? 0.0951 0.1111 0.1321 -0.0138 -0.0060 0.0120  107 TYR A CE1 
703 C CE2 . TYR A 112 ? 0.1298 0.1405 0.1534 -0.0089 -0.0014 0.0350  107 TYR A CE2 
704 C CZ  . TYR A 112 ? 0.1111 0.1349 0.1291 0.0032  0.0020  0.0187  107 TYR A CZ  
705 O OH  . TYR A 112 ? 0.1284 0.1773 0.1643 0.0002  -0.0282 0.0457  107 TYR A OH  
706 N N   . LYS A 113 ? 0.0908 0.1019 0.1251 -0.0101 0.0024  -0.0043 108 LYS A N   
707 C CA  . LYS A 113 ? 0.1107 0.1005 0.1209 -0.0037 0.0089  0.0003  108 LYS A CA  
708 C C   . LYS A 113 ? 0.1425 0.0772 0.1263 0.0066  -0.0082 -0.0047 108 LYS A C   
709 O O   . LYS A 113 ? 0.1318 0.0960 0.1711 -0.0097 -0.0083 -0.0188 108 LYS A O   
710 C CB  . LYS A 113 ? 0.1470 0.1316 0.1394 -0.0091 0.0089  0.0106  108 LYS A CB  
711 C CG  . LYS A 113 ? 0.1760 0.1715 0.1822 0.0059  -0.0077 0.0288  108 LYS A CG  
712 C CD  . LYS A 113 ? 0.2264 0.1931 0.1995 -0.0146 0.0134  0.0291  108 LYS A CD  
713 C CE  . LYS A 113 ? 0.2313 0.2402 0.1787 -0.0364 -0.0004 0.0251  108 LYS A CE  
714 N NZ  . LYS A 113 ? 0.2922 0.2961 0.2088 -0.0714 0.0020  0.0472  108 LYS A NZ  
715 N N   . VAL A 114 ? 0.1122 0.0939 0.1207 0.0047  0.0093  -0.0024 109 VAL A N   
716 C CA  . VAL A 114 ? 0.1266 0.1060 0.1375 0.0144  0.0057  0.0054  109 VAL A CA  
717 C C   . VAL A 114 ? 0.1601 0.1046 0.1296 0.0295  -0.0092 -0.0124 109 VAL A C   
718 O O   . VAL A 114 ? 0.1581 0.1131 0.1663 0.0230  -0.0101 -0.0078 109 VAL A O   
719 C CB  . VAL A 114 ? 0.1329 0.1391 0.1146 0.0244  -0.0126 -0.0198 109 VAL A CB  
720 C CG1 . VAL A 114 ? 0.1639 0.1856 0.1373 0.0446  -0.0159 -0.0046 109 VAL A CG1 
721 C CG2 . VAL A 114 ? 0.1574 0.1425 0.1296 0.0183  0.0252  0.0307  109 VAL A CG2 
722 O OXT . VAL A 114 ? 0.1458 0.1252 0.1460 0.0222  -0.0108 -0.0048 109 VAL A OXT 
723 O O   . HOH B .   ? 0.1805 0.1388 0.0938 0.0137  0.0002  -0.0167 110 HOH A O   
724 O O   . HOH B .   ? 0.2098 0.0943 0.1380 0.0322  0.0183  -0.0060 111 HOH A O   
725 O O   . HOH B .   ? 0.1521 0.1021 0.1337 0.0248  0.0097  -0.0153 112 HOH A O   
726 O O   . HOH B .   ? 0.2131 0.1370 0.1039 0.0073  -0.0005 0.0050  113 HOH A O   
727 O O   . HOH B .   ? 0.1672 0.1593 0.1359 0.0205  0.0081  -0.0197 114 HOH A O   
728 O O   . HOH B .   ? 0.1290 0.1820 0.1548 -0.0132 0.0322  -0.0076 115 HOH A O   
729 O O   . HOH B .   ? 0.2112 0.1773 0.1464 -0.0185 -0.0097 0.0005  116 HOH A O   
730 O O   . HOH B .   ? 0.1564 0.1367 0.2318 0.0038  -0.0041 0.0153  117 HOH A O   
731 O O   . HOH B .   ? 0.1966 0.1450 0.2564 -0.0415 -0.0261 0.0236  118 HOH A O   
732 O O   . HOH B .   ? 0.1621 0.1992 0.2500 0.0397  0.0198  0.0035  119 HOH A O   
733 O O   . HOH B .   ? 0.2178 0.1414 0.2237 0.0491  0.0600  0.0130  120 HOH A O   
734 O O   . HOH B .   ? 0.1888 0.2147 0.1421 0.0699  0.0090  -0.0186 121 HOH A O   
735 O O   . HOH B .   ? 0.1857 0.1603 0.2343 -0.0131 -0.0210 0.0070  122 HOH A O   
736 O O   . HOH B .   ? 0.1876 0.1534 0.2503 0.0099  0.0510  0.0281  123 HOH A O   
737 O O   . HOH B .   ? 0.2814 0.1708 0.1629 0.0244  -0.0481 0.0218  124 HOH A O   
738 O O   . HOH B .   ? 0.2027 0.1911 0.2247 -0.0239 0.0348  0.0062  125 HOH A O   
739 O O   . HOH B .   ? 0.1355 0.2037 0.1924 0.0054  -0.0053 0.0276  126 HOH A O   
740 O O   . HOH B .   ? 0.2077 0.1853 0.2241 0.0363  0.0017  0.0217  127 HOH A O   
741 O O   . HOH B .   ? 0.1737 0.1556 0.2271 -0.0073 -0.0225 -0.0452 128 HOH A O   
742 O O   . HOH B .   ? 0.3316 0.1775 0.1638 -0.0168 -0.0475 -0.0139 129 HOH A O   
743 O O   . HOH B .   ? 0.2479 0.2053 0.1814 -0.0486 -0.0539 0.0226  130 HOH A O   
744 O O   . HOH B .   ? 0.2123 0.2092 0.2352 -0.0151 -0.0500 0.0040  131 HOH A O   
745 O O   . HOH B .   ? 0.2105 0.2396 0.2933 -0.0737 -0.0452 0.0132  132 HOH A O   
746 O O   . HOH B .   ? 0.2403 0.2454 0.2469 0.0691  0.0109  0.0386  133 HOH A O   
747 O O   . HOH B .   ? 0.3490 0.2155 0.2299 -0.0358 -0.0205 -0.0193 134 HOH A O   
748 O O   . HOH B .   ? 0.3983 0.3036 0.1982 0.0229  0.0237  0.0886  135 HOH A O   
749 O O   . HOH B .   ? 0.2707 0.3012 0.2919 0.0777  -0.0033 0.0047  136 HOH A O   
750 O O   . HOH B .   ? 0.2370 0.2658 0.1931 0.0272  0.0077  0.0049  137 HOH A O   
751 O O   . HOH B .   ? 0.1657 0.1834 0.2237 -0.0070 -0.0034 -0.0313 138 HOH A O   
752 O O   . HOH B .   ? 0.2809 0.2310 0.2995 -0.0259 0.0068  -0.0019 139 HOH A O   
753 O O   . HOH B .   ? 0.1882 0.2266 0.3041 -0.0219 0.0331  0.0228  140 HOH A O   
754 O O   . HOH B .   ? 0.3085 0.2303 0.1565 0.0648  0.0410  0.0395  141 HOH A O   
755 O O   . HOH B .   ? 0.2993 0.2331 0.2447 -0.0289 -0.0272 -0.0423 142 HOH A O   
756 O O   . HOH B .   ? 0.2396 0.3077 0.2678 -0.0634 0.0177  0.0606  143 HOH A O   
757 O O   . HOH B .   ? 0.3032 0.3059 0.2956 -0.0507 0.0461  -0.0369 144 HOH A O   
758 O O   . HOH B .   ? 0.2308 0.2525 0.2525 0.0800  0.0522  0.0760  145 HOH A O   
759 O O   . HOH B .   ? 0.2538 0.2066 0.1836 -0.0392 -0.0008 0.0226  146 HOH A O   
760 O O   . HOH B .   ? 0.1779 0.3497 0.2873 -0.0855 -0.0425 0.0276  147 HOH A O   
761 O O   . HOH B .   ? 0.2895 0.3311 0.2120 -0.0074 -0.0879 0.0071  148 HOH A O   
762 O O   . HOH B .   ? 0.3189 0.1849 0.2615 -0.0191 -0.0022 0.0167  149 HOH A O   
763 O O   . HOH B .   ? 0.2116 0.2941 0.1835 -0.0752 0.0279  0.0143  150 HOH A O   
764 O O   . HOH B .   ? 0.2086 0.2466 0.2358 -0.0148 -0.0065 -0.0358 151 HOH A O   
765 O O   . HOH B .   ? 0.3446 0.1993 0.2491 0.0462  0.0264  0.0731  152 HOH A O   
766 O O   . HOH B .   ? 0.2115 0.3168 0.2482 -0.0924 0.0011  0.0071  153 HOH A O   
767 O O   . HOH B .   ? 0.3102 0.3008 0.2680 -0.0376 0.0240  -0.0386 154 HOH A O   
768 O O   . HOH B .   ? 0.2869 0.2228 0.2757 0.0477  0.0429  0.0596  155 HOH A O   
769 O O   . HOH B .   ? 0.3792 0.3949 0.3607 -0.0312 0.0108  0.0229  156 HOH A O   
770 O O   . HOH B .   ? 0.3209 0.3056 0.3206 -0.0244 0.0084  -0.0044 157 HOH A O   
771 O O   . HOH B .   ? 0.2935 0.2870 0.2226 0.0313  -0.0208 -0.0803 158 HOH A O   
772 O O   . HOH B .   ? 0.3447 0.2381 0.3062 -0.0196 0.0016  -0.0464 159 HOH A O   
773 O O   . HOH B .   ? 0.3223 0.2987 0.2430 -0.0017 -0.0191 -0.0507 160 HOH A O   
774 O O   . HOH B .   ? 0.3088 0.3678 0.2514 0.0191  -0.0059 0.0122  161 HOH A O   
775 O O   . HOH B .   ? 0.3660 0.3663 0.3987 -0.0108 -0.0110 0.0047  162 HOH A O   
776 O O   . HOH B .   ? 0.3042 0.2968 0.3077 -0.0288 -0.0157 0.0051  163 HOH A O   
777 O O   . HOH B .   ? 0.2602 0.2806 0.2612 -0.0344 0.0111  0.0040  164 HOH A O   
778 O O   . HOH B .   ? 0.4163 0.4180 0.3918 0.0196  -0.0069 -0.0038 165 HOH A O   
779 O O   . HOH B .   ? 0.2986 0.3416 0.2840 -0.0272 -0.0272 -0.0187 166 HOH A O   
780 O O   . HOH B .   ? 0.3531 0.3298 0.3707 0.0056  0.0210  -0.0414 167 HOH A O   
781 O O   . HOH B .   ? 0.2896 0.2185 0.2767 0.0183  0.0074  -0.0305 168 HOH A O   
782 O O   . HOH B .   ? 0.2542 0.2997 0.2967 0.0181  -0.0110 -0.0245 169 HOH A O   
783 O O   . HOH B .   ? 0.2540 0.2761 0.2396 0.0246  0.0283  0.0149  170 HOH A O   
784 O O   . HOH B .   ? 0.1896 0.1888 0.2804 -0.0177 -0.0153 -0.0074 171 HOH A O   
785 O O   . HOH B .   ? 0.2835 0.3015 0.2965 -0.0077 0.0667  0.0414  172 HOH A O   
786 O O   . HOH B .   ? 0.2709 0.2785 0.3130 -0.0177 0.0164  -0.0118 173 HOH A O   
787 O O   . HOH B .   ? 0.3449 0.3460 0.2916 -0.0280 0.0124  -0.0090 174 HOH A O   
788 O O   . HOH B .   ? 0.2944 0.2884 0.2350 -0.0377 0.0063  0.0046  175 HOH A O   
789 O O   . HOH B .   ? 0.3713 0.4206 0.2805 -0.0283 -0.0223 0.0574  176 HOH A O   
790 O O   . HOH B .   ? 0.3741 0.2951 0.2967 -0.0635 0.0034  -0.0073 177 HOH A O   
791 O O   . HOH B .   ? 0.3532 0.2870 0.2791 -0.0188 0.0435  0.0457  178 HOH A O   
792 O O   . HOH B .   ? 0.3122 0.3339 0.3134 0.0452  -0.0443 -0.0047 179 HOH A O   
793 O O   . HOH B .   ? 0.2953 0.2974 0.3917 0.0365  0.0100  -0.0220 180 HOH A O   
794 O O   . HOH B .   ? 0.3673 0.3256 0.3045 -0.0214 -0.0164 0.0442  181 HOH A O   
795 O O   . HOH B .   ? 0.2534 0.2646 0.2597 0.0505  0.0209  0.0130  182 HOH A O   
796 O O   . HOH B .   ? 0.4132 0.4605 0.4289 -0.0211 0.0078  0.0095  183 HOH A O   
797 O O   . HOH B .   ? 0.3824 0.3631 0.3451 0.0124  0.0004  0.0028  184 HOH A O   
798 O O   . HOH B .   ? 0.4184 0.4136 0.4018 -0.0392 -0.0319 0.0240  185 HOH A O   
799 O O   . HOH B .   ? 0.4693 0.4648 0.4277 -0.0105 -0.0068 0.0200  186 HOH A O   
800 O O   . HOH B .   ? 0.3537 0.4029 0.4210 -0.0158 -0.0172 -0.0007 187 HOH A O   
801 O O   . HOH B .   ? 0.4365 0.4481 0.4450 -0.0112 0.0117  -0.0195 188 HOH A O   
802 O O   . HOH B .   ? 0.4515 0.4569 0.4747 -0.0135 0.0015  0.0038  189 HOH A O   
803 O O   . HOH B .   ? 0.3677 0.3382 0.2940 -0.0149 -0.0162 0.0618  190 HOH A O   
804 O O   . HOH B .   ? 0.4415 0.4217 0.4488 -0.0079 -0.0027 0.0239  191 HOH A O   
805 O O   . HOH B .   ? 0.3376 0.2989 0.3271 0.0241  0.0084  -0.0176 192 HOH A O   
806 O O   . HOH B .   ? 0.4078 0.3491 0.3326 0.0464  0.0140  0.0110  193 HOH A O   
807 O O   . HOH B .   ? 0.3775 0.3039 0.3975 0.0202  -0.0120 -0.0298 194 HOH A O   
808 O O   . HOH B .   ? 0.3336 0.3206 0.4222 0.0024  -0.0113 0.0157  195 HOH A O   
809 O O   . HOH B .   ? 0.4283 0.3046 0.3225 0.0341  -0.0133 0.0610  196 HOH A O   
810 O O   . HOH B .   ? 0.3283 0.3647 0.3688 -0.0072 0.0067  -0.0193 197 HOH A O   
811 O O   . HOH B .   ? 0.4160 0.4185 0.3691 -0.0078 -0.0252 0.0558  198 HOH A O   
812 O O   . HOH B .   ? 0.2410 0.2414 0.1965 -0.0064 0.0220  -0.0421 199 HOH A O   
813 O O   . HOH B .   ? 0.5531 0.5456 0.5336 -0.0075 0.0043  -0.0039 200 HOH A O   
814 O O   . HOH B .   ? 0.3217 0.3562 0.3466 -0.0478 0.0017  -0.0330 201 HOH A O   
815 O O   . HOH B .   ? 0.3200 0.2857 0.3505 -0.1301 0.0223  0.0008  202 HOH A O   
816 O O   . HOH B .   ? 0.3316 0.3875 0.2931 -0.0082 -0.0138 -0.0216 203 HOH A O   
817 O O   . HOH B .   ? 0.3084 0.3189 0.3553 0.0122  0.0039  -0.0121 204 HOH A O   
818 O O   . HOH B .   ? 0.3509 0.3699 0.2525 0.0080  0.0220  -0.0128 205 HOH A O   
819 O O   . HOH B .   ? 0.3890 0.3990 0.3341 0.0363  -0.0280 -0.0379 206 HOH A O   
820 O O   . HOH B .   ? 0.5166 0.5146 0.4998 -0.0074 -0.0162 0.0058  207 HOH A O   
821 O O   . HOH B .   ? 0.4659 0.4470 0.4736 -0.0058 0.0062  0.0047  208 HOH A O   
822 O O   . HOH B .   ? 0.4401 0.4204 0.4655 -0.0281 -0.0075 0.0175  209 HOH A O   
823 O O   . HOH B .   ? 0.2054 0.2119 0.1747 -0.0101 -0.0090 0.0190  210 HOH A O   
824 O O   . HOH B .   ? 0.2894 0.3670 0.2606 0.0063  0.0367  0.0550  211 HOH A O   
825 O O   . HOH B .   ? 0.3540 0.3264 0.3251 -0.0176 -0.0111 0.0040  212 HOH A O   
826 O O   . HOH B .   ? 0.3476 0.2985 0.2487 0.0053  -0.0416 -0.0006 213 HOH A O   
827 O O   . HOH B .   ? 0.3566 0.3407 0.3244 0.0004  0.0120  0.0089  214 HOH A O   
828 O O   . HOH B .   ? 0.6407 0.6510 0.6461 -0.0078 0.0028  -0.0038 215 HOH A O   
829 O O   . HOH B .   ? 0.3357 0.3129 0.3579 -0.0702 -0.0030 0.0524  216 HOH A O   
830 O O   . HOH B .   ? 0.3921 0.3402 0.4022 -0.0096 0.0067  -0.0339 217 HOH A O   
831 O O   . HOH B .   ? 0.3988 0.4217 0.4124 0.0188  -0.0100 0.0096  218 HOH A O   
832 O O   . HOH B .   ? 0.3952 0.4224 0.3965 0.0457  -0.0068 0.0027  219 HOH A O   
833 O O   . HOH B .   ? 0.4055 0.3435 0.3822 0.0271  0.0128  -0.0154 220 HOH A O   
834 O O   . HOH B .   ? 0.3622 0.2956 0.2939 0.0169  0.0168  0.0611  221 HOH A O   
835 O O   . HOH B .   ? 0.4453 0.4432 0.4561 -0.0245 0.0003  0.0021  222 HOH A O   
836 O O   . HOH B .   ? 0.5559 0.5673 0.5559 0.0091  0.0056  -0.0069 223 HOH A O   
837 O O   . HOH B .   ? 0.5310 0.5056 0.5323 -0.0050 0.0049  0.0009  224 HOH A O   
838 O O   . HOH B .   ? 0.5253 0.5261 0.5460 0.0179  0.0072  -0.0081 225 HOH A O   
839 O O   . HOH B .   ? 0.4071 0.4239 0.4407 0.0096  -0.0186 0.0115  226 HOH A O   
840 O O   . HOH B .   ? 0.4519 0.4695 0.4415 -0.0118 0.0091  -0.0061 227 HOH A O   
841 O O   . HOH B .   ? 0.4667 0.4774 0.4632 0.0111  0.0151  -0.0172 228 HOH A O   
842 O O   . HOH B .   ? 0.5599 0.5673 0.5451 -0.0059 -0.0003 0.0106  229 HOH A O   
843 O O   . HOH B .   ? 0.4938 0.4647 0.4568 0.0009  0.0054  0.0134  230 HOH A O   
844 O O   . HOH B .   ? 0.5722 0.5696 0.5778 0.0014  -0.0120 0.0015  231 HOH A O   
845 O O   . HOH B .   ? 0.4219 0.4160 0.4476 -0.0216 -0.0059 0.0220  232 HOH A O   
846 O O   . HOH B .   ? 0.4826 0.4882 0.4440 -0.0363 -0.0021 0.0245  233 HOH A O   
847 O O   . HOH B .   ? 0.4939 0.5139 0.5119 -0.0004 -0.0022 -0.0002 234 HOH A O   
848 O O   . HOH B .   ? 0.5131 0.4860 0.4996 0.0017  0.0039  0.0045  235 HOH A O   
849 O O   . HOH B .   ? 0.5758 0.5732 0.5802 -0.0039 -0.0084 0.0066  236 HOH A O   
850 O O   . HOH B .   ? 0.4733 0.4630 0.4621 -0.0021 0.0029  0.0058  237 HOH A O   
851 O O   . HOH B .   ? 0.5048 0.5034 0.4910 -0.0004 0.0043  0.0010  238 HOH A O   
852 O O   . HOH B .   ? 0.5222 0.4990 0.4936 0.0186  -0.0026 0.0042  239 HOH A O   
853 O O   . HOH B .   ? 0.4283 0.4090 0.3881 -0.0190 -0.0103 0.0226  240 HOH A O   
854 O O   . HOH B .   ? 0.4559 0.4525 0.4490 0.0126  -0.0062 0.0009  241 HOH A O   
855 O O   . HOH B .   ? 0.5348 0.5269 0.5273 0.0018  0.0007  0.0037  242 HOH A O   
856 O O   . HOH B .   ? 0.5578 0.5528 0.5438 0.0063  0.0038  0.0110  243 HOH A O   
857 O O   . HOH B .   ? 0.5341 0.5253 0.5336 -0.0072 -0.0019 0.0004  244 HOH A O   
858 O O   . HOH B .   ? 0.5728 0.5708 0.5549 0.0004  -0.0019 -0.0005 245 HOH A O   
859 O O   . HOH B .   ? 0.5077 0.5160 0.4864 -0.0047 -0.0041 0.0042  246 HOH A O   
860 O O   . HOH B .   ? 0.4938 0.4810 0.4838 0.0055  0.0068  0.0118  247 HOH A O   
861 O O   . HOH B .   ? 0.4657 0.4802 0.4772 -0.0015 0.0030  -0.0115 248 HOH A O   
862 O O   . HOH B .   ? 0.3946 0.4004 0.3962 -0.0487 -0.0259 -0.0020 249 HOH A O   
863 O O   . HOH B .   ? 0.4172 0.4161 0.4509 0.0117  0.0071  0.0000  250 HOH A O   
864 O O   . HOH B .   ? 0.4678 0.4406 0.3934 0.0095  -0.0140 0.0315  251 HOH A O   
865 O O   . HOH B .   ? 0.6193 0.6195 0.6288 -0.0075 -0.0010 0.0030  252 HOH A O   
866 O O   . HOH B .   ? 0.5819 0.5919 0.5995 0.0010  0.0112  -0.0019 253 HOH A O   
# 
loop_
_pdbx_poly_seq_scheme.asym_id 
_pdbx_poly_seq_scheme.entity_id 
_pdbx_poly_seq_scheme.seq_id 
_pdbx_poly_seq_scheme.mon_id 
_pdbx_poly_seq_scheme.ndb_seq_num 
_pdbx_poly_seq_scheme.pdb_seq_num 
_pdbx_poly_seq_scheme.auth_seq_num 
_pdbx_poly_seq_scheme.pdb_mon_id 
_pdbx_poly_seq_scheme.auth_mon_id 
_pdbx_poly_seq_scheme.pdb_strand_id 
_pdbx_poly_seq_scheme.pdb_ins_code 
_pdbx_poly_seq_scheme.hetero 
A 1 1   MET 1   -4  ?   ?   ?   A . n 
A 1 2   HIS 2   -3  ?   ?   ?   A . n 
A 1 3   HIS 3   -2  ?   ?   ?   A . n 
A 1 4   HIS 4   -1  ?   ?   ?   A . n 
A 1 5   HIS 5   0   ?   ?   ?   A . n 
A 1 6   HIS 6   1   ?   ?   ?   A . n 
A 1 7   HIS 7   2   ?   ?   ?   A . n 
A 1 8   SER 8   3   ?   ?   ?   A . n 
A 1 9   SER 9   4   ?   ?   ?   A . n 
A 1 10  GLY 10  5   ?   ?   ?   A . n 
A 1 11  VAL 11  6   ?   ?   ?   A . n 
A 1 12  ASP 12  7   ?   ?   ?   A . n 
A 1 13  LEU 13  8   ?   ?   ?   A . n 
A 1 14  GLY 14  9   ?   ?   ?   A . n 
A 1 15  THR 15  10  ?   ?   ?   A . n 
A 1 16  GLU 16  11  ?   ?   ?   A . n 
A 1 17  ASN 17  12  ?   ?   ?   A . n 
A 1 18  LEU 18  13  ?   ?   ?   A . n 
A 1 19  TYR 19  14  ?   ?   ?   A . n 
A 1 20  PHE 20  15  ?   ?   ?   A . n 
A 1 21  GLN 21  16  ?   ?   ?   A . n 
A 1 22  SER 22  17  17  SER SER A . n 
A 1 23  MET 23  18  18  MET MET A . n 
A 1 24  VAL 24  19  19  VAL VAL A . n 
A 1 25  PRO 25  20  20  PRO PRO A . n 
A 1 26  GLY 26  21  21  GLY GLY A . n 
A 1 27  LYS 27  22  22  LYS LYS A . n 
A 1 28  VAL 28  23  23  VAL VAL A . n 
A 1 29  THR 29  24  24  THR THR A . n 
A 1 30  LEU 30  25  25  LEU LEU A . n 
A 1 31  GLN 31  26  26  GLN GLN A . n 
A 1 32  LYS 32  27  27  LYS LYS A . n 
A 1 33  ASP 33  28  28  ASP ASP A . n 
A 1 34  ALA 34  29  29  ALA ALA A . n 
A 1 35  GLN 35  30  30  GLN GLN A . n 
A 1 36  ASN 36  31  31  ASN ASN A . n 
A 1 37  LEU 37  32  32  LEU LEU A . n 
A 1 38  ILE 38  33  33  ILE ILE A . n 
A 1 39  GLY 39  34  34  GLY GLY A . n 
A 1 40  ILE 40  35  35  ILE ILE A . n 
A 1 41  SER 41  36  36  SER SER A . n 
A 1 42  ILE 42  37  37  ILE ILE A . n 
A 1 43  GLY 43  38  38  GLY GLY A . n 
A 1 44  GLY 44  39  39  GLY GLY A . n 
A 1 45  GLY 45  40  40  GLY GLY A . n 
A 1 46  ALA 46  41  41  ALA ALA A . n 
A 1 47  GLN 47  42  42  GLN GLN A . n 
A 1 48  TYR 48  43  ?   ?   ?   A . n 
A 1 49  CYS 49  44  ?   ?   ?   A . n 
A 1 50  PRO 50  45  45  PRO PRO A . n 
A 1 51  CYS 51  46  46  CYS CYS A . n 
A 1 52  LEU 52  47  47  LEU LEU A . n 
A 1 53  TYR 53  48  48  TYR TYR A . n 
A 1 54  ILE 54  49  49  ILE ILE A . n 
A 1 55  VAL 55  50  50  VAL VAL A . n 
A 1 56  GLN 56  51  51  GLN GLN A . n 
A 1 57  VAL 57  52  52  VAL VAL A . n 
A 1 58  PHE 58  53  53  PHE PHE A . n 
A 1 59  ASP 59  54  54  ASP ASP A . n 
A 1 60  ASN 60  55  55  ASN ASN A . n 
A 1 61  THR 61  56  56  THR THR A . n 
A 1 62  PRO 62  57  57  PRO PRO A . n 
A 1 63  ALA 63  58  58  ALA ALA A . n 
A 1 64  ALA 64  59  59  ALA ALA A . n 
A 1 65  LEU 65  60  60  LEU LEU A . n 
A 1 66  ASP 66  61  61  ASP ASP A . n 
A 1 67  GLY 67  62  62  GLY GLY A . n 
A 1 68  THR 68  63  63  THR THR A . n 
A 1 69  VAL 69  64  64  VAL VAL A . n 
A 1 70  ALA 70  65  65  ALA ALA A . n 
A 1 71  ALA 71  66  66  ALA ALA A . n 
A 1 72  GLY 72  67  67  GLY GLY A . n 
A 1 73  ASP 73  68  68  ASP ASP A . n 
A 1 74  GLU 74  69  69  GLU GLU A . n 
A 1 75  ILE 75  70  70  ILE ILE A . n 
A 1 76  THR 76  71  71  THR THR A . n 
A 1 77  GLY 77  72  72  GLY GLY A . n 
A 1 78  VAL 78  73  73  VAL VAL A . n 
A 1 79  ASN 79  74  74  ASN ASN A . n 
A 1 80  GLY 80  75  75  GLY GLY A . n 
A 1 81  ARG 81  76  76  ARG ARG A . n 
A 1 82  SER 82  77  77  SER SER A . n 
A 1 83  ILE 83  78  78  ILE ILE A . n 
A 1 84  LYS 84  79  79  LYS LYS A . n 
A 1 85  GLY 85  80  80  GLY GLY A . n 
A 1 86  LYS 86  81  81  LYS LYS A . n 
A 1 87  THR 87  82  82  THR THR A . n 
A 1 88  LYS 88  83  83  LYS LYS A . n 
A 1 89  VAL 89  84  84  VAL VAL A . n 
A 1 90  GLU 90  85  85  GLU GLU A . n 
A 1 91  VAL 91  86  86  VAL VAL A . n 
A 1 92  ALA 92  87  87  ALA ALA A . n 
A 1 93  LYS 93  88  88  LYS LYS A . n 
A 1 94  MET 94  89  89  MET MET A . n 
A 1 95  ILE 95  90  90  ILE ILE A . n 
A 1 96  GLN 96  91  91  GLN GLN A . n 
A 1 97  GLU 97  92  92  GLU GLU A . n 
A 1 98  VAL 98  93  93  VAL VAL A . n 
A 1 99  LYS 99  94  94  LYS LYS A . n 
A 1 100 GLY 100 95  95  GLY GLY A . n 
A 1 101 GLU 101 96  96  GLU GLU A . n 
A 1 102 VAL 102 97  97  VAL VAL A . n 
A 1 103 THR 103 98  98  THR THR A . n 
A 1 104 ILE 104 99  99  ILE ILE A . n 
A 1 105 HIS 105 100 100 HIS HIS A . n 
A 1 106 TYR 106 101 101 TYR TYR A . n 
A 1 107 ASN 107 102 102 ASN ASN A . n 
A 1 108 LYS 108 103 103 LYS LYS A . n 
A 1 109 LEU 109 104 104 LEU LEU A . n 
A 1 110 GLN 110 105 105 GLN GLN A . n 
A 1 111 TYR 111 106 106 TYR TYR A . n 
A 1 112 TYR 112 107 107 TYR TYR A . n 
A 1 113 LYS 113 108 108 LYS LYS A . n 
A 1 114 VAL 114 109 109 VAL VAL A . n 
# 
_pdbx_SG_project.id                    1 
_pdbx_SG_project.project_name          ? 
_pdbx_SG_project.full_name_of_center   'Structural Genomics Consortium' 
_pdbx_SG_project.initial_of_center     SGC 
# 
loop_
_pdbx_nonpoly_scheme.asym_id 
_pdbx_nonpoly_scheme.entity_id 
_pdbx_nonpoly_scheme.mon_id 
_pdbx_nonpoly_scheme.ndb_seq_num 
_pdbx_nonpoly_scheme.pdb_seq_num 
_pdbx_nonpoly_scheme.auth_seq_num 
_pdbx_nonpoly_scheme.pdb_mon_id 
_pdbx_nonpoly_scheme.auth_mon_id 
_pdbx_nonpoly_scheme.pdb_strand_id 
_pdbx_nonpoly_scheme.pdb_ins_code 
B 2 HOH 1   110 1   HOH HOH A . 
B 2 HOH 2   111 2   HOH HOH A . 
B 2 HOH 3   112 3   HOH HOH A . 
B 2 HOH 4   113 4   HOH HOH A . 
B 2 HOH 5   114 5   HOH HOH A . 
B 2 HOH 6   115 6   HOH HOH A . 
B 2 HOH 7   116 7   HOH HOH A . 
B 2 HOH 8   117 8   HOH HOH A . 
B 2 HOH 9   118 9   HOH HOH A . 
B 2 HOH 10  119 10  HOH HOH A . 
B 2 HOH 11  120 11  HOH HOH A . 
B 2 HOH 12  121 12  HOH HOH A . 
B 2 HOH 13  122 13  HOH HOH A . 
B 2 HOH 14  123 14  HOH HOH A . 
B 2 HOH 15  124 15  HOH HOH A . 
B 2 HOH 16  125 16  HOH HOH A . 
B 2 HOH 17  126 17  HOH HOH A . 
B 2 HOH 18  127 18  HOH HOH A . 
B 2 HOH 19  128 19  HOH HOH A . 
B 2 HOH 20  129 20  HOH HOH A . 
B 2 HOH 21  130 21  HOH HOH A . 
B 2 HOH 22  131 22  HOH HOH A . 
B 2 HOH 23  132 23  HOH HOH A . 
B 2 HOH 24  133 24  HOH HOH A . 
B 2 HOH 25  134 25  HOH HOH A . 
B 2 HOH 26  135 26  HOH HOH A . 
B 2 HOH 27  136 27  HOH HOH A . 
B 2 HOH 28  137 28  HOH HOH A . 
B 2 HOH 29  138 29  HOH HOH A . 
B 2 HOH 30  139 30  HOH HOH A . 
B 2 HOH 31  140 31  HOH HOH A . 
B 2 HOH 32  141 32  HOH HOH A . 
B 2 HOH 33  142 33  HOH HOH A . 
B 2 HOH 34  143 34  HOH HOH A . 
B 2 HOH 35  144 35  HOH HOH A . 
B 2 HOH 36  145 36  HOH HOH A . 
B 2 HOH 37  146 37  HOH HOH A . 
B 2 HOH 38  147 38  HOH HOH A . 
B 2 HOH 39  148 39  HOH HOH A . 
B 2 HOH 40  149 40  HOH HOH A . 
B 2 HOH 41  150 41  HOH HOH A . 
B 2 HOH 42  151 42  HOH HOH A . 
B 2 HOH 43  152 43  HOH HOH A . 
B 2 HOH 44  153 44  HOH HOH A . 
B 2 HOH 45  154 45  HOH HOH A . 
B 2 HOH 46  155 46  HOH HOH A . 
B 2 HOH 47  156 47  HOH HOH A . 
B 2 HOH 48  157 48  HOH HOH A . 
B 2 HOH 49  158 49  HOH HOH A . 
B 2 HOH 50  159 50  HOH HOH A . 
B 2 HOH 51  160 51  HOH HOH A . 
B 2 HOH 52  161 52  HOH HOH A . 
B 2 HOH 53  162 53  HOH HOH A . 
B 2 HOH 54  163 54  HOH HOH A . 
B 2 HOH 55  164 55  HOH HOH A . 
B 2 HOH 56  165 56  HOH HOH A . 
B 2 HOH 57  166 57  HOH HOH A . 
B 2 HOH 58  167 58  HOH HOH A . 
B 2 HOH 59  168 59  HOH HOH A . 
B 2 HOH 60  169 60  HOH HOH A . 
B 2 HOH 61  170 61  HOH HOH A . 
B 2 HOH 62  171 62  HOH HOH A . 
B 2 HOH 63  172 63  HOH HOH A . 
B 2 HOH 64  173 64  HOH HOH A . 
B 2 HOH 65  174 65  HOH HOH A . 
B 2 HOH 66  175 66  HOH HOH A . 
B 2 HOH 67  176 67  HOH HOH A . 
B 2 HOH 68  177 68  HOH HOH A . 
B 2 HOH 69  178 69  HOH HOH A . 
B 2 HOH 70  179 70  HOH HOH A . 
B 2 HOH 71  180 71  HOH HOH A . 
B 2 HOH 72  181 72  HOH HOH A . 
B 2 HOH 73  182 73  HOH HOH A . 
B 2 HOH 74  183 74  HOH HOH A . 
B 2 HOH 75  184 75  HOH HOH A . 
B 2 HOH 76  185 76  HOH HOH A . 
B 2 HOH 77  186 77  HOH HOH A . 
B 2 HOH 78  187 78  HOH HOH A . 
B 2 HOH 79  188 79  HOH HOH A . 
B 2 HOH 80  189 80  HOH HOH A . 
B 2 HOH 81  190 81  HOH HOH A . 
B 2 HOH 82  191 82  HOH HOH A . 
B 2 HOH 83  192 83  HOH HOH A . 
B 2 HOH 84  193 84  HOH HOH A . 
B 2 HOH 85  194 85  HOH HOH A . 
B 2 HOH 86  195 86  HOH HOH A . 
B 2 HOH 87  196 87  HOH HOH A . 
B 2 HOH 88  197 88  HOH HOH A . 
B 2 HOH 89  198 89  HOH HOH A . 
B 2 HOH 90  199 90  HOH HOH A . 
B 2 HOH 91  200 92  HOH HOH A . 
B 2 HOH 92  201 94  HOH HOH A . 
B 2 HOH 93  202 95  HOH HOH A . 
B 2 HOH 94  203 96  HOH HOH A . 
B 2 HOH 95  204 97  HOH HOH A . 
B 2 HOH 96  205 98  HOH HOH A . 
B 2 HOH 97  206 99  HOH HOH A . 
B 2 HOH 98  207 100 HOH HOH A . 
B 2 HOH 99  208 101 HOH HOH A . 
B 2 HOH 100 209 103 HOH HOH A . 
B 2 HOH 101 210 104 HOH HOH A . 
B 2 HOH 102 211 105 HOH HOH A . 
B 2 HOH 103 212 106 HOH HOH A . 
B 2 HOH 104 213 107 HOH HOH A . 
B 2 HOH 105 214 109 HOH HOH A . 
B 2 HOH 106 215 110 HOH HOH A . 
B 2 HOH 107 216 112 HOH HOH A . 
B 2 HOH 108 217 113 HOH HOH A . 
B 2 HOH 109 218 114 HOH HOH A . 
B 2 HOH 110 219 115 HOH HOH A . 
B 2 HOH 111 220 116 HOH HOH A . 
B 2 HOH 112 221 118 HOH HOH A . 
B 2 HOH 113 222 119 HOH HOH A . 
B 2 HOH 114 223 120 HOH HOH A . 
B 2 HOH 115 224 121 HOH HOH A . 
B 2 HOH 116 225 122 HOH HOH A . 
B 2 HOH 117 226 123 HOH HOH A . 
B 2 HOH 118 227 125 HOH HOH A . 
B 2 HOH 119 228 127 HOH HOH A . 
B 2 HOH 120 229 128 HOH HOH A . 
B 2 HOH 121 230 130 HOH HOH A . 
B 2 HOH 122 231 131 HOH HOH A . 
B 2 HOH 123 232 132 HOH HOH A . 
B 2 HOH 124 233 134 HOH HOH A . 
B 2 HOH 125 234 136 HOH HOH A . 
B 2 HOH 126 235 137 HOH HOH A . 
B 2 HOH 127 236 138 HOH HOH A . 
B 2 HOH 128 237 140 HOH HOH A . 
B 2 HOH 129 238 144 HOH HOH A . 
B 2 HOH 130 239 146 HOH HOH A . 
B 2 HOH 131 240 148 HOH HOH A . 
B 2 HOH 132 241 150 HOH HOH A . 
B 2 HOH 133 242 151 HOH HOH A . 
B 2 HOH 134 243 154 HOH HOH A . 
B 2 HOH 135 244 155 HOH HOH A . 
B 2 HOH 136 245 156 HOH HOH A . 
B 2 HOH 137 246 157 HOH HOH A . 
B 2 HOH 138 247 158 HOH HOH A . 
B 2 HOH 139 248 160 HOH HOH A . 
B 2 HOH 140 249 161 HOH HOH A . 
B 2 HOH 141 250 163 HOH HOH A . 
B 2 HOH 142 251 165 HOH HOH A . 
B 2 HOH 143 252 166 HOH HOH A . 
B 2 HOH 144 253 167 HOH HOH A . 
# 
loop_
_pdbx_struct_assembly.id 
_pdbx_struct_assembly.details 
_pdbx_struct_assembly.method_details 
_pdbx_struct_assembly.oligomeric_details 
_pdbx_struct_assembly.oligomeric_count 
1 author_defined_assembly   ?        monomeric 1 
2 software_defined_assembly PISA,PQS dimeric   2 
# 
loop_
_pdbx_struct_assembly_gen.assembly_id 
_pdbx_struct_assembly_gen.oper_expression 
_pdbx_struct_assembly_gen.asym_id_list 
1 1   A,B 
2 1,2 A,B 
# 
loop_
_pdbx_struct_assembly_prop.biol_id 
_pdbx_struct_assembly_prop.type 
_pdbx_struct_assembly_prop.value 
_pdbx_struct_assembly_prop.details 
2 'ABSA (A^2)' 2470 ? 
2 MORE         -21  ? 
2 'SSA (A^2)'  9690 ? 
# 
loop_
_pdbx_struct_oper_list.id 
_pdbx_struct_oper_list.type 
_pdbx_struct_oper_list.name 
_pdbx_struct_oper_list.symmetry_operation 
_pdbx_struct_oper_list.matrix[1][1] 
_pdbx_struct_oper_list.matrix[1][2] 
_pdbx_struct_oper_list.matrix[1][3] 
_pdbx_struct_oper_list.vector[1] 
_pdbx_struct_oper_list.matrix[2][1] 
_pdbx_struct_oper_list.matrix[2][2] 
_pdbx_struct_oper_list.matrix[2][3] 
_pdbx_struct_oper_list.vector[2] 
_pdbx_struct_oper_list.matrix[3][1] 
_pdbx_struct_oper_list.matrix[3][2] 
_pdbx_struct_oper_list.matrix[3][3] 
_pdbx_struct_oper_list.vector[3] 
1 'identity operation'         1_555 x,y,z       1.0000000000  0.0000000000  0.0000000000 0.0000000000  0.0000000000  1.0000000000  0.0000000000  0.0000000000   0.0000000000 0.0000000000  1.0000000000 0.0000000000  
2 'crystal symmetry operation' 2_656 -x+1,y,-z+1 -0.9698114272 -0.0886579615 0.2271685753 11.3506017708 -0.0886579615 -0.7396288262 -0.6671498822 -16.6545344663 0.2271685753 -0.6671498822 0.7094402534 -8.0082183116 
# 
loop_
_pdbx_struct_special_symmetry.id 
_pdbx_struct_special_symmetry.PDB_model_num 
_pdbx_struct_special_symmetry.auth_asym_id 
_pdbx_struct_special_symmetry.auth_comp_id 
_pdbx_struct_special_symmetry.auth_seq_id 
_pdbx_struct_special_symmetry.PDB_ins_code 
_pdbx_struct_special_symmetry.label_asym_id 
_pdbx_struct_special_symmetry.label_comp_id 
_pdbx_struct_special_symmetry.label_seq_id 
1 1 A HOH 168 ? B HOH . 
2 1 A HOH 210 ? B HOH . 
3 1 A HOH 212 ? B HOH . 
# 
loop_
_pdbx_audit_revision_history.ordinal 
_pdbx_audit_revision_history.data_content_type 
_pdbx_audit_revision_history.major_revision 
_pdbx_audit_revision_history.minor_revision 
_pdbx_audit_revision_history.revision_date 
1 'Structure model' 1 0 2006-07-18 
2 'Structure model' 1 1 2008-05-01 
3 'Structure model' 1 2 2011-07-13 
4 'Structure model' 1 3 2017-10-18 
5 'Structure model' 1 4 2023-08-30 
# 
_pdbx_audit_revision_details.ordinal             1 
_pdbx_audit_revision_details.revision_ordinal    1 
_pdbx_audit_revision_details.data_content_type   'Structure model' 
_pdbx_audit_revision_details.provider            repository 
_pdbx_audit_revision_details.type                'Initial release' 
_pdbx_audit_revision_details.description         ? 
_pdbx_audit_revision_details.details             ? 
# 
loop_
_pdbx_audit_revision_group.ordinal 
_pdbx_audit_revision_group.revision_ordinal 
_pdbx_audit_revision_group.data_content_type 
_pdbx_audit_revision_group.group 
1 2 'Structure model' 'Version format compliance' 
2 3 'Structure model' 'Derived calculations'      
3 3 'Structure model' 'Version format compliance' 
4 4 'Structure model' 'Refinement description'    
5 4 'Structure model' 'Structure summary'         
6 5 'Structure model' 'Data collection'           
7 5 'Structure model' 'Database references'       
8 5 'Structure model' 'Refinement description'    
# 
loop_
_pdbx_audit_revision_category.ordinal 
_pdbx_audit_revision_category.revision_ordinal 
_pdbx_audit_revision_category.data_content_type 
_pdbx_audit_revision_category.category 
1 4 'Structure model' software                      
2 4 'Structure model' struct                        
3 5 'Structure model' chem_comp_atom                
4 5 'Structure model' chem_comp_bond                
5 5 'Structure model' database_2                    
6 5 'Structure model' pdbx_initial_refinement_model 
7 5 'Structure model' struct_ref_seq_dif            
# 
loop_
_pdbx_audit_revision_item.ordinal 
_pdbx_audit_revision_item.revision_ordinal 
_pdbx_audit_revision_item.data_content_type 
_pdbx_audit_revision_item.item 
1 4 'Structure model' '_software.classification'            
2 4 'Structure model' '_software.name'                      
3 4 'Structure model' '_struct.title'                       
4 5 'Structure model' '_database_2.pdbx_DOI'                
5 5 'Structure model' '_database_2.pdbx_database_accession' 
6 5 'Structure model' '_struct_ref_seq_dif.details'         
# 
loop_
_software.name 
_software.classification 
_software.version 
_software.citation_id 
_software.pdbx_ordinal 
REFMAC   refinement        5.2.0019 ? 1 
MAR345   'data collection' .        ? 2 
HKL-2000 'data scaling'    .        ? 3 
PHASER   phasing           .        ? 4 
# 
loop_
_pdbx_validate_close_contact.id 
_pdbx_validate_close_contact.PDB_model_num 
_pdbx_validate_close_contact.auth_atom_id_1 
_pdbx_validate_close_contact.auth_asym_id_1 
_pdbx_validate_close_contact.auth_comp_id_1 
_pdbx_validate_close_contact.auth_seq_id_1 
_pdbx_validate_close_contact.PDB_ins_code_1 
_pdbx_validate_close_contact.label_alt_id_1 
_pdbx_validate_close_contact.auth_atom_id_2 
_pdbx_validate_close_contact.auth_asym_id_2 
_pdbx_validate_close_contact.auth_comp_id_2 
_pdbx_validate_close_contact.auth_seq_id_2 
_pdbx_validate_close_contact.PDB_ins_code_2 
_pdbx_validate_close_contact.label_alt_id_2 
_pdbx_validate_close_contact.dist 
1 1 OE1 A GLN 26 ? B O A HOH 202 ? ? 2.05 
2 1 SG  A CYS 46 ? ? O A HOH 213 ? ? 2.16 
# 
loop_
_pdbx_unobs_or_zero_occ_atoms.id 
_pdbx_unobs_or_zero_occ_atoms.PDB_model_num 
_pdbx_unobs_or_zero_occ_atoms.polymer_flag 
_pdbx_unobs_or_zero_occ_atoms.occupancy_flag 
_pdbx_unobs_or_zero_occ_atoms.auth_asym_id 
_pdbx_unobs_or_zero_occ_atoms.auth_comp_id 
_pdbx_unobs_or_zero_occ_atoms.auth_seq_id 
_pdbx_unobs_or_zero_occ_atoms.PDB_ins_code 
_pdbx_unobs_or_zero_occ_atoms.auth_atom_id 
_pdbx_unobs_or_zero_occ_atoms.label_alt_id 
_pdbx_unobs_or_zero_occ_atoms.label_asym_id 
_pdbx_unobs_or_zero_occ_atoms.label_comp_id 
_pdbx_unobs_or_zero_occ_atoms.label_seq_id 
_pdbx_unobs_or_zero_occ_atoms.label_atom_id 
1  1 Y 1 A GLN 30 ? CD  ? A GLN 35 CD  
2  1 Y 1 A GLN 30 ? OE1 ? A GLN 35 OE1 
3  1 Y 1 A GLN 30 ? NE2 ? A GLN 35 NE2 
4  1 Y 1 A GLN 42 ? CG  ? A GLN 47 CG  
5  1 Y 1 A GLN 42 ? CD  ? A GLN 47 CD  
6  1 Y 1 A GLN 42 ? OE1 ? A GLN 47 OE1 
7  1 Y 1 A GLN 42 ? NE2 ? A GLN 47 NE2 
8  1 Y 1 A LYS 79 ? CE  ? A LYS 84 CE  
9  1 Y 1 A LYS 79 ? NZ  ? A LYS 84 NZ  
10 1 Y 1 A LYS 81 ? CE  ? A LYS 86 CE  
11 1 Y 1 A LYS 81 ? NZ  ? A LYS 86 NZ  
12 1 Y 1 A LYS 88 ? NZ  ? A LYS 93 NZ  
# 
loop_
_pdbx_unobs_or_zero_occ_residues.id 
_pdbx_unobs_or_zero_occ_residues.PDB_model_num 
_pdbx_unobs_or_zero_occ_residues.polymer_flag 
_pdbx_unobs_or_zero_occ_residues.occupancy_flag 
_pdbx_unobs_or_zero_occ_residues.auth_asym_id 
_pdbx_unobs_or_zero_occ_residues.auth_comp_id 
_pdbx_unobs_or_zero_occ_residues.auth_seq_id 
_pdbx_unobs_or_zero_occ_residues.PDB_ins_code 
_pdbx_unobs_or_zero_occ_residues.label_asym_id 
_pdbx_unobs_or_zero_occ_residues.label_comp_id 
_pdbx_unobs_or_zero_occ_residues.label_seq_id 
1  1 Y 1 A MET -4 ? A MET 1  
2  1 Y 1 A HIS -3 ? A HIS 2  
3  1 Y 1 A HIS -2 ? A HIS 3  
4  1 Y 1 A HIS -1 ? A HIS 4  
5  1 Y 1 A HIS 0  ? A HIS 5  
6  1 Y 1 A HIS 1  ? A HIS 6  
7  1 Y 1 A HIS 2  ? A HIS 7  
8  1 Y 1 A SER 3  ? A SER 8  
9  1 Y 1 A SER 4  ? A SER 9  
10 1 Y 1 A GLY 5  ? A GLY 10 
11 1 Y 1 A VAL 6  ? A VAL 11 
12 1 Y 1 A ASP 7  ? A ASP 12 
13 1 Y 1 A LEU 8  ? A LEU 13 
14 1 Y 1 A GLY 9  ? A GLY 14 
15 1 Y 1 A THR 10 ? A THR 15 
16 1 Y 1 A GLU 11 ? A GLU 16 
17 1 Y 1 A ASN 12 ? A ASN 17 
18 1 Y 1 A LEU 13 ? A LEU 18 
19 1 Y 1 A TYR 14 ? A TYR 19 
20 1 Y 1 A PHE 15 ? A PHE 20 
21 1 Y 1 A GLN 16 ? A GLN 21 
22 1 Y 1 A TYR 43 ? A TYR 48 
23 1 Y 1 A CYS 44 ? A CYS 49 
# 
loop_
_chem_comp_atom.comp_id 
_chem_comp_atom.atom_id 
_chem_comp_atom.type_symbol 
_chem_comp_atom.pdbx_aromatic_flag 
_chem_comp_atom.pdbx_stereo_config 
_chem_comp_atom.pdbx_ordinal 
ALA N    N N N 1   
ALA CA   C N S 2   
ALA C    C N N 3   
ALA O    O N N 4   
ALA CB   C N N 5   
ALA OXT  O N N 6   
ALA H    H N N 7   
ALA H2   H N N 8   
ALA HA   H N N 9   
ALA HB1  H N N 10  
ALA HB2  H N N 11  
ALA HB3  H N N 12  
ALA HXT  H N N 13  
ARG N    N N N 14  
ARG CA   C N S 15  
ARG C    C N N 16  
ARG O    O N N 17  
ARG CB   C N N 18  
ARG CG   C N N 19  
ARG CD   C N N 20  
ARG NE   N N N 21  
ARG CZ   C N N 22  
ARG NH1  N N N 23  
ARG NH2  N N N 24  
ARG OXT  O N N 25  
ARG H    H N N 26  
ARG H2   H N N 27  
ARG HA   H N N 28  
ARG HB2  H N N 29  
ARG HB3  H N N 30  
ARG HG2  H N N 31  
ARG HG3  H N N 32  
ARG HD2  H N N 33  
ARG HD3  H N N 34  
ARG HE   H N N 35  
ARG HH11 H N N 36  
ARG HH12 H N N 37  
ARG HH21 H N N 38  
ARG HH22 H N N 39  
ARG HXT  H N N 40  
ASN N    N N N 41  
ASN CA   C N S 42  
ASN C    C N N 43  
ASN O    O N N 44  
ASN CB   C N N 45  
ASN CG   C N N 46  
ASN OD1  O N N 47  
ASN ND2  N N N 48  
ASN OXT  O N N 49  
ASN H    H N N 50  
ASN H2   H N N 51  
ASN HA   H N N 52  
ASN HB2  H N N 53  
ASN HB3  H N N 54  
ASN HD21 H N N 55  
ASN HD22 H N N 56  
ASN HXT  H N N 57  
ASP N    N N N 58  
ASP CA   C N S 59  
ASP C    C N N 60  
ASP O    O N N 61  
ASP CB   C N N 62  
ASP CG   C N N 63  
ASP OD1  O N N 64  
ASP OD2  O N N 65  
ASP OXT  O N N 66  
ASP H    H N N 67  
ASP H2   H N N 68  
ASP HA   H N N 69  
ASP HB2  H N N 70  
ASP HB3  H N N 71  
ASP HD2  H N N 72  
ASP HXT  H N N 73  
CYS N    N N N 74  
CYS CA   C N R 75  
CYS C    C N N 76  
CYS O    O N N 77  
CYS CB   C N N 78  
CYS SG   S N N 79  
CYS OXT  O N N 80  
CYS H    H N N 81  
CYS H2   H N N 82  
CYS HA   H N N 83  
CYS HB2  H N N 84  
CYS HB3  H N N 85  
CYS HG   H N N 86  
CYS HXT  H N N 87  
GLN N    N N N 88  
GLN CA   C N S 89  
GLN C    C N N 90  
GLN O    O N N 91  
GLN CB   C N N 92  
GLN CG   C N N 93  
GLN CD   C N N 94  
GLN OE1  O N N 95  
GLN NE2  N N N 96  
GLN OXT  O N N 97  
GLN H    H N N 98  
GLN H2   H N N 99  
GLN HA   H N N 100 
GLN HB2  H N N 101 
GLN HB3  H N N 102 
GLN HG2  H N N 103 
GLN HG3  H N N 104 
GLN HE21 H N N 105 
GLN HE22 H N N 106 
GLN HXT  H N N 107 
GLU N    N N N 108 
GLU CA   C N S 109 
GLU C    C N N 110 
GLU O    O N N 111 
GLU CB   C N N 112 
GLU CG   C N N 113 
GLU CD   C N N 114 
GLU OE1  O N N 115 
GLU OE2  O N N 116 
GLU OXT  O N N 117 
GLU H    H N N 118 
GLU H2   H N N 119 
GLU HA   H N N 120 
GLU HB2  H N N 121 
GLU HB3  H N N 122 
GLU HG2  H N N 123 
GLU HG3  H N N 124 
GLU HE2  H N N 125 
GLU HXT  H N N 126 
GLY N    N N N 127 
GLY CA   C N N 128 
GLY C    C N N 129 
GLY O    O N N 130 
GLY OXT  O N N 131 
GLY H    H N N 132 
GLY H2   H N N 133 
GLY HA2  H N N 134 
GLY HA3  H N N 135 
GLY HXT  H N N 136 
HIS N    N N N 137 
HIS CA   C N S 138 
HIS C    C N N 139 
HIS O    O N N 140 
HIS CB   C N N 141 
HIS CG   C Y N 142 
HIS ND1  N Y N 143 
HIS CD2  C Y N 144 
HIS CE1  C Y N 145 
HIS NE2  N Y N 146 
HIS OXT  O N N 147 
HIS H    H N N 148 
HIS H2   H N N 149 
HIS HA   H N N 150 
HIS HB2  H N N 151 
HIS HB3  H N N 152 
HIS HD1  H N N 153 
HIS HD2  H N N 154 
HIS HE1  H N N 155 
HIS HE2  H N N 156 
HIS HXT  H N N 157 
HOH O    O N N 158 
HOH H1   H N N 159 
HOH H2   H N N 160 
ILE N    N N N 161 
ILE CA   C N S 162 
ILE C    C N N 163 
ILE O    O N N 164 
ILE CB   C N S 165 
ILE CG1  C N N 166 
ILE CG2  C N N 167 
ILE CD1  C N N 168 
ILE OXT  O N N 169 
ILE H    H N N 170 
ILE H2   H N N 171 
ILE HA   H N N 172 
ILE HB   H N N 173 
ILE HG12 H N N 174 
ILE HG13 H N N 175 
ILE HG21 H N N 176 
ILE HG22 H N N 177 
ILE HG23 H N N 178 
ILE HD11 H N N 179 
ILE HD12 H N N 180 
ILE HD13 H N N 181 
ILE HXT  H N N 182 
LEU N    N N N 183 
LEU CA   C N S 184 
LEU C    C N N 185 
LEU O    O N N 186 
LEU CB   C N N 187 
LEU CG   C N N 188 
LEU CD1  C N N 189 
LEU CD2  C N N 190 
LEU OXT  O N N 191 
LEU H    H N N 192 
LEU H2   H N N 193 
LEU HA   H N N 194 
LEU HB2  H N N 195 
LEU HB3  H N N 196 
LEU HG   H N N 197 
LEU HD11 H N N 198 
LEU HD12 H N N 199 
LEU HD13 H N N 200 
LEU HD21 H N N 201 
LEU HD22 H N N 202 
LEU HD23 H N N 203 
LEU HXT  H N N 204 
LYS N    N N N 205 
LYS CA   C N S 206 
LYS C    C N N 207 
LYS O    O N N 208 
LYS CB   C N N 209 
LYS CG   C N N 210 
LYS CD   C N N 211 
LYS CE   C N N 212 
LYS NZ   N N N 213 
LYS OXT  O N N 214 
LYS H    H N N 215 
LYS H2   H N N 216 
LYS HA   H N N 217 
LYS HB2  H N N 218 
LYS HB3  H N N 219 
LYS HG2  H N N 220 
LYS HG3  H N N 221 
LYS HD2  H N N 222 
LYS HD3  H N N 223 
LYS HE2  H N N 224 
LYS HE3  H N N 225 
LYS HZ1  H N N 226 
LYS HZ2  H N N 227 
LYS HZ3  H N N 228 
LYS HXT  H N N 229 
MET N    N N N 230 
MET CA   C N S 231 
MET C    C N N 232 
MET O    O N N 233 
MET CB   C N N 234 
MET CG   C N N 235 
MET SD   S N N 236 
MET CE   C N N 237 
MET OXT  O N N 238 
MET H    H N N 239 
MET H2   H N N 240 
MET HA   H N N 241 
MET HB2  H N N 242 
MET HB3  H N N 243 
MET HG2  H N N 244 
MET HG3  H N N 245 
MET HE1  H N N 246 
MET HE2  H N N 247 
MET HE3  H N N 248 
MET HXT  H N N 249 
PHE N    N N N 250 
PHE CA   C N S 251 
PHE C    C N N 252 
PHE O    O N N 253 
PHE CB   C N N 254 
PHE CG   C Y N 255 
PHE CD1  C Y N 256 
PHE CD2  C Y N 257 
PHE CE1  C Y N 258 
PHE CE2  C Y N 259 
PHE CZ   C Y N 260 
PHE OXT  O N N 261 
PHE H    H N N 262 
PHE H2   H N N 263 
PHE HA   H N N 264 
PHE HB2  H N N 265 
PHE HB3  H N N 266 
PHE HD1  H N N 267 
PHE HD2  H N N 268 
PHE HE1  H N N 269 
PHE HE2  H N N 270 
PHE HZ   H N N 271 
PHE HXT  H N N 272 
PRO N    N N N 273 
PRO CA   C N S 274 
PRO C    C N N 275 
PRO O    O N N 276 
PRO CB   C N N 277 
PRO CG   C N N 278 
PRO CD   C N N 279 
PRO OXT  O N N 280 
PRO H    H N N 281 
PRO HA   H N N 282 
PRO HB2  H N N 283 
PRO HB3  H N N 284 
PRO HG2  H N N 285 
PRO HG3  H N N 286 
PRO HD2  H N N 287 
PRO HD3  H N N 288 
PRO HXT  H N N 289 
SER N    N N N 290 
SER CA   C N S 291 
SER C    C N N 292 
SER O    O N N 293 
SER CB   C N N 294 
SER OG   O N N 295 
SER OXT  O N N 296 
SER H    H N N 297 
SER H2   H N N 298 
SER HA   H N N 299 
SER HB2  H N N 300 
SER HB3  H N N 301 
SER HG   H N N 302 
SER HXT  H N N 303 
THR N    N N N 304 
THR CA   C N S 305 
THR C    C N N 306 
THR O    O N N 307 
THR CB   C N R 308 
THR OG1  O N N 309 
THR CG2  C N N 310 
THR OXT  O N N 311 
THR H    H N N 312 
THR H2   H N N 313 
THR HA   H N N 314 
THR HB   H N N 315 
THR HG1  H N N 316 
THR HG21 H N N 317 
THR HG22 H N N 318 
THR HG23 H N N 319 
THR HXT  H N N 320 
TYR N    N N N 321 
TYR CA   C N S 322 
TYR C    C N N 323 
TYR O    O N N 324 
TYR CB   C N N 325 
TYR CG   C Y N 326 
TYR CD1  C Y N 327 
TYR CD2  C Y N 328 
TYR CE1  C Y N 329 
TYR CE2  C Y N 330 
TYR CZ   C Y N 331 
TYR OH   O N N 332 
TYR OXT  O N N 333 
TYR H    H N N 334 
TYR H2   H N N 335 
TYR HA   H N N 336 
TYR HB2  H N N 337 
TYR HB3  H N N 338 
TYR HD1  H N N 339 
TYR HD2  H N N 340 
TYR HE1  H N N 341 
TYR HE2  H N N 342 
TYR HH   H N N 343 
TYR HXT  H N N 344 
VAL N    N N N 345 
VAL CA   C N S 346 
VAL C    C N N 347 
VAL O    O N N 348 
VAL CB   C N N 349 
VAL CG1  C N N 350 
VAL CG2  C N N 351 
VAL OXT  O N N 352 
VAL H    H N N 353 
VAL H2   H N N 354 
VAL HA   H N N 355 
VAL HB   H N N 356 
VAL HG11 H N N 357 
VAL HG12 H N N 358 
VAL HG13 H N N 359 
VAL HG21 H N N 360 
VAL HG22 H N N 361 
VAL HG23 H N N 362 
VAL HXT  H N N 363 
# 
loop_
_chem_comp_bond.comp_id 
_chem_comp_bond.atom_id_1 
_chem_comp_bond.atom_id_2 
_chem_comp_bond.value_order 
_chem_comp_bond.pdbx_aromatic_flag 
_chem_comp_bond.pdbx_stereo_config 
_chem_comp_bond.pdbx_ordinal 
ALA N   CA   sing N N 1   
ALA N   H    sing N N 2   
ALA N   H2   sing N N 3   
ALA CA  C    sing N N 4   
ALA CA  CB   sing N N 5   
ALA CA  HA   sing N N 6   
ALA C   O    doub N N 7   
ALA C   OXT  sing N N 8   
ALA CB  HB1  sing N N 9   
ALA CB  HB2  sing N N 10  
ALA CB  HB3  sing N N 11  
ALA OXT HXT  sing N N 12  
ARG N   CA   sing N N 13  
ARG N   H    sing N N 14  
ARG N   H2   sing N N 15  
ARG CA  C    sing N N 16  
ARG CA  CB   sing N N 17  
ARG CA  HA   sing N N 18  
ARG C   O    doub N N 19  
ARG C   OXT  sing N N 20  
ARG CB  CG   sing N N 21  
ARG CB  HB2  sing N N 22  
ARG CB  HB3  sing N N 23  
ARG CG  CD   sing N N 24  
ARG CG  HG2  sing N N 25  
ARG CG  HG3  sing N N 26  
ARG CD  NE   sing N N 27  
ARG CD  HD2  sing N N 28  
ARG CD  HD3  sing N N 29  
ARG NE  CZ   sing N N 30  
ARG NE  HE   sing N N 31  
ARG CZ  NH1  sing N N 32  
ARG CZ  NH2  doub N N 33  
ARG NH1 HH11 sing N N 34  
ARG NH1 HH12 sing N N 35  
ARG NH2 HH21 sing N N 36  
ARG NH2 HH22 sing N N 37  
ARG OXT HXT  sing N N 38  
ASN N   CA   sing N N 39  
ASN N   H    sing N N 40  
ASN N   H2   sing N N 41  
ASN CA  C    sing N N 42  
ASN CA  CB   sing N N 43  
ASN CA  HA   sing N N 44  
ASN C   O    doub N N 45  
ASN C   OXT  sing N N 46  
ASN CB  CG   sing N N 47  
ASN CB  HB2  sing N N 48  
ASN CB  HB3  sing N N 49  
ASN CG  OD1  doub N N 50  
ASN CG  ND2  sing N N 51  
ASN ND2 HD21 sing N N 52  
ASN ND2 HD22 sing N N 53  
ASN OXT HXT  sing N N 54  
ASP N   CA   sing N N 55  
ASP N   H    sing N N 56  
ASP N   H2   sing N N 57  
ASP CA  C    sing N N 58  
ASP CA  CB   sing N N 59  
ASP CA  HA   sing N N 60  
ASP C   O    doub N N 61  
ASP C   OXT  sing N N 62  
ASP CB  CG   sing N N 63  
ASP CB  HB2  sing N N 64  
ASP CB  HB3  sing N N 65  
ASP CG  OD1  doub N N 66  
ASP CG  OD2  sing N N 67  
ASP OD2 HD2  sing N N 68  
ASP OXT HXT  sing N N 69  
CYS N   CA   sing N N 70  
CYS N   H    sing N N 71  
CYS N   H2   sing N N 72  
CYS CA  C    sing N N 73  
CYS CA  CB   sing N N 74  
CYS CA  HA   sing N N 75  
CYS C   O    doub N N 76  
CYS C   OXT  sing N N 77  
CYS CB  SG   sing N N 78  
CYS CB  HB2  sing N N 79  
CYS CB  HB3  sing N N 80  
CYS SG  HG   sing N N 81  
CYS OXT HXT  sing N N 82  
GLN N   CA   sing N N 83  
GLN N   H    sing N N 84  
GLN N   H2   sing N N 85  
GLN CA  C    sing N N 86  
GLN CA  CB   sing N N 87  
GLN CA  HA   sing N N 88  
GLN C   O    doub N N 89  
GLN C   OXT  sing N N 90  
GLN CB  CG   sing N N 91  
GLN CB  HB2  sing N N 92  
GLN CB  HB3  sing N N 93  
GLN CG  CD   sing N N 94  
GLN CG  HG2  sing N N 95  
GLN CG  HG3  sing N N 96  
GLN CD  OE1  doub N N 97  
GLN CD  NE2  sing N N 98  
GLN NE2 HE21 sing N N 99  
GLN NE2 HE22 sing N N 100 
GLN OXT HXT  sing N N 101 
GLU N   CA   sing N N 102 
GLU N   H    sing N N 103 
GLU N   H2   sing N N 104 
GLU CA  C    sing N N 105 
GLU CA  CB   sing N N 106 
GLU CA  HA   sing N N 107 
GLU C   O    doub N N 108 
GLU C   OXT  sing N N 109 
GLU CB  CG   sing N N 110 
GLU CB  HB2  sing N N 111 
GLU CB  HB3  sing N N 112 
GLU CG  CD   sing N N 113 
GLU CG  HG2  sing N N 114 
GLU CG  HG3  sing N N 115 
GLU CD  OE1  doub N N 116 
GLU CD  OE2  sing N N 117 
GLU OE2 HE2  sing N N 118 
GLU OXT HXT  sing N N 119 
GLY N   CA   sing N N 120 
GLY N   H    sing N N 121 
GLY N   H2   sing N N 122 
GLY CA  C    sing N N 123 
GLY CA  HA2  sing N N 124 
GLY CA  HA3  sing N N 125 
GLY C   O    doub N N 126 
GLY C   OXT  sing N N 127 
GLY OXT HXT  sing N N 128 
HIS N   CA   sing N N 129 
HIS N   H    sing N N 130 
HIS N   H2   sing N N 131 
HIS CA  C    sing N N 132 
HIS CA  CB   sing N N 133 
HIS CA  HA   sing N N 134 
HIS C   O    doub N N 135 
HIS C   OXT  sing N N 136 
HIS CB  CG   sing N N 137 
HIS CB  HB2  sing N N 138 
HIS CB  HB3  sing N N 139 
HIS CG  ND1  sing Y N 140 
HIS CG  CD2  doub Y N 141 
HIS ND1 CE1  doub Y N 142 
HIS ND1 HD1  sing N N 143 
HIS CD2 NE2  sing Y N 144 
HIS CD2 HD2  sing N N 145 
HIS CE1 NE2  sing Y N 146 
HIS CE1 HE1  sing N N 147 
HIS NE2 HE2  sing N N 148 
HIS OXT HXT  sing N N 149 
HOH O   H1   sing N N 150 
HOH O   H2   sing N N 151 
ILE N   CA   sing N N 152 
ILE N   H    sing N N 153 
ILE N   H2   sing N N 154 
ILE CA  C    sing N N 155 
ILE CA  CB   sing N N 156 
ILE CA  HA   sing N N 157 
ILE C   O    doub N N 158 
ILE C   OXT  sing N N 159 
ILE CB  CG1  sing N N 160 
ILE CB  CG2  sing N N 161 
ILE CB  HB   sing N N 162 
ILE CG1 CD1  sing N N 163 
ILE CG1 HG12 sing N N 164 
ILE CG1 HG13 sing N N 165 
ILE CG2 HG21 sing N N 166 
ILE CG2 HG22 sing N N 167 
ILE CG2 HG23 sing N N 168 
ILE CD1 HD11 sing N N 169 
ILE CD1 HD12 sing N N 170 
ILE CD1 HD13 sing N N 171 
ILE OXT HXT  sing N N 172 
LEU N   CA   sing N N 173 
LEU N   H    sing N N 174 
LEU N   H2   sing N N 175 
LEU CA  C    sing N N 176 
LEU CA  CB   sing N N 177 
LEU CA  HA   sing N N 178 
LEU C   O    doub N N 179 
LEU C   OXT  sing N N 180 
LEU CB  CG   sing N N 181 
LEU CB  HB2  sing N N 182 
LEU CB  HB3  sing N N 183 
LEU CG  CD1  sing N N 184 
LEU CG  CD2  sing N N 185 
LEU CG  HG   sing N N 186 
LEU CD1 HD11 sing N N 187 
LEU CD1 HD12 sing N N 188 
LEU CD1 HD13 sing N N 189 
LEU CD2 HD21 sing N N 190 
LEU CD2 HD22 sing N N 191 
LEU CD2 HD23 sing N N 192 
LEU OXT HXT  sing N N 193 
LYS N   CA   sing N N 194 
LYS N   H    sing N N 195 
LYS N   H2   sing N N 196 
LYS CA  C    sing N N 197 
LYS CA  CB   sing N N 198 
LYS CA  HA   sing N N 199 
LYS C   O    doub N N 200 
LYS C   OXT  sing N N 201 
LYS CB  CG   sing N N 202 
LYS CB  HB2  sing N N 203 
LYS CB  HB3  sing N N 204 
LYS CG  CD   sing N N 205 
LYS CG  HG2  sing N N 206 
LYS CG  HG3  sing N N 207 
LYS CD  CE   sing N N 208 
LYS CD  HD2  sing N N 209 
LYS CD  HD3  sing N N 210 
LYS CE  NZ   sing N N 211 
LYS CE  HE2  sing N N 212 
LYS CE  HE3  sing N N 213 
LYS NZ  HZ1  sing N N 214 
LYS NZ  HZ2  sing N N 215 
LYS NZ  HZ3  sing N N 216 
LYS OXT HXT  sing N N 217 
MET N   CA   sing N N 218 
MET N   H    sing N N 219 
MET N   H2   sing N N 220 
MET CA  C    sing N N 221 
MET CA  CB   sing N N 222 
MET CA  HA   sing N N 223 
MET C   O    doub N N 224 
MET C   OXT  sing N N 225 
MET CB  CG   sing N N 226 
MET CB  HB2  sing N N 227 
MET CB  HB3  sing N N 228 
MET CG  SD   sing N N 229 
MET CG  HG2  sing N N 230 
MET CG  HG3  sing N N 231 
MET SD  CE   sing N N 232 
MET CE  HE1  sing N N 233 
MET CE  HE2  sing N N 234 
MET CE  HE3  sing N N 235 
MET OXT HXT  sing N N 236 
PHE N   CA   sing N N 237 
PHE N   H    sing N N 238 
PHE N   H2   sing N N 239 
PHE CA  C    sing N N 240 
PHE CA  CB   sing N N 241 
PHE CA  HA   sing N N 242 
PHE C   O    doub N N 243 
PHE C   OXT  sing N N 244 
PHE CB  CG   sing N N 245 
PHE CB  HB2  sing N N 246 
PHE CB  HB3  sing N N 247 
PHE CG  CD1  doub Y N 248 
PHE CG  CD2  sing Y N 249 
PHE CD1 CE1  sing Y N 250 
PHE CD1 HD1  sing N N 251 
PHE CD2 CE2  doub Y N 252 
PHE CD2 HD2  sing N N 253 
PHE CE1 CZ   doub Y N 254 
PHE CE1 HE1  sing N N 255 
PHE CE2 CZ   sing Y N 256 
PHE CE2 HE2  sing N N 257 
PHE CZ  HZ   sing N N 258 
PHE OXT HXT  sing N N 259 
PRO N   CA   sing N N 260 
PRO N   CD   sing N N 261 
PRO N   H    sing N N 262 
PRO CA  C    sing N N 263 
PRO CA  CB   sing N N 264 
PRO CA  HA   sing N N 265 
PRO C   O    doub N N 266 
PRO C   OXT  sing N N 267 
PRO CB  CG   sing N N 268 
PRO CB  HB2  sing N N 269 
PRO CB  HB3  sing N N 270 
PRO CG  CD   sing N N 271 
PRO CG  HG2  sing N N 272 
PRO CG  HG3  sing N N 273 
PRO CD  HD2  sing N N 274 
PRO CD  HD3  sing N N 275 
PRO OXT HXT  sing N N 276 
SER N   CA   sing N N 277 
SER N   H    sing N N 278 
SER N   H2   sing N N 279 
SER CA  C    sing N N 280 
SER CA  CB   sing N N 281 
SER CA  HA   sing N N 282 
SER C   O    doub N N 283 
SER C   OXT  sing N N 284 
SER CB  OG   sing N N 285 
SER CB  HB2  sing N N 286 
SER CB  HB3  sing N N 287 
SER OG  HG   sing N N 288 
SER OXT HXT  sing N N 289 
THR N   CA   sing N N 290 
THR N   H    sing N N 291 
THR N   H2   sing N N 292 
THR CA  C    sing N N 293 
THR CA  CB   sing N N 294 
THR CA  HA   sing N N 295 
THR C   O    doub N N 296 
THR C   OXT  sing N N 297 
THR CB  OG1  sing N N 298 
THR CB  CG2  sing N N 299 
THR CB  HB   sing N N 300 
THR OG1 HG1  sing N N 301 
THR CG2 HG21 sing N N 302 
THR CG2 HG22 sing N N 303 
THR CG2 HG23 sing N N 304 
THR OXT HXT  sing N N 305 
TYR N   CA   sing N N 306 
TYR N   H    sing N N 307 
TYR N   H2   sing N N 308 
TYR CA  C    sing N N 309 
TYR CA  CB   sing N N 310 
TYR CA  HA   sing N N 311 
TYR C   O    doub N N 312 
TYR C   OXT  sing N N 313 
TYR CB  CG   sing N N 314 
TYR CB  HB2  sing N N 315 
TYR CB  HB3  sing N N 316 
TYR CG  CD1  doub Y N 317 
TYR CG  CD2  sing Y N 318 
TYR CD1 CE1  sing Y N 319 
TYR CD1 HD1  sing N N 320 
TYR CD2 CE2  doub Y N 321 
TYR CD2 HD2  sing N N 322 
TYR CE1 CZ   doub Y N 323 
TYR CE1 HE1  sing N N 324 
TYR CE2 CZ   sing Y N 325 
TYR CE2 HE2  sing N N 326 
TYR CZ  OH   sing N N 327 
TYR OH  HH   sing N N 328 
TYR OXT HXT  sing N N 329 
VAL N   CA   sing N N 330 
VAL N   H    sing N N 331 
VAL N   H2   sing N N 332 
VAL CA  C    sing N N 333 
VAL CA  CB   sing N N 334 
VAL CA  HA   sing N N 335 
VAL C   O    doub N N 336 
VAL C   OXT  sing N N 337 
VAL CB  CG1  sing N N 338 
VAL CB  CG2  sing N N 339 
VAL CB  HB   sing N N 340 
VAL CG1 HG11 sing N N 341 
VAL CG1 HG12 sing N N 342 
VAL CG1 HG13 sing N N 343 
VAL CG2 HG21 sing N N 344 
VAL CG2 HG22 sing N N 345 
VAL CG2 HG23 sing N N 346 
VAL OXT HXT  sing N N 347 
# 
_pdbx_entity_nonpoly.entity_id   2 
_pdbx_entity_nonpoly.name        water 
_pdbx_entity_nonpoly.comp_id     HOH 
# 
_pdbx_initial_refinement_model.id               1 
_pdbx_initial_refinement_model.entity_id_list   ? 
_pdbx_initial_refinement_model.type             'experimental model' 
_pdbx_initial_refinement_model.source_name      PDB 
_pdbx_initial_refinement_model.accession_code   2FNE 
_pdbx_initial_refinement_model.details          'PDB ENTRY 2FNE' 
# 
